data_3EZ4
#
_entry.id   3EZ4
#
_cell.length_a   173.784
_cell.length_b   187.556
_cell.length_c   83.493
_cell.angle_alpha   90.000
_cell.angle_beta   90.000
_cell.angle_gamma   90.000
#
_symmetry.space_group_name_H-M   'P 21 21 2'
#
loop_
_entity.id
_entity.type
_entity.pdbx_description
1 polymer '3-methyl-2-oxobutanoate hydroxymethyltransferase'
2 non-polymer 2-AMINO-2-HYDROXYMETHYL-PROPANE-1,3-DIOL
3 water water
#
_entity_poly.entity_id   1
_entity_poly.type   'polypeptide(L)'
_entity_poly.pdbx_seq_one_letter_code
;MAHHHHHHMVTVPKLQAMREAGEKIAMLTSYDASFAALLDRANVDVQLIGDSLGNVLQGQATTLPVTLDDIAYHTACVAR
AQPRGLVVADLPFGTYGTPADAFASAVKLMRAGAQMVKLEGGEWLAETVRFLVERAVPVCAHVGLTPQSVHAFGGFKVQG
KTEAGAAQLLRDARAVEEAGAQLIVLEAVPTLVAAEVTRELSIPTIGIGAGAECSGQVLVLHDMLGVFPGKRPRFVKDFM
QGQPSIFAAVEAYVRAVKDGSFPGPEHSF
;
_entity_poly.pdbx_strand_id   A,B,C,D,E,F,G,H,I,J
#
loop_
_chem_comp.id
_chem_comp.type
_chem_comp.name
_chem_comp.formula
TRS non-polymer 2-AMINO-2-HYDROXYMETHYL-PROPANE-1,3-DIOL 'C4 H12 N O3 1'
#
# COMPACT_ATOMS: atom_id res chain seq x y z
N HIS A 8 6.95 -40.93 -19.77
CA HIS A 8 7.58 -39.90 -20.66
C HIS A 8 8.19 -38.71 -19.87
N MET A 9 8.82 -37.77 -20.58
CA MET A 9 9.49 -36.60 -19.92
C MET A 9 9.64 -35.40 -20.89
N VAL A 10 8.54 -34.69 -21.18
CA VAL A 10 8.44 -33.84 -22.39
C VAL A 10 9.11 -32.45 -22.26
N THR A 11 10.05 -32.18 -23.14
CA THR A 11 10.74 -30.90 -23.21
C THR A 11 10.35 -30.26 -24.53
N VAL A 12 10.64 -28.98 -24.67
CA VAL A 12 10.41 -28.26 -25.91
C VAL A 12 11.10 -28.96 -27.09
N PRO A 13 12.37 -29.37 -26.94
CA PRO A 13 12.95 -30.12 -28.06
C PRO A 13 12.24 -31.41 -28.37
N LYS A 14 11.73 -32.09 -27.35
CA LYS A 14 11.08 -33.37 -27.60
C LYS A 14 9.84 -33.22 -28.55
N LEU A 15 9.20 -32.06 -28.48
CA LEU A 15 8.03 -31.84 -29.31
C LEU A 15 8.44 -31.64 -30.80
N GLN A 16 9.54 -30.93 -31.05
CA GLN A 16 10.12 -30.87 -32.41
C GLN A 16 10.41 -32.32 -32.94
N ALA A 17 11.01 -33.19 -32.10
CA ALA A 17 11.36 -34.59 -32.52
C ALA A 17 10.16 -35.40 -32.83
N MET A 18 9.09 -35.17 -32.05
CA MET A 18 7.85 -35.85 -32.28
C MET A 18 7.25 -35.49 -33.63
N ARG A 19 7.25 -34.22 -33.99
CA ARG A 19 6.82 -33.85 -35.32
C ARG A 19 7.62 -34.60 -36.41
N GLU A 20 8.93 -34.64 -36.28
CA GLU A 20 9.80 -35.28 -37.29
C GLU A 20 9.50 -36.75 -37.38
N ALA A 21 9.28 -37.36 -36.23
CA ALA A 21 8.98 -38.77 -36.15
C ALA A 21 7.55 -39.09 -36.58
N GLY A 22 6.70 -38.07 -36.77
CA GLY A 22 5.26 -38.33 -36.99
C GLY A 22 4.46 -38.80 -35.76
N GLU A 23 4.92 -38.56 -34.56
CA GLU A 23 4.10 -38.84 -33.41
C GLU A 23 3.24 -37.61 -33.08
N LYS A 24 1.91 -37.76 -33.11
CA LYS A 24 1.03 -36.65 -32.83
C LYS A 24 1.10 -36.24 -31.36
N ILE A 25 1.05 -34.94 -31.14
CA ILE A 25 1.25 -34.35 -29.82
C ILE A 25 -0.13 -34.21 -29.19
N ALA A 26 -0.29 -34.85 -28.05
CA ALA A 26 -1.59 -34.82 -27.34
C ALA A 26 -1.52 -33.74 -26.24
N MET A 27 -2.30 -32.69 -26.44
CA MET A 27 -2.39 -31.61 -25.51
C MET A 27 -3.79 -31.44 -24.91
N LEU A 28 -3.84 -31.05 -23.65
CA LEU A 28 -5.11 -30.76 -22.96
C LEU A 28 -4.95 -29.61 -21.98
N THR A 29 -6.03 -28.87 -21.79
CA THR A 29 -6.02 -27.89 -20.72
C THR A 29 -6.07 -28.61 -19.36
N SER A 30 -5.61 -27.91 -18.36
CA SER A 30 -5.51 -28.44 -17.03
C SER A 30 -5.39 -27.31 -16.02
N TYR A 31 -6.04 -27.41 -14.88
CA TYR A 31 -6.11 -26.23 -14.01
C TYR A 31 -5.94 -26.50 -12.49
N ASP A 32 -5.69 -27.73 -12.13
CA ASP A 32 -5.50 -28.11 -10.76
C ASP A 32 -4.68 -29.41 -10.60
N ALA A 33 -4.21 -29.65 -9.38
CA ALA A 33 -3.30 -30.70 -9.06
C ALA A 33 -3.85 -32.10 -9.32
N SER A 34 -5.13 -32.36 -9.03
CA SER A 34 -5.69 -33.70 -9.19
C SER A 34 -5.85 -34.13 -10.61
N PHE A 35 -6.41 -33.26 -11.45
CA PHE A 35 -6.48 -33.54 -12.85
C PHE A 35 -5.14 -33.54 -13.48
N ALA A 36 -4.24 -32.68 -13.03
CA ALA A 36 -2.93 -32.67 -13.66
C ALA A 36 -2.17 -33.99 -13.43
N ALA A 37 -2.33 -34.59 -12.27
CA ALA A 37 -1.69 -35.86 -11.99
C ALA A 37 -2.32 -36.98 -12.81
N LEU A 38 -3.66 -36.91 -13.00
CA LEU A 38 -4.37 -37.91 -13.82
C LEU A 38 -3.97 -37.79 -15.31
N LEU A 39 -3.93 -36.57 -15.83
CA LEU A 39 -3.47 -36.35 -17.20
C LEU A 39 -2.02 -36.88 -17.37
N ASP A 40 -1.15 -36.59 -16.40
CA ASP A 40 0.21 -37.12 -16.54
C ASP A 40 0.31 -38.64 -16.50
N ARG A 41 -0.50 -39.29 -15.66
CA ARG A 41 -0.59 -40.79 -15.63
C ARG A 41 -1.10 -41.33 -16.97
N ALA A 42 -2.00 -40.60 -17.62
CA ALA A 42 -2.43 -40.96 -18.95
C ALA A 42 -1.47 -40.53 -20.07
N ASN A 43 -0.28 -40.03 -19.73
CA ASN A 43 0.76 -39.61 -20.73
C ASN A 43 0.35 -38.50 -21.69
N VAL A 44 -0.41 -37.52 -21.21
CA VAL A 44 -0.72 -36.32 -21.95
C VAL A 44 0.64 -35.63 -22.12
N ASP A 45 0.97 -35.25 -23.35
CA ASP A 45 2.29 -34.66 -23.68
C ASP A 45 2.46 -33.22 -23.18
N VAL A 46 1.38 -32.46 -23.24
CA VAL A 46 1.38 -31.02 -22.91
C VAL A 46 0.10 -30.64 -22.14
N GLN A 47 0.27 -29.95 -21.01
CA GLN A 47 -0.84 -29.45 -20.22
C GLN A 47 -0.81 -27.95 -20.29
N LEU A 48 -1.93 -27.36 -20.74
CA LEU A 48 -2.08 -25.91 -20.89
C LEU A 48 -2.95 -25.27 -19.81
N ILE A 49 -2.40 -24.30 -19.08
CA ILE A 49 -3.18 -23.49 -18.19
C ILE A 49 -3.66 -22.33 -19.03
N GLY A 50 -4.84 -22.55 -19.60
CA GLY A 50 -5.39 -21.64 -20.58
C GLY A 50 -6.39 -20.67 -20.02
N ASP A 51 -6.61 -19.56 -20.74
CA ASP A 51 -7.62 -18.59 -20.31
C ASP A 51 -9.04 -19.11 -20.51
N SER A 52 -9.17 -20.27 -21.11
CA SER A 52 -10.42 -20.98 -21.09
C SER A 52 -10.99 -21.15 -19.67
N LEU A 53 -10.14 -21.11 -18.63
CA LEU A 53 -10.57 -21.23 -17.26
C LEU A 53 -11.58 -20.11 -16.91
N GLY A 54 -11.53 -19.03 -17.69
CA GLY A 54 -12.47 -17.93 -17.58
C GLY A 54 -13.86 -18.45 -17.80
N ASN A 55 -14.04 -19.34 -18.79
CA ASN A 55 -15.37 -19.94 -19.12
C ASN A 55 -15.66 -21.11 -18.18
N VAL A 56 -14.82 -22.14 -18.25
CA VAL A 56 -15.03 -23.38 -17.49
C VAL A 56 -14.96 -23.35 -15.96
N LEU A 57 -14.03 -22.61 -15.40
CA LEU A 57 -13.87 -22.54 -13.95
C LEU A 57 -14.64 -21.32 -13.41
N GLN A 58 -14.54 -20.17 -14.06
CA GLN A 58 -15.04 -18.94 -13.48
C GLN A 58 -16.49 -18.66 -13.86
N GLY A 59 -16.94 -19.34 -14.90
CA GLY A 59 -18.33 -19.17 -15.39
C GLY A 59 -18.58 -17.82 -16.04
N GLN A 60 -17.56 -17.13 -16.52
CA GLN A 60 -17.78 -15.89 -17.27
C GLN A 60 -18.17 -16.19 -18.72
N ALA A 61 -18.77 -15.21 -19.40
CA ALA A 61 -19.21 -15.41 -20.79
C ALA A 61 -18.02 -15.35 -21.72
N THR A 62 -17.03 -14.56 -21.34
CA THR A 62 -15.79 -14.45 -22.14
C THR A 62 -14.57 -14.81 -21.30
N THR A 63 -13.40 -14.88 -21.90
CA THR A 63 -12.15 -15.08 -21.15
C THR A 63 -11.43 -13.76 -20.73
N LEU A 64 -11.97 -12.61 -21.15
CA LEU A 64 -11.36 -11.29 -20.88
C LEU A 64 -11.17 -10.99 -19.38
N PRO A 65 -12.09 -11.43 -18.50
CA PRO A 65 -11.86 -11.15 -17.08
C PRO A 65 -10.66 -11.86 -16.43
N VAL A 66 -10.13 -12.89 -17.06
CA VAL A 66 -9.06 -13.69 -16.48
C VAL A 66 -7.81 -12.84 -16.33
N THR A 67 -7.31 -12.78 -15.12
CA THR A 67 -6.13 -11.99 -14.84
C THR A 67 -4.85 -12.84 -14.83
N LEU A 68 -3.71 -12.13 -14.82
CA LEU A 68 -2.44 -12.82 -14.68
C LEU A 68 -2.36 -13.58 -13.35
N ASP A 69 -2.84 -12.98 -12.27
CA ASP A 69 -2.87 -13.67 -11.00
C ASP A 69 -3.66 -14.99 -11.05
N ASP A 70 -4.76 -15.05 -11.79
CA ASP A 70 -5.56 -16.29 -11.90
C ASP A 70 -4.78 -17.39 -12.63
N ILE A 71 -4.17 -17.04 -13.78
CA ILE A 71 -3.30 -17.99 -14.51
C ILE A 71 -2.18 -18.49 -13.60
N ALA A 72 -1.54 -17.59 -12.84
CA ALA A 72 -0.43 -17.98 -11.96
C ALA A 72 -0.89 -18.90 -10.84
N TYR A 73 -2.07 -18.63 -10.26
CA TYR A 73 -2.64 -19.49 -9.23
C TYR A 73 -2.91 -20.90 -9.81
N HIS A 74 -3.50 -20.98 -10.97
CA HIS A 74 -3.80 -22.33 -11.54
C HIS A 74 -2.53 -23.01 -12.05
N THR A 75 -1.56 -22.23 -12.55
CA THR A 75 -0.26 -22.79 -12.91
C THR A 75 0.43 -23.44 -11.73
N ALA A 76 0.39 -22.77 -10.59
CA ALA A 76 1.02 -23.29 -9.39
C ALA A 76 0.35 -24.59 -8.95
N CYS A 77 -0.97 -24.64 -9.07
CA CYS A 77 -1.71 -25.88 -8.73
C CYS A 77 -1.26 -27.06 -9.59
N VAL A 78 -1.20 -26.84 -10.91
CA VAL A 78 -0.76 -27.86 -11.85
C VAL A 78 0.71 -28.31 -11.58
N ALA A 79 1.57 -27.36 -11.35
CA ALA A 79 2.98 -27.63 -11.15
C ALA A 79 3.22 -28.46 -9.93
N ARG A 80 2.31 -28.38 -8.95
CA ARG A 80 2.48 -29.05 -7.69
C ARG A 80 2.28 -30.54 -7.88
N ALA A 81 1.59 -30.95 -8.94
CA ALA A 81 1.58 -32.36 -9.31
C ALA A 81 2.91 -32.80 -9.96
N GLN A 82 3.78 -31.88 -10.29
CA GLN A 82 5.10 -32.23 -10.88
C GLN A 82 4.92 -33.12 -12.12
N PRO A 83 4.15 -32.65 -13.10
CA PRO A 83 3.96 -33.53 -14.24
C PRO A 83 5.25 -33.71 -15.06
N ARG A 84 5.34 -34.82 -15.77
CA ARG A 84 6.41 -35.08 -16.71
C ARG A 84 6.17 -34.39 -18.04
N GLY A 85 4.91 -34.16 -18.37
CA GLY A 85 4.55 -33.39 -19.56
C GLY A 85 4.99 -31.95 -19.44
N LEU A 86 4.98 -31.26 -20.56
CA LEU A 86 5.31 -29.86 -20.61
C LEU A 86 4.13 -29.00 -20.14
N VAL A 87 4.41 -28.11 -19.19
CA VAL A 87 3.42 -27.20 -18.65
C VAL A 87 3.53 -25.90 -19.43
N VAL A 88 2.44 -25.55 -20.17
CA VAL A 88 2.33 -24.29 -20.88
C VAL A 88 1.26 -23.43 -20.16
N ALA A 89 1.48 -22.12 -20.01
CA ALA A 89 0.46 -21.20 -19.47
C ALA A 89 0.20 -20.05 -20.43
N ASP A 90 -1.05 -19.65 -20.61
CA ASP A 90 -1.40 -18.56 -21.48
C ASP A 90 -1.05 -17.29 -20.78
N LEU A 91 -0.42 -16.30 -21.47
CA LEU A 91 -0.47 -14.91 -20.97
C LEU A 91 -1.90 -14.39 -21.33
N PRO A 92 -2.67 -13.98 -20.33
CA PRO A 92 -4.05 -13.58 -20.58
C PRO A 92 -4.15 -12.17 -21.15
N PHE A 93 -5.39 -11.78 -21.38
CA PHE A 93 -5.73 -10.56 -22.14
C PHE A 93 -5.10 -9.34 -21.50
N GLY A 94 -4.40 -8.53 -22.26
CA GLY A 94 -3.83 -7.28 -21.75
C GLY A 94 -2.50 -7.31 -21.04
N THR A 95 -1.90 -8.50 -20.88
CA THR A 95 -0.65 -8.64 -20.13
C THR A 95 0.62 -8.69 -21.02
N TYR A 96 0.47 -8.52 -22.34
CA TYR A 96 1.61 -8.44 -23.27
C TYR A 96 1.54 -7.37 -24.36
N GLY A 97 1.12 -6.17 -23.99
CA GLY A 97 0.92 -5.12 -24.97
C GLY A 97 2.21 -4.44 -25.41
N THR A 98 3.27 -4.61 -24.63
CA THR A 98 4.65 -4.22 -25.02
C THR A 98 5.58 -5.41 -24.65
N PRO A 99 6.78 -5.47 -25.25
CA PRO A 99 7.67 -6.60 -24.96
C PRO A 99 8.13 -6.72 -23.49
N ALA A 100 8.39 -5.57 -22.89
CA ALA A 100 8.84 -5.49 -21.52
C ALA A 100 7.73 -5.95 -20.61
N ASP A 101 6.46 -5.65 -20.95
CA ASP A 101 5.32 -6.13 -20.15
C ASP A 101 5.17 -7.63 -20.34
N ALA A 102 5.23 -8.08 -21.59
CA ALA A 102 5.17 -9.51 -21.89
C ALA A 102 6.15 -10.30 -21.06
N PHE A 103 7.38 -9.78 -20.95
CA PHE A 103 8.43 -10.45 -20.22
C PHE A 103 8.11 -10.51 -18.74
N ALA A 104 7.64 -9.41 -18.17
CA ALA A 104 7.34 -9.41 -16.74
C ALA A 104 6.19 -10.40 -16.46
N SER A 105 5.19 -10.45 -17.34
CA SER A 105 4.10 -11.42 -17.18
C SER A 105 4.60 -12.87 -17.29
N ALA A 106 5.52 -13.11 -18.24
CA ALA A 106 6.03 -14.44 -18.52
C ALA A 106 6.83 -14.92 -17.34
N VAL A 107 7.65 -14.02 -16.80
CA VAL A 107 8.46 -14.37 -15.64
C VAL A 107 7.61 -14.81 -14.45
N LYS A 108 6.54 -14.06 -14.19
CA LYS A 108 5.57 -14.45 -13.13
C LYS A 108 5.01 -15.86 -13.33
N LEU A 109 4.66 -16.20 -14.56
CA LEU A 109 4.10 -17.53 -14.85
C LEU A 109 5.19 -18.61 -14.75
N MET A 110 6.41 -18.27 -15.16
CA MET A 110 7.52 -19.23 -15.03
C MET A 110 7.89 -19.48 -13.58
N ARG A 111 7.84 -18.47 -12.78
CA ARG A 111 8.15 -18.66 -11.37
C ARG A 111 7.10 -19.54 -10.70
N ALA A 112 5.89 -19.47 -11.19
CA ALA A 112 4.75 -20.27 -10.70
C ALA A 112 4.83 -21.70 -11.22
N GLY A 113 5.67 -21.97 -12.21
CA GLY A 113 5.92 -23.34 -12.69
C GLY A 113 5.66 -23.57 -14.18
N ALA A 114 5.33 -22.55 -14.95
CA ALA A 114 5.16 -22.71 -16.38
C ALA A 114 6.53 -22.95 -16.98
N GLN A 115 6.59 -23.78 -18.01
CA GLN A 115 7.80 -24.00 -18.75
C GLN A 115 7.85 -23.35 -20.15
N MET A 116 6.70 -22.81 -20.60
CA MET A 116 6.52 -22.16 -21.87
C MET A 116 5.28 -21.27 -21.66
N VAL A 117 5.18 -20.17 -22.39
CA VAL A 117 4.06 -19.29 -22.31
C VAL A 117 3.47 -19.16 -23.69
N LYS A 118 2.17 -18.98 -23.74
CA LYS A 118 1.45 -18.88 -24.99
C LYS A 118 0.89 -17.48 -25.13
N LEU A 119 1.13 -16.88 -26.29
CA LEU A 119 0.67 -15.54 -26.61
C LEU A 119 -0.14 -15.55 -27.90
N GLU A 120 -1.31 -14.94 -27.88
CA GLU A 120 -2.15 -14.95 -29.04
C GLU A 120 -1.94 -13.67 -29.85
N GLY A 121 -1.71 -13.81 -31.15
CA GLY A 121 -1.63 -12.70 -32.07
C GLY A 121 -0.82 -13.11 -33.29
N GLY A 122 -0.78 -12.23 -34.29
CA GLY A 122 -0.14 -12.51 -35.58
C GLY A 122 1.16 -11.80 -35.76
N GLU A 123 1.40 -11.31 -36.98
CA GLU A 123 2.68 -10.67 -37.35
C GLU A 123 3.12 -9.66 -36.36
N TRP A 124 2.20 -8.84 -35.89
CA TRP A 124 2.59 -7.74 -34.97
C TRP A 124 3.35 -8.25 -33.75
N LEU A 125 3.13 -9.52 -33.38
CA LEU A 125 3.80 -10.13 -32.20
C LEU A 125 5.28 -10.41 -32.36
N ALA A 126 5.79 -10.41 -33.58
CA ALA A 126 7.20 -10.81 -33.86
C ALA A 126 8.23 -10.26 -32.91
N GLU A 127 8.27 -8.93 -32.74
CA GLU A 127 9.25 -8.28 -31.84
C GLU A 127 9.10 -8.80 -30.41
N THR A 128 7.87 -8.98 -29.97
CA THR A 128 7.65 -9.49 -28.60
C THR A 128 8.19 -10.91 -28.46
N VAL A 129 7.86 -11.76 -29.42
CA VAL A 129 8.36 -13.14 -29.37
C VAL A 129 9.89 -13.20 -29.39
N ARG A 130 10.52 -12.37 -30.22
CA ARG A 130 11.99 -12.39 -30.30
C ARG A 130 12.52 -11.92 -28.96
N PHE A 131 11.95 -10.82 -28.45
CA PHE A 131 12.26 -10.32 -27.09
C PHE A 131 12.27 -11.41 -26.02
N LEU A 132 11.17 -12.16 -25.90
CA LEU A 132 11.08 -13.24 -24.88
C LEU A 132 12.08 -14.36 -25.12
N VAL A 133 12.22 -14.79 -26.37
CA VAL A 133 13.04 -15.94 -26.67
C VAL A 133 14.49 -15.61 -26.37
N GLU A 134 14.89 -14.41 -26.73
CA GLU A 134 16.24 -13.95 -26.42
C GLU A 134 16.53 -14.04 -24.90
N ARG A 135 15.48 -13.93 -24.10
CA ARG A 135 15.62 -13.85 -22.65
C ARG A 135 15.27 -15.20 -21.96
N ALA A 136 15.24 -16.25 -22.77
CA ALA A 136 15.16 -17.64 -22.30
C ALA A 136 13.73 -17.97 -21.84
N VAL A 137 12.75 -17.29 -22.41
CA VAL A 137 11.32 -17.66 -22.28
C VAL A 137 10.83 -18.46 -23.50
N PRO A 138 10.62 -19.76 -23.40
CA PRO A 138 10.05 -20.47 -24.55
C PRO A 138 8.61 -19.97 -24.81
N VAL A 139 8.27 -19.84 -26.09
CA VAL A 139 7.00 -19.30 -26.51
C VAL A 139 6.26 -20.28 -27.39
N CYS A 140 4.97 -20.38 -27.12
CA CYS A 140 3.99 -21.00 -27.99
C CYS A 140 3.14 -19.91 -28.61
N ALA A 141 3.01 -19.93 -29.93
CA ALA A 141 2.19 -18.92 -30.64
C ALA A 141 0.76 -19.45 -30.77
N HIS A 142 -0.15 -18.59 -31.17
CA HIS A 142 -1.55 -18.90 -31.23
C HIS A 142 -2.23 -17.98 -32.24
N VAL A 143 -2.73 -18.58 -33.33
CA VAL A 143 -3.24 -17.84 -34.49
C VAL A 143 -4.54 -18.48 -34.97
N GLY A 144 -5.33 -17.72 -35.72
CA GLY A 144 -6.55 -18.27 -36.28
C GLY A 144 -7.32 -17.34 -37.20
N GLY A 165 -6.91 -14.28 -46.15
CA GLY A 165 -7.46 -15.29 -45.23
C GLY A 165 -6.41 -16.35 -44.97
N ALA A 166 -6.35 -17.41 -45.80
CA ALA A 166 -5.25 -18.40 -45.74
C ALA A 166 -3.87 -17.72 -45.80
N ALA A 167 -3.69 -16.89 -46.82
CA ALA A 167 -2.45 -16.16 -47.02
C ALA A 167 -2.00 -15.45 -45.75
N GLN A 168 -2.90 -14.72 -45.12
CA GLN A 168 -2.56 -13.94 -43.93
C GLN A 168 -2.20 -14.86 -42.76
N LEU A 169 -2.95 -15.95 -42.57
CA LEU A 169 -2.66 -16.91 -41.51
C LEU A 169 -1.27 -17.47 -41.69
N LEU A 170 -0.97 -17.76 -42.93
CA LEU A 170 0.30 -18.31 -43.25
C LEU A 170 1.41 -17.29 -42.98
N ARG A 171 1.17 -16.02 -43.35
CA ARG A 171 2.08 -14.92 -42.99
C ARG A 171 2.32 -14.81 -41.48
N ASP A 172 1.25 -14.78 -40.72
CA ASP A 172 1.42 -14.64 -39.27
C ASP A 172 2.23 -15.81 -38.67
N ALA A 173 1.85 -17.03 -39.04
CA ALA A 173 2.47 -18.24 -38.55
C ALA A 173 3.95 -18.18 -38.87
N ARG A 174 4.29 -17.78 -40.08
CA ARG A 174 5.71 -17.67 -40.47
C ARG A 174 6.45 -16.70 -39.66
N ALA A 175 5.82 -15.54 -39.46
CA ALA A 175 6.51 -14.50 -38.71
C ALA A 175 6.82 -14.94 -37.27
N VAL A 176 5.85 -15.59 -36.59
CA VAL A 176 6.08 -15.93 -35.17
C VAL A 176 7.06 -17.09 -35.08
N GLU A 177 7.03 -17.96 -36.07
CA GLU A 177 8.06 -18.99 -36.18
C GLU A 177 9.44 -18.37 -36.34
N GLU A 178 9.60 -17.47 -37.29
CA GLU A 178 10.95 -16.91 -37.53
C GLU A 178 11.41 -16.07 -36.34
N ALA A 179 10.47 -15.57 -35.54
CA ALA A 179 10.84 -14.82 -34.37
C ALA A 179 11.25 -15.76 -33.28
N GLY A 180 10.99 -17.04 -33.41
CA GLY A 180 11.51 -18.00 -32.41
C GLY A 180 10.47 -18.84 -31.69
N ALA A 181 9.18 -18.70 -32.00
CA ALA A 181 8.16 -19.57 -31.39
C ALA A 181 8.48 -21.05 -31.69
N GLN A 182 8.33 -21.93 -30.69
CA GLN A 182 8.66 -23.36 -30.87
C GLN A 182 7.47 -24.28 -30.93
N LEU A 183 6.29 -23.71 -30.85
CA LEU A 183 5.02 -24.44 -30.88
C LEU A 183 4.03 -23.43 -31.38
N ILE A 184 3.04 -23.81 -32.17
CA ILE A 184 2.01 -22.90 -32.52
C ILE A 184 0.63 -23.55 -32.42
N VAL A 185 -0.36 -22.83 -31.90
CA VAL A 185 -1.72 -23.32 -31.86
C VAL A 185 -2.50 -22.71 -33.00
N LEU A 186 -3.22 -23.55 -33.74
CA LEU A 186 -4.09 -23.13 -34.83
C LEU A 186 -5.53 -23.40 -34.37
N GLU A 187 -6.32 -22.34 -34.30
CA GLU A 187 -7.64 -22.47 -33.75
C GLU A 187 -8.71 -22.05 -34.76
N ALA A 188 -9.73 -22.87 -34.96
CA ALA A 188 -10.86 -22.58 -35.85
C ALA A 188 -10.41 -22.23 -37.28
N VAL A 189 -9.75 -23.17 -37.94
CA VAL A 189 -9.17 -22.92 -39.24
C VAL A 189 -9.68 -24.04 -40.11
N PRO A 190 -10.08 -23.74 -41.37
CA PRO A 190 -10.46 -24.87 -42.26
C PRO A 190 -9.37 -25.92 -42.34
N THR A 191 -9.74 -27.19 -42.32
CA THR A 191 -8.79 -28.29 -42.34
C THR A 191 -7.71 -28.20 -43.41
N LEU A 192 -8.10 -27.77 -44.60
CA LEU A 192 -7.17 -27.74 -45.74
C LEU A 192 -6.21 -26.57 -45.59
N VAL A 193 -6.71 -25.50 -44.99
CA VAL A 193 -5.87 -24.38 -44.65
C VAL A 193 -4.83 -24.77 -43.59
N ALA A 194 -5.26 -25.42 -42.52
CA ALA A 194 -4.34 -25.86 -41.47
C ALA A 194 -3.32 -26.89 -42.01
N ALA A 195 -3.77 -27.75 -42.94
CA ALA A 195 -2.87 -28.70 -43.63
C ALA A 195 -1.73 -28.00 -44.34
N GLU A 196 -2.07 -26.97 -45.08
CA GLU A 196 -1.08 -26.19 -45.79
C GLU A 196 -0.15 -25.38 -44.81
N VAL A 197 -0.72 -24.78 -43.74
CA VAL A 197 0.15 -24.12 -42.78
C VAL A 197 1.09 -25.11 -42.13
N THR A 198 0.56 -26.25 -41.72
CA THR A 198 1.41 -27.26 -41.06
C THR A 198 2.55 -27.71 -42.02
N ARG A 199 2.23 -27.92 -43.29
CA ARG A 199 3.26 -28.34 -44.25
C ARG A 199 4.35 -27.29 -44.39
N GLU A 200 3.97 -26.04 -44.52
CA GLU A 200 4.95 -24.98 -44.80
C GLU A 200 5.79 -24.59 -43.56
N LEU A 201 5.34 -24.95 -42.36
CA LEU A 201 6.07 -24.57 -41.15
C LEU A 201 7.02 -25.69 -40.84
N SER A 202 8.01 -25.36 -40.04
CA SER A 202 8.89 -26.36 -39.52
C SER A 202 8.55 -26.72 -38.03
N ILE A 203 8.06 -25.79 -37.24
CA ILE A 203 7.67 -26.11 -35.85
C ILE A 203 6.36 -26.93 -35.79
N PRO A 204 6.07 -27.62 -34.67
CA PRO A 204 4.80 -28.37 -34.53
C PRO A 204 3.58 -27.48 -34.41
N THR A 205 2.53 -27.79 -35.16
CA THR A 205 1.27 -27.09 -35.09
C THR A 205 0.30 -27.94 -34.23
N ILE A 206 -0.53 -27.28 -33.44
CA ILE A 206 -1.47 -27.94 -32.51
C ILE A 206 -2.81 -27.38 -32.85
N GLY A 207 -3.72 -28.25 -33.30
CA GLY A 207 -5.03 -27.80 -33.70
C GLY A 207 -6.12 -27.88 -32.66
N ILE A 208 -7.07 -26.95 -32.74
CA ILE A 208 -8.36 -27.03 -32.03
C ILE A 208 -9.33 -26.44 -33.02
N GLY A 209 -10.28 -27.27 -33.45
CA GLY A 209 -11.17 -26.86 -34.51
C GLY A 209 -10.38 -26.57 -35.81
N ALA A 210 -9.26 -27.28 -36.03
CA ALA A 210 -8.42 -27.09 -37.23
C ALA A 210 -8.19 -28.39 -38.06
N GLY A 211 -8.86 -29.48 -37.71
CA GLY A 211 -8.74 -30.72 -38.45
C GLY A 211 -7.53 -31.53 -38.05
N ALA A 212 -7.32 -32.64 -38.77
CA ALA A 212 -6.44 -33.68 -38.35
C ALA A 212 -5.02 -33.57 -38.91
N GLU A 213 -4.78 -32.64 -39.82
CA GLU A 213 -3.45 -32.51 -40.44
C GLU A 213 -2.53 -31.58 -39.68
N CYS A 214 -2.70 -31.47 -38.38
CA CYS A 214 -1.78 -30.77 -37.53
C CYS A 214 -0.86 -31.77 -36.86
N SER A 215 0.23 -31.29 -36.28
CA SER A 215 1.19 -32.13 -35.58
C SER A 215 0.66 -32.62 -34.21
N GLY A 216 -0.50 -32.09 -33.77
CA GLY A 216 -1.04 -32.45 -32.45
C GLY A 216 -2.37 -31.78 -32.26
N GLN A 217 -3.01 -32.04 -31.14
CA GLN A 217 -4.36 -31.57 -30.90
C GLN A 217 -4.47 -31.00 -29.50
N VAL A 218 -5.34 -30.00 -29.30
CA VAL A 218 -5.70 -29.54 -27.95
C VAL A 218 -7.19 -29.48 -27.84
N LEU A 219 -7.73 -29.81 -26.66
CA LEU A 219 -9.12 -29.57 -26.25
C LEU A 219 -9.15 -29.03 -24.82
N VAL A 220 -10.24 -28.35 -24.48
CA VAL A 220 -10.52 -27.97 -23.15
C VAL A 220 -10.95 -29.28 -22.40
N LEU A 221 -10.28 -29.60 -21.31
CA LEU A 221 -10.58 -30.77 -20.49
C LEU A 221 -12.07 -31.01 -20.19
N HIS A 222 -12.75 -30.00 -19.69
CA HIS A 222 -14.15 -30.16 -19.31
C HIS A 222 -15.06 -30.51 -20.49
N ASP A 223 -14.76 -29.95 -21.68
CA ASP A 223 -15.43 -30.32 -22.95
C ASP A 223 -15.23 -31.79 -23.29
N MET A 224 -13.98 -32.22 -23.24
CA MET A 224 -13.68 -33.59 -23.69
C MET A 224 -14.16 -34.63 -22.66
N LEU A 225 -14.37 -34.20 -21.40
CA LEU A 225 -14.94 -35.03 -20.38
C LEU A 225 -16.48 -34.90 -20.36
N GLY A 226 -17.06 -34.10 -21.25
CA GLY A 226 -18.53 -34.05 -21.42
C GLY A 226 -19.26 -33.33 -20.30
N VAL A 227 -18.62 -32.36 -19.64
CA VAL A 227 -19.24 -31.77 -18.49
C VAL A 227 -20.41 -30.78 -18.86
N PHE A 228 -20.35 -30.22 -20.05
CA PHE A 228 -21.37 -29.27 -20.56
C PHE A 228 -22.78 -29.89 -20.64
N PRO A 229 -23.84 -29.05 -20.56
CA PRO A 229 -25.22 -29.48 -20.94
C PRO A 229 -25.58 -29.24 -22.44
N GLY A 230 -26.64 -29.90 -22.90
CA GLY A 230 -27.18 -29.66 -24.26
C GLY A 230 -26.14 -29.72 -25.39
N LYS A 231 -26.01 -28.62 -26.14
CA LYS A 231 -25.19 -28.54 -27.37
C LYS A 231 -23.67 -28.59 -27.11
N ARG A 232 -23.04 -29.63 -27.64
CA ARG A 232 -21.57 -29.84 -27.59
C ARG A 232 -20.91 -28.92 -28.62
N PRO A 233 -19.72 -28.36 -28.31
CA PRO A 233 -19.03 -27.60 -29.36
C PRO A 233 -18.60 -28.52 -30.49
N ARG A 234 -18.69 -28.02 -31.71
CA ARG A 234 -18.69 -28.88 -32.86
C ARG A 234 -17.35 -29.60 -33.04
N PHE A 235 -16.26 -28.96 -32.60
CA PHE A 235 -14.92 -29.54 -32.81
C PHE A 235 -14.50 -30.41 -31.63
N VAL A 236 -15.39 -30.56 -30.65
CA VAL A 236 -15.12 -31.42 -29.47
C VAL A 236 -15.70 -32.83 -29.62
N LYS A 237 -14.96 -33.84 -29.14
CA LYS A 237 -15.52 -35.17 -28.83
C LYS A 237 -15.52 -35.38 -27.34
N ASP A 238 -16.62 -35.91 -26.83
CA ASP A 238 -16.75 -36.30 -25.42
C ASP A 238 -16.15 -37.69 -25.33
N PHE A 239 -14.96 -37.80 -24.77
CA PHE A 239 -14.27 -39.10 -24.63
C PHE A 239 -14.71 -39.88 -23.43
N MET A 240 -15.61 -39.32 -22.60
CA MET A 240 -16.19 -40.10 -21.49
C MET A 240 -17.10 -41.16 -22.05
N GLN A 241 -17.69 -40.94 -23.21
CA GLN A 241 -18.64 -41.93 -23.78
C GLN A 241 -17.99 -43.30 -24.10
N GLY A 242 -18.40 -44.34 -23.39
CA GLY A 242 -17.95 -45.71 -23.63
C GLY A 242 -16.70 -46.07 -22.83
N GLN A 243 -16.35 -45.20 -21.87
CA GLN A 243 -15.12 -45.40 -21.08
C GLN A 243 -15.48 -45.52 -19.64
N PRO A 244 -14.80 -46.39 -18.89
CA PRO A 244 -15.25 -46.66 -17.56
C PRO A 244 -14.85 -45.65 -16.46
N SER A 245 -13.93 -44.72 -16.74
CA SER A 245 -13.36 -43.85 -15.71
C SER A 245 -12.83 -42.59 -16.39
N ILE A 246 -12.59 -41.56 -15.59
CA ILE A 246 -12.01 -40.30 -16.14
C ILE A 246 -10.62 -40.61 -16.73
N PHE A 247 -9.88 -41.44 -16.03
CA PHE A 247 -8.57 -41.82 -16.49
C PHE A 247 -8.64 -42.46 -17.88
N ALA A 248 -9.55 -43.40 -18.06
CA ALA A 248 -9.68 -44.14 -19.30
C ALA A 248 -10.15 -43.19 -20.42
N ALA A 249 -10.97 -42.21 -20.12
CA ALA A 249 -11.36 -41.18 -21.11
C ALA A 249 -10.16 -40.31 -21.61
N VAL A 250 -9.30 -39.88 -20.70
CA VAL A 250 -8.10 -39.16 -21.08
C VAL A 250 -7.08 -40.04 -21.88
N GLU A 251 -6.88 -41.26 -21.41
CA GLU A 251 -6.12 -42.28 -22.18
C GLU A 251 -6.68 -42.52 -23.61
N ALA A 252 -8.00 -42.52 -23.77
CA ALA A 252 -8.62 -42.66 -25.09
C ALA A 252 -8.32 -41.47 -26.02
N TYR A 253 -8.37 -40.27 -25.44
CA TYR A 253 -8.10 -39.03 -26.16
C TYR A 253 -6.68 -39.11 -26.70
N VAL A 254 -5.76 -39.48 -25.85
CA VAL A 254 -4.32 -39.51 -26.18
C VAL A 254 -4.11 -40.54 -27.30
N ARG A 255 -4.68 -41.73 -27.14
CA ARG A 255 -4.62 -42.77 -28.19
C ARG A 255 -5.26 -42.30 -29.52
N ALA A 256 -6.45 -41.70 -29.46
CA ALA A 256 -7.12 -41.25 -30.66
C ALA A 256 -6.39 -40.12 -31.42
N VAL A 257 -5.80 -39.18 -30.70
CA VAL A 257 -4.97 -38.15 -31.34
C VAL A 257 -3.76 -38.78 -32.07
N LYS A 258 -3.12 -39.74 -31.39
CA LYS A 258 -1.92 -40.42 -31.92
C LYS A 258 -2.21 -41.38 -33.06
N ASP A 259 -3.39 -42.01 -33.05
CA ASP A 259 -3.77 -42.84 -34.20
C ASP A 259 -4.49 -42.06 -35.32
N GLY A 260 -4.72 -40.76 -35.14
CA GLY A 260 -5.25 -39.91 -36.19
C GLY A 260 -6.74 -39.98 -36.36
N SER A 261 -7.44 -40.62 -35.43
CA SER A 261 -8.85 -40.69 -35.64
C SER A 261 -9.68 -39.77 -34.80
N PHE A 262 -9.08 -39.03 -33.90
CA PHE A 262 -9.38 -37.64 -33.68
C PHE A 262 -8.43 -36.54 -34.07
N PRO A 263 -8.98 -35.47 -34.65
CA PRO A 263 -10.40 -35.15 -34.92
C PRO A 263 -10.96 -35.85 -36.16
N GLY A 264 -12.20 -36.23 -36.10
CA GLY A 264 -12.79 -36.93 -37.21
C GLY A 264 -13.31 -35.88 -38.18
N PRO A 265 -13.77 -36.34 -39.36
CA PRO A 265 -14.29 -35.43 -40.38
C PRO A 265 -15.45 -34.62 -39.87
N GLU A 266 -16.21 -35.10 -38.90
CA GLU A 266 -17.25 -34.27 -38.24
C GLU A 266 -16.80 -33.14 -37.33
N HIS A 267 -15.54 -33.12 -36.89
CA HIS A 267 -15.07 -32.08 -35.95
C HIS A 267 -14.36 -30.91 -36.62
N SER A 268 -14.35 -30.95 -37.94
CA SER A 268 -13.50 -30.12 -38.79
C SER A 268 -14.35 -29.51 -39.90
N PHE A 269 -13.90 -28.41 -40.50
CA PHE A 269 -14.63 -27.73 -41.63
C PHE A 269 -13.69 -27.10 -42.74
N MET B 9 -27.63 -11.06 -31.32
CA MET B 9 -26.44 -10.40 -30.72
C MET B 9 -25.70 -9.46 -31.66
N VAL B 10 -25.67 -8.18 -31.33
CA VAL B 10 -25.05 -7.17 -32.20
C VAL B 10 -23.54 -7.16 -32.08
N THR B 11 -22.85 -7.38 -33.19
CA THR B 11 -21.39 -7.40 -33.23
C THR B 11 -20.89 -6.27 -34.06
N VAL B 12 -19.60 -6.01 -33.94
CA VAL B 12 -18.98 -4.97 -34.76
C VAL B 12 -19.28 -5.23 -36.25
N PRO B 13 -19.11 -6.49 -36.75
CA PRO B 13 -19.48 -6.77 -38.15
C PRO B 13 -20.92 -6.51 -38.54
N LYS B 14 -21.86 -6.77 -37.66
CA LYS B 14 -23.27 -6.52 -37.98
C LYS B 14 -23.52 -5.02 -38.17
N LEU B 15 -22.76 -4.19 -37.44
CA LEU B 15 -22.96 -2.74 -37.54
C LEU B 15 -22.54 -2.29 -38.95
N GLN B 16 -21.41 -2.83 -39.42
CA GLN B 16 -20.97 -2.62 -40.80
C GLN B 16 -22.02 -3.12 -41.82
N ALA B 17 -22.48 -4.36 -41.68
CA ALA B 17 -23.54 -4.85 -42.57
C ALA B 17 -24.80 -4.00 -42.47
N MET B 18 -25.11 -3.40 -41.32
CA MET B 18 -26.29 -2.53 -41.27
C MET B 18 -26.11 -1.26 -42.09
N ARG B 19 -24.91 -0.70 -42.10
CA ARG B 19 -24.65 0.46 -42.93
C ARG B 19 -24.81 0.07 -44.41
N GLU B 20 -24.33 -1.11 -44.82
CA GLU B 20 -24.39 -1.51 -46.24
C GLU B 20 -25.82 -1.64 -46.65
N ALA B 21 -26.62 -2.22 -45.77
CA ALA B 21 -28.04 -2.49 -46.05
C ALA B 21 -28.93 -1.28 -45.79
N GLY B 22 -28.36 -0.13 -45.52
CA GLY B 22 -29.11 1.05 -45.15
C GLY B 22 -30.03 0.96 -43.94
N GLU B 23 -29.74 0.12 -42.95
CA GLU B 23 -30.52 0.14 -41.69
C GLU B 23 -29.77 1.04 -40.70
N LYS B 24 -30.46 2.04 -40.15
CA LYS B 24 -29.80 2.98 -39.29
C LYS B 24 -29.59 2.37 -37.89
N ILE B 25 -28.50 2.78 -37.27
CA ILE B 25 -28.06 2.20 -36.01
C ILE B 25 -28.57 3.07 -34.88
N ALA B 26 -29.27 2.46 -33.94
CA ALA B 26 -29.81 3.24 -32.83
C ALA B 26 -28.98 2.99 -31.54
N MET B 27 -28.28 4.03 -31.13
CA MET B 27 -27.41 4.01 -29.94
C MET B 27 -27.92 4.98 -28.88
N LEU B 28 -27.76 4.59 -27.63
CA LEU B 28 -28.20 5.37 -26.49
C LEU B 28 -27.17 5.20 -25.39
N THR B 29 -26.94 6.24 -24.60
CA THR B 29 -26.15 6.02 -23.40
C THR B 29 -26.93 5.19 -22.37
N SER B 30 -26.16 4.54 -21.51
CA SER B 30 -26.68 3.57 -20.56
C SER B 30 -25.63 3.39 -19.43
N TYR B 31 -26.09 3.35 -18.18
CA TYR B 31 -25.20 3.42 -17.03
C TYR B 31 -25.60 2.43 -15.92
N ASP B 32 -26.65 1.63 -16.13
CA ASP B 32 -27.08 0.64 -15.16
C ASP B 32 -27.86 -0.52 -15.75
N ALA B 33 -28.04 -1.56 -14.93
CA ALA B 33 -28.58 -2.86 -15.36
C ALA B 33 -30.06 -2.75 -15.69
N SER B 34 -30.84 -1.98 -14.94
CA SER B 34 -32.28 -1.87 -15.23
C SER B 34 -32.57 -1.16 -16.55
N PHE B 35 -32.00 0.03 -16.78
CA PHE B 35 -32.15 0.65 -18.11
C PHE B 35 -31.47 -0.15 -19.20
N ALA B 36 -30.35 -0.83 -18.88
CA ALA B 36 -29.71 -1.70 -19.89
C ALA B 36 -30.67 -2.80 -20.41
N ALA B 37 -31.42 -3.46 -19.51
CA ALA B 37 -32.41 -4.50 -19.87
C ALA B 37 -33.58 -3.90 -20.66
N LEU B 38 -34.07 -2.76 -20.23
CA LEU B 38 -35.13 -2.06 -20.95
C LEU B 38 -34.69 -1.64 -22.35
N LEU B 39 -33.52 -1.00 -22.45
CA LEU B 39 -33.02 -0.62 -23.75
C LEU B 39 -32.91 -1.89 -24.66
N ASP B 40 -32.44 -3.00 -24.10
CA ASP B 40 -32.22 -4.15 -24.94
C ASP B 40 -33.54 -4.69 -25.46
N ARG B 41 -34.54 -4.67 -24.59
CA ARG B 41 -35.88 -5.08 -24.90
C ARG B 41 -36.49 -4.20 -26.01
N ALA B 42 -36.19 -2.92 -26.03
CA ALA B 42 -36.60 -2.04 -27.15
C ALA B 42 -35.67 -2.07 -28.39
N ASN B 43 -34.73 -3.02 -28.41
CA ASN B 43 -33.86 -3.30 -29.55
C ASN B 43 -32.95 -2.13 -29.88
N VAL B 44 -32.46 -1.45 -28.85
CA VAL B 44 -31.30 -0.58 -29.00
C VAL B 44 -30.11 -1.42 -29.53
N ASP B 45 -29.51 -0.97 -30.64
CA ASP B 45 -28.33 -1.67 -31.20
C ASP B 45 -27.02 -1.55 -30.38
N VAL B 46 -26.75 -0.35 -29.88
CA VAL B 46 -25.48 -0.03 -29.21
C VAL B 46 -25.81 0.77 -27.90
N GLN B 47 -25.22 0.33 -26.79
CA GLN B 47 -25.36 1.01 -25.51
C GLN B 47 -24.00 1.59 -25.15
N LEU B 48 -23.97 2.87 -24.83
CA LEU B 48 -22.72 3.59 -24.59
C LEU B 48 -22.59 3.99 -23.13
N ILE B 49 -21.55 3.51 -22.48
CA ILE B 49 -21.20 4.00 -21.15
C ILE B 49 -20.19 5.14 -21.36
N GLY B 50 -20.77 6.33 -21.44
CA GLY B 50 -20.05 7.55 -21.79
C GLY B 50 -19.72 8.41 -20.60
N ASP B 51 -18.73 9.25 -20.76
CA ASP B 51 -18.41 10.19 -19.68
C ASP B 51 -19.43 11.33 -19.42
N SER B 52 -20.47 11.42 -20.26
CA SER B 52 -21.74 12.13 -19.93
C SER B 52 -22.34 11.72 -18.55
N LEU B 53 -21.99 10.54 -18.01
CA LEU B 53 -22.35 10.23 -16.62
C LEU B 53 -21.83 11.25 -15.58
N GLY B 54 -20.73 11.92 -15.89
CA GLY B 54 -20.20 12.99 -15.03
C GLY B 54 -21.23 14.09 -14.77
N ASN B 55 -21.95 14.46 -15.82
CA ASN B 55 -23.08 15.38 -15.72
C ASN B 55 -24.34 14.71 -15.22
N VAL B 56 -24.78 13.68 -15.92
CA VAL B 56 -26.14 13.18 -15.67
C VAL B 56 -26.26 12.35 -14.39
N LEU B 57 -25.23 11.57 -14.05
CA LEU B 57 -25.26 10.78 -12.79
C LEU B 57 -24.58 11.50 -11.64
N GLN B 58 -23.41 12.07 -11.86
CA GLN B 58 -22.61 12.62 -10.77
C GLN B 58 -22.93 14.07 -10.51
N GLY B 59 -23.70 14.72 -11.38
CA GLY B 59 -24.11 16.10 -11.14
C GLY B 59 -22.98 17.13 -11.19
N GLN B 60 -21.90 16.87 -11.94
CA GLN B 60 -20.74 17.80 -12.05
C GLN B 60 -20.97 18.72 -13.24
N ALA B 61 -20.42 19.94 -13.20
CA ALA B 61 -20.50 20.91 -14.34
C ALA B 61 -19.87 20.37 -15.62
N THR B 62 -18.72 19.70 -15.49
CA THR B 62 -18.08 19.10 -16.66
C THR B 62 -17.78 17.62 -16.46
N THR B 63 -17.23 16.99 -17.49
CA THR B 63 -17.01 15.57 -17.45
C THR B 63 -15.60 15.17 -16.96
N LEU B 64 -14.72 16.14 -16.78
CA LEU B 64 -13.33 15.85 -16.40
C LEU B 64 -13.14 15.06 -15.08
N PRO B 65 -14.03 15.22 -14.08
CA PRO B 65 -13.83 14.44 -12.88
C PRO B 65 -14.02 12.95 -13.04
N VAL B 66 -14.65 12.53 -14.14
CA VAL B 66 -14.97 11.14 -14.39
C VAL B 66 -13.72 10.36 -14.55
N THR B 67 -13.58 9.32 -13.75
CA THR B 67 -12.37 8.54 -13.73
C THR B 67 -12.60 7.16 -14.46
N LEU B 68 -11.51 6.45 -14.76
CA LEU B 68 -11.59 5.12 -15.35
C LEU B 68 -12.40 4.12 -14.50
N ASP B 69 -12.19 4.12 -13.19
CA ASP B 69 -13.00 3.29 -12.30
C ASP B 69 -14.52 3.58 -12.33
N ASP B 70 -14.90 4.84 -12.43
CA ASP B 70 -16.29 5.21 -12.63
C ASP B 70 -16.82 4.52 -13.91
N ILE B 71 -16.10 4.68 -15.02
CA ILE B 71 -16.55 4.12 -16.29
C ILE B 71 -16.59 2.62 -16.18
N ALA B 72 -15.58 2.03 -15.52
CA ALA B 72 -15.56 0.56 -15.31
C ALA B 72 -16.73 0.08 -14.41
N TYR B 73 -17.06 0.88 -13.38
CA TYR B 73 -18.19 0.47 -12.51
C TYR B 73 -19.49 0.46 -13.32
N HIS B 74 -19.76 1.52 -14.08
CA HIS B 74 -21.00 1.57 -14.83
C HIS B 74 -21.01 0.57 -16.01
N THR B 75 -19.86 0.32 -16.63
CA THR B 75 -19.76 -0.71 -17.63
C THR B 75 -20.11 -2.09 -17.02
N ALA B 76 -19.55 -2.45 -15.87
CA ALA B 76 -19.91 -3.70 -15.21
C ALA B 76 -21.44 -3.84 -14.92
N CYS B 77 -22.09 -2.75 -14.46
CA CYS B 77 -23.54 -2.74 -14.29
C CYS B 77 -24.33 -3.09 -15.57
N VAL B 78 -24.00 -2.41 -16.68
CA VAL B 78 -24.63 -2.64 -17.99
C VAL B 78 -24.41 -4.06 -18.47
N ALA B 79 -23.18 -4.55 -18.33
CA ALA B 79 -22.82 -5.86 -18.88
C ALA B 79 -23.54 -6.91 -18.11
N ARG B 80 -23.89 -6.63 -16.87
CA ARG B 80 -24.50 -7.66 -16.05
C ARG B 80 -25.93 -7.92 -16.48
N ALA B 81 -26.57 -6.96 -17.17
CA ALA B 81 -27.85 -7.17 -17.83
C ALA B 81 -27.75 -8.08 -19.03
N GLN B 82 -26.53 -8.36 -19.49
CA GLN B 82 -26.33 -9.27 -20.62
C GLN B 82 -27.11 -8.86 -21.88
N PRO B 83 -26.90 -7.63 -22.34
CA PRO B 83 -27.66 -7.17 -23.48
C PRO B 83 -27.21 -7.81 -24.77
N ARG B 84 -28.09 -7.92 -25.76
CA ARG B 84 -27.70 -8.39 -27.06
C ARG B 84 -27.01 -7.30 -27.85
N GLY B 85 -27.34 -6.05 -27.55
CA GLY B 85 -26.67 -4.91 -28.16
C GLY B 85 -25.18 -4.81 -27.83
N LEU B 86 -24.44 -4.06 -28.63
CA LEU B 86 -23.02 -3.86 -28.38
C LEU B 86 -22.77 -2.88 -27.22
N VAL B 87 -21.88 -3.22 -26.29
CA VAL B 87 -21.54 -2.37 -25.18
C VAL B 87 -20.24 -1.64 -25.49
N VAL B 88 -20.35 -0.33 -25.59
CA VAL B 88 -19.21 0.56 -25.88
C VAL B 88 -18.99 1.39 -24.63
N ALA B 89 -17.73 1.51 -24.22
CA ALA B 89 -17.31 2.34 -23.09
C ALA B 89 -16.31 3.41 -23.52
N ASP B 90 -16.53 4.66 -23.10
CA ASP B 90 -15.54 5.75 -23.27
C ASP B 90 -14.28 5.62 -22.43
N LEU B 91 -13.10 5.79 -23.02
CA LEU B 91 -11.93 6.11 -22.24
C LEU B 91 -12.05 7.56 -21.77
N PRO B 92 -12.09 7.79 -20.45
CA PRO B 92 -12.13 9.19 -20.03
C PRO B 92 -10.85 9.99 -20.21
N PHE B 93 -11.05 11.30 -20.12
CA PHE B 93 -10.00 12.27 -20.30
C PHE B 93 -8.82 11.90 -19.39
N GLY B 94 -7.63 11.98 -19.94
CA GLY B 94 -6.41 11.68 -19.23
C GLY B 94 -5.96 10.24 -19.29
N THR B 95 -6.77 9.31 -19.83
CA THR B 95 -6.45 7.89 -19.72
C THR B 95 -5.85 7.25 -21.00
N TYR B 96 -5.58 8.10 -21.99
CA TYR B 96 -5.01 7.66 -23.27
C TYR B 96 -3.96 8.60 -23.87
N GLY B 97 -3.07 9.10 -23.02
CA GLY B 97 -2.00 9.98 -23.46
C GLY B 97 -0.77 9.39 -24.17
N THR B 98 -0.52 8.10 -24.00
CA THR B 98 0.37 7.30 -24.83
C THR B 98 -0.37 6.03 -25.29
N PRO B 99 0.08 5.38 -26.37
CA PRO B 99 -0.57 4.12 -26.75
C PRO B 99 -0.57 3.00 -25.69
N ALA B 100 0.51 2.81 -24.93
CA ALA B 100 0.49 1.83 -23.86
C ALA B 100 -0.51 2.12 -22.75
N ASP B 101 -0.59 3.39 -22.34
CA ASP B 101 -1.60 3.83 -21.37
C ASP B 101 -3.04 3.62 -21.91
N ALA B 102 -3.24 3.98 -23.15
CA ALA B 102 -4.52 3.80 -23.78
C ALA B 102 -4.92 2.29 -23.70
N PHE B 103 -3.96 1.42 -23.97
CA PHE B 103 -4.19 -0.03 -23.94
C PHE B 103 -4.52 -0.53 -22.53
N ALA B 104 -3.77 -0.08 -21.54
CA ALA B 104 -4.08 -0.49 -20.16
C ALA B 104 -5.49 0.00 -19.79
N SER B 105 -5.85 1.20 -20.24
CA SER B 105 -7.18 1.68 -19.89
C SER B 105 -8.31 0.85 -20.55
N ALA B 106 -8.16 0.62 -21.86
CA ALA B 106 -9.08 -0.16 -22.60
C ALA B 106 -9.21 -1.59 -22.06
N VAL B 107 -8.10 -2.21 -21.72
CA VAL B 107 -8.09 -3.56 -21.16
C VAL B 107 -8.98 -3.59 -19.89
N LYS B 108 -8.79 -2.65 -18.96
CA LYS B 108 -9.65 -2.56 -17.79
C LYS B 108 -11.16 -2.46 -18.11
N LEU B 109 -11.50 -1.67 -19.13
CA LEU B 109 -12.88 -1.59 -19.52
C LEU B 109 -13.38 -2.87 -20.21
N MET B 110 -12.52 -3.53 -20.96
CA MET B 110 -12.99 -4.72 -21.59
C MET B 110 -13.13 -5.86 -20.54
N ARG B 111 -12.26 -5.91 -19.55
CA ARG B 111 -12.39 -6.91 -18.49
C ARG B 111 -13.71 -6.68 -17.81
N ALA B 112 -14.14 -5.42 -17.65
CA ALA B 112 -15.44 -5.09 -17.00
C ALA B 112 -16.67 -5.35 -17.87
N GLY B 113 -16.46 -5.66 -19.15
CA GLY B 113 -17.59 -5.95 -20.01
C GLY B 113 -17.71 -5.12 -21.27
N ALA B 114 -16.89 -4.10 -21.47
CA ALA B 114 -16.93 -3.37 -22.75
C ALA B 114 -16.56 -4.30 -23.91
N GLN B 115 -17.20 -4.15 -25.06
CA GLN B 115 -16.84 -4.87 -26.29
C GLN B 115 -16.10 -3.98 -27.27
N MET B 116 -16.09 -2.70 -26.99
CA MET B 116 -15.50 -1.72 -27.86
C MET B 116 -15.25 -0.52 -26.96
N VAL B 117 -14.20 0.23 -27.25
CA VAL B 117 -13.96 1.46 -26.52
C VAL B 117 -14.03 2.69 -27.46
N LYS B 118 -14.38 3.85 -26.89
CA LYS B 118 -14.43 5.10 -27.62
C LYS B 118 -13.37 6.08 -27.13
N LEU B 119 -12.59 6.60 -28.06
CA LEU B 119 -11.50 7.56 -27.72
C LEU B 119 -11.77 8.81 -28.51
N GLU B 120 -11.87 9.95 -27.81
CA GLU B 120 -12.22 11.19 -28.47
C GLU B 120 -10.93 11.96 -28.89
N GLY B 121 -10.93 12.45 -30.11
CA GLY B 121 -9.75 13.21 -30.63
C GLY B 121 -9.56 13.03 -32.12
N GLY B 122 -8.67 13.86 -32.69
CA GLY B 122 -8.51 13.94 -34.13
C GLY B 122 -7.34 13.12 -34.68
N GLU B 123 -6.80 13.60 -35.79
CA GLU B 123 -5.67 12.97 -36.49
C GLU B 123 -4.58 12.42 -35.61
N TRP B 124 -4.21 13.18 -34.59
CA TRP B 124 -3.09 12.76 -33.74
C TRP B 124 -3.37 11.39 -33.07
N LEU B 125 -4.63 11.00 -32.94
CA LEU B 125 -4.96 9.70 -32.37
C LEU B 125 -4.60 8.50 -33.24
N ALA B 126 -4.22 8.68 -34.52
CA ALA B 126 -4.01 7.54 -35.44
C ALA B 126 -3.10 6.43 -34.90
N GLU B 127 -1.95 6.78 -34.32
CA GLU B 127 -1.02 5.77 -33.81
C GLU B 127 -1.61 5.01 -32.63
N THR B 128 -2.41 5.70 -31.81
CA THR B 128 -3.08 5.10 -30.68
C THR B 128 -4.12 4.08 -31.14
N VAL B 129 -4.90 4.44 -32.15
CA VAL B 129 -5.96 3.57 -32.61
C VAL B 129 -5.35 2.29 -33.19
N ARG B 130 -4.35 2.45 -34.08
CA ARG B 130 -3.66 1.27 -34.62
C ARG B 130 -3.10 0.35 -33.55
N PHE B 131 -2.53 0.95 -32.51
CA PHE B 131 -1.92 0.18 -31.42
C PHE B 131 -2.96 -0.72 -30.76
N LEU B 132 -4.13 -0.14 -30.50
CA LEU B 132 -5.23 -0.82 -29.83
C LEU B 132 -5.86 -1.91 -30.72
N VAL B 133 -6.11 -1.55 -31.97
CA VAL B 133 -6.73 -2.45 -32.94
C VAL B 133 -5.84 -3.67 -33.17
N GLU B 134 -4.56 -3.47 -33.38
CA GLU B 134 -3.55 -4.55 -33.52
C GLU B 134 -3.65 -5.60 -32.38
N ARG B 135 -3.97 -5.10 -31.19
CA ARG B 135 -3.99 -5.85 -29.96
C ARG B 135 -5.39 -6.31 -29.54
N ALA B 136 -6.31 -6.26 -30.51
CA ALA B 136 -7.61 -6.90 -30.44
C ALA B 136 -8.58 -6.08 -29.62
N VAL B 137 -8.38 -4.75 -29.57
CA VAL B 137 -9.33 -3.86 -28.93
C VAL B 137 -10.09 -3.13 -30.02
N PRO B 138 -11.36 -3.46 -30.23
CA PRO B 138 -12.14 -2.66 -31.17
C PRO B 138 -12.33 -1.20 -30.70
N VAL B 139 -12.26 -0.24 -31.65
CA VAL B 139 -12.26 1.18 -31.35
C VAL B 139 -13.37 1.92 -32.07
N CYS B 140 -14.08 2.73 -31.30
CA CYS B 140 -14.99 3.76 -31.79
C CYS B 140 -14.29 5.09 -31.68
N ALA B 141 -14.18 5.81 -32.79
CA ALA B 141 -13.59 7.11 -32.75
C ALA B 141 -14.71 8.10 -32.46
N HIS B 142 -14.34 9.35 -32.27
CA HIS B 142 -15.26 10.41 -31.87
C HIS B 142 -14.64 11.75 -32.29
N VAL B 143 -15.23 12.42 -33.26
CA VAL B 143 -14.60 13.65 -33.77
C VAL B 143 -15.65 14.75 -33.84
N GLY B 144 -15.19 15.99 -34.01
CA GLY B 144 -16.11 17.14 -34.15
C GLY B 144 -15.44 18.34 -34.79
N LEU B 145 -16.18 19.46 -34.94
CA LEU B 145 -15.57 20.71 -35.41
C LEU B 145 -14.72 21.34 -34.31
N GLY B 165 -12.10 23.95 -40.65
CA GLY B 165 -13.20 23.26 -39.99
C GLY B 165 -13.50 21.93 -40.66
N ALA B 166 -14.21 21.99 -41.79
CA ALA B 166 -14.67 20.80 -42.50
C ALA B 166 -13.52 20.00 -43.13
N ALA B 167 -12.48 20.68 -43.59
CA ALA B 167 -11.37 19.96 -44.21
C ALA B 167 -10.67 19.10 -43.16
N GLN B 168 -10.43 19.69 -42.00
CA GLN B 168 -9.74 19.03 -40.92
C GLN B 168 -10.60 17.91 -40.27
N LEU B 169 -11.90 18.15 -40.10
CA LEU B 169 -12.78 17.08 -39.58
C LEU B 169 -12.69 15.88 -40.50
N LEU B 170 -12.64 16.13 -41.80
CA LEU B 170 -12.58 15.06 -42.76
C LEU B 170 -11.26 14.27 -42.70
N ARG B 171 -10.11 14.94 -42.63
CA ARG B 171 -8.87 14.15 -42.52
C ARG B 171 -8.75 13.44 -41.15
N ASP B 172 -9.30 14.02 -40.09
CA ASP B 172 -9.45 13.33 -38.78
C ASP B 172 -10.14 11.98 -39.00
N ALA B 173 -11.34 12.07 -39.59
CA ALA B 173 -12.23 10.94 -39.89
C ALA B 173 -11.52 9.89 -40.70
N ARG B 174 -10.83 10.31 -41.75
CA ARG B 174 -10.14 9.37 -42.60
C ARG B 174 -8.98 8.77 -41.86
N ALA B 175 -8.23 9.57 -41.11
CA ALA B 175 -7.04 9.04 -40.45
C ALA B 175 -7.42 7.96 -39.41
N VAL B 176 -8.48 8.20 -38.64
CA VAL B 176 -8.88 7.20 -37.61
C VAL B 176 -9.50 5.94 -38.27
N GLU B 177 -10.22 6.12 -39.35
CA GLU B 177 -10.69 4.94 -40.09
C GLU B 177 -9.52 4.09 -40.60
N GLU B 178 -8.64 4.73 -41.33
CA GLU B 178 -7.42 4.13 -41.81
C GLU B 178 -6.64 3.43 -40.70
N ALA B 179 -6.65 3.98 -39.49
CA ALA B 179 -5.87 3.40 -38.38
C ALA B 179 -6.56 2.14 -37.79
N GLY B 180 -7.82 1.90 -38.17
CA GLY B 180 -8.57 0.71 -37.77
C GLY B 180 -9.87 0.90 -36.98
N ALA B 181 -10.23 2.13 -36.66
CA ALA B 181 -11.52 2.40 -36.01
C ALA B 181 -12.69 1.76 -36.79
N GLN B 182 -13.60 1.06 -36.13
CA GLN B 182 -14.71 0.43 -36.86
C GLN B 182 -16.05 1.11 -36.67
N LEU B 183 -16.07 2.22 -35.93
CA LEU B 183 -17.29 2.98 -35.69
C LEU B 183 -16.81 4.36 -35.41
N ILE B 184 -17.59 5.39 -35.75
CA ILE B 184 -17.19 6.76 -35.44
C ILE B 184 -18.35 7.62 -35.04
N VAL B 185 -18.19 8.39 -33.96
CA VAL B 185 -19.18 9.36 -33.55
C VAL B 185 -18.83 10.76 -34.12
N LEU B 186 -19.86 11.42 -34.68
CA LEU B 186 -19.76 12.76 -35.26
C LEU B 186 -20.58 13.65 -34.34
N GLU B 187 -19.93 14.55 -33.67
CA GLU B 187 -20.59 15.37 -32.70
C GLU B 187 -20.52 16.85 -33.08
N ALA B 188 -21.69 17.47 -33.17
CA ALA B 188 -21.83 18.92 -33.38
C ALA B 188 -21.24 19.34 -34.73
N VAL B 189 -21.81 18.82 -35.81
CA VAL B 189 -21.31 19.01 -37.16
C VAL B 189 -22.48 19.41 -38.06
N PRO B 190 -22.33 20.47 -38.88
CA PRO B 190 -23.43 20.85 -39.79
C PRO B 190 -23.85 19.70 -40.69
N THR B 191 -25.13 19.63 -41.05
CA THR B 191 -25.66 18.44 -41.74
C THR B 191 -24.94 18.07 -43.07
N LEU B 192 -24.53 19.07 -43.82
CA LEU B 192 -23.90 18.79 -45.13
C LEU B 192 -22.50 18.23 -45.01
N VAL B 193 -21.71 18.78 -44.09
CA VAL B 193 -20.38 18.23 -43.75
C VAL B 193 -20.47 16.79 -43.22
N ALA B 194 -21.36 16.50 -42.28
CA ALA B 194 -21.57 15.12 -41.79
C ALA B 194 -22.00 14.21 -42.90
N ALA B 195 -22.83 14.71 -43.81
CA ALA B 195 -23.28 13.94 -44.97
C ALA B 195 -22.05 13.56 -45.84
N GLU B 196 -21.10 14.48 -45.98
CA GLU B 196 -19.89 14.26 -46.78
C GLU B 196 -18.94 13.28 -46.07
N VAL B 197 -18.71 13.48 -44.76
CA VAL B 197 -17.91 12.52 -43.99
C VAL B 197 -18.46 11.11 -44.13
N THR B 198 -19.76 10.95 -43.90
CA THR B 198 -20.37 9.62 -44.06
C THR B 198 -20.15 9.01 -45.45
N ARG B 199 -20.21 9.85 -46.49
CA ARG B 199 -19.99 9.40 -47.88
C ARG B 199 -18.56 8.94 -48.08
N GLU B 200 -17.62 9.70 -47.55
CA GLU B 200 -16.20 9.42 -47.71
C GLU B 200 -15.80 8.18 -46.95
N LEU B 201 -16.34 7.97 -45.75
CA LEU B 201 -15.94 6.79 -44.98
C LEU B 201 -16.64 5.56 -45.44
N SER B 202 -16.03 4.41 -45.24
CA SER B 202 -16.80 3.18 -45.38
C SER B 202 -17.30 2.58 -44.05
N ILE B 203 -16.77 3.00 -42.90
CA ILE B 203 -17.29 2.52 -41.59
C ILE B 203 -18.61 3.26 -41.17
N PRO B 204 -19.44 2.67 -40.29
CA PRO B 204 -20.64 3.45 -39.88
C PRO B 204 -20.29 4.72 -39.07
N THR B 205 -20.97 5.83 -39.39
CA THR B 205 -20.98 7.08 -38.62
C THR B 205 -22.21 7.20 -37.74
N ILE B 206 -22.05 7.79 -36.55
CA ILE B 206 -23.09 7.83 -35.53
C ILE B 206 -23.19 9.29 -35.14
N GLY B 207 -24.32 9.91 -35.47
CA GLY B 207 -24.44 11.33 -35.24
C GLY B 207 -25.05 11.70 -33.92
N ILE B 208 -24.52 12.77 -33.34
CA ILE B 208 -25.21 13.54 -32.33
C ILE B 208 -25.06 15.02 -32.68
N GLY B 209 -26.16 15.73 -32.90
CA GLY B 209 -26.04 17.13 -33.38
C GLY B 209 -25.31 17.20 -34.73
N ALA B 210 -25.50 16.15 -35.56
CA ALA B 210 -24.84 16.02 -36.88
C ALA B 210 -25.82 15.79 -38.02
N GLY B 211 -27.12 15.95 -37.74
CA GLY B 211 -28.13 15.76 -38.76
C GLY B 211 -28.35 14.31 -39.15
N ALA B 212 -29.22 14.11 -40.14
CA ALA B 212 -29.83 12.79 -40.38
C ALA B 212 -29.04 11.90 -41.36
N GLU B 213 -27.99 12.45 -41.97
CA GLU B 213 -27.27 11.72 -43.00
C GLU B 213 -26.07 11.02 -42.34
N CYS B 214 -26.35 10.24 -41.31
CA CYS B 214 -25.32 9.43 -40.65
C CYS B 214 -25.81 8.04 -40.71
N SER B 215 -24.94 7.05 -40.57
CA SER B 215 -25.41 5.65 -40.49
C SER B 215 -26.28 5.32 -39.26
N GLY B 216 -26.26 6.18 -38.26
CA GLY B 216 -26.99 5.99 -37.00
C GLY B 216 -26.92 7.23 -36.14
N GLN B 217 -27.50 7.15 -34.93
CA GLN B 217 -27.66 8.28 -34.01
C GLN B 217 -27.40 7.86 -32.58
N VAL B 218 -26.95 8.81 -31.78
CA VAL B 218 -26.82 8.59 -30.31
C VAL B 218 -27.41 9.80 -29.59
N LEU B 219 -27.98 9.53 -28.42
CA LEU B 219 -28.45 10.55 -27.48
C LEU B 219 -28.10 10.07 -26.07
N VAL B 220 -27.93 11.03 -25.17
CA VAL B 220 -27.89 10.76 -23.75
C VAL B 220 -29.29 10.35 -23.25
N LEU B 221 -29.34 9.19 -22.59
CA LEU B 221 -30.57 8.59 -22.12
C LEU B 221 -31.43 9.59 -21.31
N HIS B 222 -30.82 10.28 -20.36
CA HIS B 222 -31.61 11.16 -19.49
C HIS B 222 -32.21 12.34 -20.26
N ASP B 223 -31.54 12.78 -21.33
CA ASP B 223 -32.03 13.83 -22.23
C ASP B 223 -33.28 13.41 -22.98
N MET B 224 -33.22 12.22 -23.55
CA MET B 224 -34.27 11.77 -24.39
C MET B 224 -35.46 11.26 -23.59
N LEU B 225 -35.28 10.97 -22.30
CA LEU B 225 -36.42 10.67 -21.40
C LEU B 225 -37.00 11.92 -20.73
N GLY B 226 -36.39 13.06 -21.01
CA GLY B 226 -36.86 14.36 -20.57
C GLY B 226 -36.57 14.60 -19.12
N VAL B 227 -35.59 13.89 -18.56
CA VAL B 227 -35.35 13.92 -17.11
C VAL B 227 -34.53 15.17 -16.81
N PHE B 228 -35.10 16.29 -17.26
CA PHE B 228 -34.55 17.61 -17.00
C PHE B 228 -35.49 18.77 -17.43
N PRO B 229 -35.81 19.69 -16.50
CA PRO B 229 -36.55 20.89 -16.91
C PRO B 229 -35.57 21.91 -17.48
N GLY B 230 -36.08 22.87 -18.23
CA GLY B 230 -35.30 24.06 -18.58
C GLY B 230 -34.52 24.02 -19.89
N LYS B 231 -33.22 23.71 -19.82
CA LYS B 231 -32.33 23.83 -20.98
C LYS B 231 -32.22 22.51 -21.74
N ARG B 232 -33.21 22.24 -22.60
CA ARG B 232 -33.21 21.05 -23.44
C ARG B 232 -32.36 21.34 -24.65
N PRO B 233 -31.19 20.67 -24.81
CA PRO B 233 -30.28 21.11 -25.89
C PRO B 233 -30.90 20.89 -27.25
N ARG B 234 -30.38 21.58 -28.26
CA ARG B 234 -31.11 21.69 -29.53
C ARG B 234 -31.15 20.35 -30.29
N PHE B 235 -30.09 19.56 -30.16
CA PHE B 235 -29.98 18.28 -30.89
C PHE B 235 -30.82 17.13 -30.30
N VAL B 236 -31.45 17.36 -29.15
CA VAL B 236 -32.17 16.35 -28.43
C VAL B 236 -33.70 16.48 -28.60
N LYS B 237 -34.38 15.37 -28.82
CA LYS B 237 -35.82 15.35 -28.66
C LYS B 237 -36.19 14.59 -27.37
N ASP B 238 -37.28 15.02 -26.72
CA ASP B 238 -37.87 14.30 -25.61
C ASP B 238 -38.80 13.21 -26.12
N PHE B 239 -38.36 11.98 -26.15
CA PHE B 239 -39.24 10.90 -26.59
C PHE B 239 -40.18 10.37 -25.50
N MET B 240 -40.07 10.86 -24.27
CA MET B 240 -40.92 10.37 -23.18
C MET B 240 -42.26 11.07 -23.27
N GLN B 241 -42.27 12.36 -23.62
CA GLN B 241 -43.47 13.18 -23.49
C GLN B 241 -44.62 12.56 -24.27
N GLY B 242 -45.67 12.21 -23.53
CA GLY B 242 -46.88 11.63 -24.12
C GLY B 242 -46.82 10.18 -24.52
N GLN B 243 -45.85 9.43 -23.99
CA GLN B 243 -45.81 8.00 -24.22
C GLN B 243 -46.36 7.35 -22.99
N PRO B 244 -46.84 6.12 -23.11
CA PRO B 244 -47.47 5.44 -22.01
C PRO B 244 -46.51 4.83 -20.98
N SER B 245 -45.23 4.68 -21.37
CA SER B 245 -44.25 4.08 -20.48
C SER B 245 -42.84 4.48 -20.94
N ILE B 246 -41.86 4.27 -20.06
CA ILE B 246 -40.45 4.50 -20.44
C ILE B 246 -40.05 3.54 -21.57
N PHE B 247 -40.48 2.29 -21.51
CA PHE B 247 -40.21 1.36 -22.59
C PHE B 247 -40.75 1.93 -23.95
N ALA B 248 -41.93 2.59 -23.95
CA ALA B 248 -42.51 3.06 -25.23
C ALA B 248 -41.72 4.25 -25.70
N ALA B 249 -41.22 5.06 -24.76
CA ALA B 249 -40.31 6.17 -25.13
C ALA B 249 -39.08 5.67 -25.92
N VAL B 250 -38.49 4.57 -25.47
CA VAL B 250 -37.23 4.12 -26.02
C VAL B 250 -37.48 3.44 -27.36
N GLU B 251 -38.52 2.63 -27.39
CA GLU B 251 -39.01 2.03 -28.62
C GLU B 251 -39.34 3.12 -29.64
N ALA B 252 -39.87 4.27 -29.22
CA ALA B 252 -40.18 5.32 -30.17
C ALA B 252 -38.90 5.94 -30.72
N TYR B 253 -37.89 6.08 -29.84
CA TYR B 253 -36.57 6.56 -30.31
C TYR B 253 -36.00 5.62 -31.36
N VAL B 254 -35.94 4.34 -31.04
CA VAL B 254 -35.41 3.36 -31.99
C VAL B 254 -36.16 3.34 -33.37
N ARG B 255 -37.49 3.43 -33.32
CA ARG B 255 -38.29 3.48 -34.57
C ARG B 255 -37.98 4.80 -35.30
N ALA B 256 -37.94 5.90 -34.56
CA ALA B 256 -37.71 7.18 -35.20
C ALA B 256 -36.31 7.28 -35.84
N VAL B 257 -35.31 6.66 -35.23
CA VAL B 257 -34.00 6.60 -35.81
C VAL B 257 -34.04 5.77 -37.05
N LYS B 258 -34.74 4.65 -37.03
CA LYS B 258 -34.68 3.76 -38.19
C LYS B 258 -35.51 4.27 -39.40
N ASP B 259 -36.63 4.94 -39.17
CA ASP B 259 -37.47 5.38 -40.27
C ASP B 259 -37.05 6.70 -40.87
N GLY B 260 -36.01 7.32 -40.31
CA GLY B 260 -35.42 8.54 -40.87
C GLY B 260 -35.98 9.84 -40.34
N SER B 261 -36.94 9.78 -39.45
CA SER B 261 -37.50 11.00 -38.98
C SER B 261 -37.09 11.58 -37.62
N PHE B 262 -36.34 10.94 -36.75
CA PHE B 262 -35.18 11.56 -36.08
C PHE B 262 -33.77 11.35 -36.59
N PRO B 263 -32.96 12.41 -36.60
CA PRO B 263 -33.27 13.77 -36.16
C PRO B 263 -33.91 14.61 -37.27
N GLY B 264 -34.77 15.54 -36.87
CA GLY B 264 -35.40 16.46 -37.81
C GLY B 264 -34.53 17.69 -37.95
N PRO B 265 -34.87 18.57 -38.91
CA PRO B 265 -34.11 19.81 -39.12
C PRO B 265 -34.04 20.69 -37.86
N GLU B 266 -35.07 20.64 -37.01
CA GLU B 266 -35.00 21.30 -35.69
C GLU B 266 -33.73 20.96 -34.91
N HIS B 267 -33.30 19.71 -35.01
CA HIS B 267 -32.22 19.17 -34.16
C HIS B 267 -30.87 19.29 -34.84
N SER B 268 -30.86 20.00 -35.96
CA SER B 268 -29.72 20.06 -36.89
C SER B 268 -29.19 21.50 -36.97
N PHE B 269 -28.41 21.83 -38.02
CA PHE B 269 -27.84 23.19 -38.25
C PHE B 269 -26.82 23.24 -39.42
N HIS C 8 -19.73 38.09 -16.99
CA HIS C 8 -18.60 37.35 -17.63
C HIS C 8 -18.63 35.82 -17.36
N MET C 9 -18.18 35.02 -18.34
CA MET C 9 -17.79 33.58 -18.16
C MET C 9 -16.51 33.31 -18.98
N VAL C 10 -15.33 33.35 -18.35
CA VAL C 10 -14.05 33.42 -19.05
C VAL C 10 -13.48 32.06 -19.48
N THR C 11 -13.30 31.92 -20.78
CA THR C 11 -12.76 30.72 -21.34
C THR C 11 -11.42 31.03 -21.98
N VAL C 12 -10.71 29.99 -22.34
CA VAL C 12 -9.44 30.17 -22.98
C VAL C 12 -9.55 30.97 -24.26
N PRO C 13 -10.56 30.69 -25.13
CA PRO C 13 -10.74 31.60 -26.27
C PRO C 13 -11.09 33.06 -25.93
N LYS C 14 -11.77 33.32 -24.80
CA LYS C 14 -12.11 34.71 -24.44
C LYS C 14 -10.86 35.53 -24.15
N LEU C 15 -9.79 34.87 -23.72
CA LEU C 15 -8.61 35.64 -23.33
C LEU C 15 -7.98 36.26 -24.59
N GLN C 16 -7.92 35.44 -25.66
CA GLN C 16 -7.42 35.88 -26.96
C GLN C 16 -8.26 37.03 -27.53
N ALA C 17 -9.58 36.91 -27.45
CA ALA C 17 -10.51 37.99 -27.84
C ALA C 17 -10.26 39.23 -27.06
N MET C 18 -9.99 39.10 -25.76
CA MET C 18 -9.72 40.25 -24.93
C MET C 18 -8.48 40.98 -25.40
N ARG C 19 -7.43 40.24 -25.72
CA ARG C 19 -6.26 40.88 -26.25
C ARG C 19 -6.62 41.66 -27.53
N GLU C 20 -7.30 41.04 -28.46
CA GLU C 20 -7.73 41.71 -29.72
C GLU C 20 -8.53 42.96 -29.49
N ALA C 21 -9.40 42.93 -28.48
CA ALA C 21 -10.28 44.04 -28.20
C ALA C 21 -9.57 45.06 -27.29
N GLY C 22 -8.32 44.81 -26.91
CA GLY C 22 -7.65 45.73 -26.00
C GLY C 22 -8.21 45.79 -24.56
N GLU C 23 -8.92 44.76 -24.13
CA GLU C 23 -9.33 44.69 -22.74
C GLU C 23 -8.25 43.99 -21.90
N LYS C 24 -7.64 44.70 -20.96
CA LYS C 24 -6.57 44.14 -20.14
C LYS C 24 -7.09 43.01 -19.23
N ILE C 25 -6.32 41.93 -19.16
CA ILE C 25 -6.70 40.75 -18.38
C ILE C 25 -6.25 40.94 -16.90
N ALA C 26 -7.19 40.91 -15.94
CA ALA C 26 -6.86 41.10 -14.52
C ALA C 26 -6.78 39.73 -13.93
N MET C 27 -5.60 39.34 -13.50
CA MET C 27 -5.40 38.00 -12.90
C MET C 27 -4.82 38.18 -11.48
N LEU C 28 -5.21 37.30 -10.57
CA LEU C 28 -4.73 37.30 -9.20
C LEU C 28 -4.59 35.87 -8.72
N THR C 29 -3.67 35.62 -7.78
CA THR C 29 -3.59 34.29 -7.18
C THR C 29 -4.79 34.14 -6.23
N SER C 30 -5.15 32.89 -5.98
CA SER C 30 -6.34 32.54 -5.29
C SER C 30 -6.18 31.11 -4.75
N TYR C 31 -6.48 30.82 -3.48
CA TYR C 31 -6.14 29.48 -2.90
C TYR C 31 -7.27 28.81 -2.08
N ASP C 32 -8.40 29.49 -1.94
CA ASP C 32 -9.53 29.02 -1.17
C ASP C 32 -10.83 29.55 -1.70
N ALA C 33 -11.97 28.97 -1.23
CA ALA C 33 -13.30 29.20 -1.79
C ALA C 33 -13.85 30.59 -1.49
N SER C 34 -13.57 31.13 -0.31
CA SER C 34 -14.02 32.47 0.08
C SER C 34 -13.42 33.61 -0.75
N PHE C 35 -12.12 33.60 -0.90
CA PHE C 35 -11.49 34.60 -1.73
C PHE C 35 -11.81 34.41 -3.17
N ALA C 36 -11.90 33.16 -3.62
CA ALA C 36 -12.23 32.94 -5.02
C ALA C 36 -13.63 33.49 -5.34
N ALA C 37 -14.62 33.34 -4.44
CA ALA C 37 -15.95 33.95 -4.66
C ALA C 37 -15.91 35.47 -4.66
N LEU C 38 -15.18 36.01 -3.70
CA LEU C 38 -14.93 37.47 -3.67
C LEU C 38 -14.20 37.99 -4.94
N LEU C 39 -13.14 37.31 -5.39
CA LEU C 39 -12.48 37.71 -6.62
C LEU C 39 -13.44 37.70 -7.79
N ASP C 40 -14.26 36.66 -7.87
CA ASP C 40 -15.18 36.53 -9.00
C ASP C 40 -16.28 37.58 -8.91
N ARG C 41 -16.71 37.86 -7.71
CA ARG C 41 -17.68 38.94 -7.59
C ARG C 41 -17.07 40.27 -8.05
N ALA C 42 -15.75 40.44 -7.89
CA ALA C 42 -15.07 41.63 -8.34
C ALA C 42 -14.64 41.56 -9.79
N ASN C 43 -15.13 40.56 -10.51
CA ASN C 43 -14.81 40.30 -11.92
C ASN C 43 -13.34 40.19 -12.23
N VAL C 44 -12.57 39.50 -11.40
CA VAL C 44 -11.22 39.04 -11.79
C VAL C 44 -11.43 38.08 -12.94
N ASP C 45 -10.65 38.27 -14.01
CA ASP C 45 -10.74 37.42 -15.20
C ASP C 45 -10.16 36.01 -15.02
N VAL C 46 -9.04 35.93 -14.32
CA VAL C 46 -8.30 34.68 -14.18
C VAL C 46 -7.84 34.54 -12.76
N GLN C 47 -8.08 33.39 -12.14
CA GLN C 47 -7.59 33.10 -10.82
C GLN C 47 -6.48 32.06 -10.93
N LEU C 48 -5.33 32.32 -10.29
CA LEU C 48 -4.15 31.36 -10.36
C LEU C 48 -3.85 30.65 -9.02
N ILE C 49 -3.94 29.33 -9.01
CA ILE C 49 -3.47 28.55 -7.89
C ILE C 49 -1.99 28.34 -8.15
N GLY C 50 -1.22 29.21 -7.55
CA GLY C 50 0.19 29.29 -7.82
C GLY C 50 0.99 28.71 -6.68
N ASP C 51 2.23 28.35 -7.03
CA ASP C 51 3.16 27.79 -6.07
C ASP C 51 3.72 28.82 -5.11
N SER C 52 3.36 30.09 -5.35
CA SER C 52 3.44 31.16 -4.33
C SER C 52 2.81 30.73 -2.99
N LEU C 53 1.84 29.82 -3.03
CA LEU C 53 1.26 29.30 -1.78
C LEU C 53 2.34 28.67 -0.85
N GLY C 54 3.45 28.19 -1.42
CA GLY C 54 4.54 27.70 -0.60
C GLY C 54 5.02 28.80 0.34
N ASN C 55 5.13 30.05 -0.16
CA ASN C 55 5.50 31.17 0.66
C ASN C 55 4.31 31.67 1.53
N VAL C 56 3.21 32.06 0.90
CA VAL C 56 2.24 32.87 1.60
C VAL C 56 1.26 32.07 2.48
N LEU C 57 0.99 30.81 2.15
CA LEU C 57 0.16 29.94 2.96
C LEU C 57 0.96 28.97 3.81
N GLN C 58 2.01 28.38 3.23
CA GLN C 58 2.79 27.37 3.97
C GLN C 58 3.91 27.97 4.78
N GLY C 59 4.27 29.23 4.53
CA GLY C 59 5.30 29.88 5.32
C GLY C 59 6.75 29.40 5.03
N GLN C 60 6.99 28.82 3.86
CA GLN C 60 8.34 28.27 3.57
C GLN C 60 9.20 29.37 2.98
N ALA C 61 10.53 29.23 3.09
CA ALA C 61 11.41 30.18 2.42
C ALA C 61 11.32 30.07 0.90
N THR C 62 11.07 28.89 0.34
CA THR C 62 11.01 28.82 -1.12
C THR C 62 9.74 28.15 -1.55
N THR C 63 9.47 28.07 -2.85
CA THR C 63 8.28 27.37 -3.33
C THR C 63 8.55 25.87 -3.63
N LEU C 64 9.77 25.41 -3.47
CA LEU C 64 10.15 24.04 -3.87
C LEU C 64 9.46 22.94 -3.04
N PRO C 65 9.13 23.21 -1.76
CA PRO C 65 8.39 22.15 -1.07
C PRO C 65 6.93 21.95 -1.53
N VAL C 66 6.38 22.84 -2.35
CA VAL C 66 5.01 22.71 -2.81
C VAL C 66 4.82 21.42 -3.64
N THR C 67 3.91 20.56 -3.26
CA THR C 67 3.67 19.36 -4.01
C THR C 67 2.50 19.49 -4.97
N LEU C 68 2.41 18.54 -5.88
CA LEU C 68 1.22 18.43 -6.74
C LEU C 68 -0.08 18.26 -5.96
N ASP C 69 -0.06 17.44 -4.94
CA ASP C 69 -1.28 17.25 -4.10
C ASP C 69 -1.69 18.54 -3.46
N ASP C 70 -0.74 19.36 -2.99
CA ASP C 70 -1.02 20.68 -2.47
C ASP C 70 -1.71 21.59 -3.53
N ILE C 71 -1.15 21.69 -4.75
CA ILE C 71 -1.84 22.49 -5.79
C ILE C 71 -3.25 21.93 -6.03
N ALA C 72 -3.37 20.59 -6.08
CA ALA C 72 -4.65 19.94 -6.34
C ALA C 72 -5.67 20.30 -5.29
N TYR C 73 -5.22 20.34 -4.02
CA TYR C 73 -6.11 20.65 -2.91
C TYR C 73 -6.65 22.08 -3.05
N HIS C 74 -5.75 23.03 -3.24
CA HIS C 74 -6.17 24.40 -3.37
C HIS C 74 -6.98 24.65 -4.60
N THR C 75 -6.63 23.98 -5.69
CA THR C 75 -7.42 24.09 -6.91
C THR C 75 -8.85 23.62 -6.67
N ALA C 76 -9.04 22.50 -5.98
CA ALA C 76 -10.42 22.02 -5.71
C ALA C 76 -11.17 23.02 -4.83
N CYS C 77 -10.48 23.67 -3.90
CA CYS C 77 -11.17 24.68 -3.07
C CYS C 77 -11.68 25.84 -3.91
N VAL C 78 -10.80 26.37 -4.74
CA VAL C 78 -11.13 27.51 -5.60
C VAL C 78 -12.27 27.10 -6.55
N ALA C 79 -12.18 25.90 -7.12
CA ALA C 79 -13.18 25.44 -8.09
C ALA C 79 -14.57 25.24 -7.49
N ARG C 80 -14.64 24.84 -6.22
CA ARG C 80 -15.94 24.67 -5.55
C ARG C 80 -16.73 26.00 -5.43
N ALA C 81 -16.05 27.15 -5.46
CA ALA C 81 -16.70 28.43 -5.59
C ALA C 81 -17.33 28.60 -6.95
N GLN C 82 -17.00 27.77 -7.93
CA GLN C 82 -17.57 27.86 -9.29
C GLN C 82 -17.41 29.26 -9.91
N PRO C 83 -16.16 29.70 -10.00
CA PRO C 83 -16.05 31.04 -10.52
C PRO C 83 -16.39 31.15 -12.03
N ARG C 84 -16.83 32.33 -12.46
CA ARG C 84 -17.00 32.59 -13.86
C ARG C 84 -15.65 32.85 -14.52
N GLY C 85 -14.67 33.32 -13.76
CA GLY C 85 -13.31 33.44 -14.29
C GLY C 85 -12.61 32.11 -14.55
N LEU C 86 -11.50 32.18 -15.28
CA LEU C 86 -10.75 31.03 -15.69
C LEU C 86 -9.88 30.60 -14.53
N VAL C 87 -9.94 29.31 -14.17
CA VAL C 87 -9.11 28.76 -13.08
C VAL C 87 -7.85 28.22 -13.71
N VAL C 88 -6.70 28.79 -13.36
CA VAL C 88 -5.43 28.29 -13.84
C VAL C 88 -4.63 27.70 -12.66
N ALA C 89 -4.02 26.49 -12.82
CA ALA C 89 -3.15 25.90 -11.80
C ALA C 89 -1.69 25.71 -12.25
N ASP C 90 -0.73 26.06 -11.38
CA ASP C 90 0.68 25.80 -11.64
C ASP C 90 1.02 24.31 -11.48
N LEU C 91 1.79 23.75 -12.42
CA LEU C 91 2.43 22.48 -12.16
C LEU C 91 3.65 22.83 -11.37
N PRO C 92 3.76 22.27 -10.15
CA PRO C 92 4.90 22.65 -9.32
C PRO C 92 6.21 22.06 -9.81
N PHE C 93 7.31 22.61 -9.29
CA PHE C 93 8.65 22.08 -9.50
C PHE C 93 8.74 20.59 -9.40
N GLY C 94 9.29 19.94 -10.42
CA GLY C 94 9.62 18.55 -10.36
C GLY C 94 8.57 17.67 -11.00
N THR C 95 7.42 18.25 -11.37
CA THR C 95 6.29 17.46 -11.86
C THR C 95 6.08 17.48 -13.42
N TYR C 96 7.02 18.07 -14.12
CA TYR C 96 6.95 18.09 -15.60
C TYR C 96 8.29 17.84 -16.25
N GLY C 97 9.03 16.87 -15.70
CA GLY C 97 10.38 16.59 -16.15
C GLY C 97 10.43 15.82 -17.46
N THR C 98 9.37 15.09 -17.78
CA THR C 98 9.14 14.61 -19.15
C THR C 98 7.71 14.96 -19.63
N PRO C 99 7.45 14.88 -20.96
CA PRO C 99 6.09 15.16 -21.42
C PRO C 99 5.00 14.25 -20.82
N ALA C 100 5.23 12.94 -20.68
CA ALA C 100 4.23 12.03 -20.12
C ALA C 100 4.00 12.38 -18.65
N ASP C 101 5.04 12.75 -17.93
CA ASP C 101 4.87 13.16 -16.54
C ASP C 101 4.01 14.44 -16.42
N ALA C 102 4.29 15.38 -17.29
CA ALA C 102 3.62 16.67 -17.36
C ALA C 102 2.14 16.46 -17.59
N PHE C 103 1.84 15.54 -18.50
CA PHE C 103 0.48 15.23 -18.83
C PHE C 103 -0.21 14.56 -17.61
N ALA C 104 0.41 13.58 -16.92
CA ALA C 104 -0.21 12.98 -15.71
C ALA C 104 -0.50 14.03 -14.62
N SER C 105 0.46 14.92 -14.42
CA SER C 105 0.30 16.03 -13.48
C SER C 105 -0.82 16.99 -13.85
N ALA C 106 -0.85 17.39 -15.11
CA ALA C 106 -1.90 18.27 -15.60
C ALA C 106 -3.27 17.65 -15.46
N VAL C 107 -3.41 16.38 -15.83
CA VAL C 107 -4.68 15.66 -15.71
C VAL C 107 -5.25 15.69 -14.29
N LYS C 108 -4.39 15.48 -13.31
CA LYS C 108 -4.78 15.52 -11.93
C LYS C 108 -5.30 16.91 -11.58
N LEU C 109 -4.63 17.96 -12.02
CA LEU C 109 -5.06 19.31 -11.73
C LEU C 109 -6.34 19.64 -12.44
N MET C 110 -6.50 19.10 -13.66
CA MET C 110 -7.74 19.39 -14.39
C MET C 110 -8.90 18.62 -13.80
N ARG C 111 -8.66 17.40 -13.33
CA ARG C 111 -9.74 16.67 -12.65
C ARG C 111 -10.22 17.42 -11.41
N ALA C 112 -9.33 18.14 -10.76
CA ALA C 112 -9.62 18.89 -9.54
C ALA C 112 -10.27 20.24 -9.80
N GLY C 113 -10.41 20.65 -11.07
CA GLY C 113 -11.06 21.91 -11.44
C GLY C 113 -10.20 22.90 -12.25
N ALA C 114 -8.91 22.65 -12.46
CA ALA C 114 -8.11 23.59 -13.28
C ALA C 114 -8.62 23.57 -14.74
N GLN C 115 -8.69 24.73 -15.39
CA GLN C 115 -9.10 24.82 -16.81
C GLN C 115 -7.89 25.00 -17.73
N MET C 116 -6.73 25.23 -17.14
CA MET C 116 -5.49 25.46 -17.81
C MET C 116 -4.39 25.29 -16.80
N VAL C 117 -3.24 24.81 -17.26
CA VAL C 117 -2.10 24.67 -16.37
C VAL C 117 -0.93 25.54 -16.80
N LYS C 118 -0.14 25.95 -15.83
CA LYS C 118 0.99 26.82 -16.05
C LYS C 118 2.30 26.07 -15.79
N LEU C 119 3.20 26.10 -16.77
CA LEU C 119 4.53 25.48 -16.70
C LEU C 119 5.60 26.55 -16.93
N GLU C 120 6.55 26.67 -16.00
CA GLU C 120 7.65 27.63 -16.09
C GLU C 120 8.84 26.99 -16.76
N GLY C 121 9.35 27.64 -17.81
CA GLY C 121 10.53 27.13 -18.50
C GLY C 121 10.66 27.86 -19.82
N GLY C 122 11.83 27.79 -20.40
CA GLY C 122 12.03 28.44 -21.66
C GLY C 122 11.75 27.46 -22.78
N GLU C 123 12.49 27.71 -23.86
CA GLU C 123 12.43 26.99 -25.13
C GLU C 123 12.42 25.45 -25.08
N TRP C 124 13.19 24.89 -24.13
CA TRP C 124 13.23 23.43 -23.88
C TRP C 124 11.85 22.80 -23.60
N LEU C 125 10.88 23.63 -23.22
CA LEU C 125 9.55 23.14 -22.86
C LEU C 125 8.71 22.89 -24.07
N ALA C 126 9.14 23.41 -25.22
CA ALA C 126 8.39 23.35 -26.45
C ALA C 126 7.71 22.02 -26.71
N GLU C 127 8.48 20.95 -26.64
CA GLU C 127 7.93 19.62 -26.91
C GLU C 127 6.85 19.21 -25.87
N THR C 128 7.03 19.63 -24.61
CA THR C 128 6.07 19.31 -23.55
C THR C 128 4.80 20.05 -23.78
N VAL C 129 4.91 21.31 -24.22
CA VAL C 129 3.72 22.15 -24.41
C VAL C 129 2.88 21.58 -25.53
N ARG C 130 3.58 21.18 -26.59
CA ARG C 130 2.89 20.62 -27.74
C ARG C 130 2.16 19.33 -27.37
N PHE C 131 2.82 18.50 -26.55
CA PHE C 131 2.29 17.20 -26.11
C PHE C 131 1.00 17.45 -25.35
N LEU C 132 1.02 18.43 -24.47
CA LEU C 132 -0.13 18.72 -23.62
C LEU C 132 -1.29 19.26 -24.44
N VAL C 133 -1.00 20.26 -25.27
CA VAL C 133 -2.02 20.96 -26.07
C VAL C 133 -2.69 19.97 -27.05
N GLU C 134 -1.88 19.20 -27.75
CA GLU C 134 -2.43 18.11 -28.61
C GLU C 134 -3.40 17.25 -27.83
N ARG C 135 -3.11 16.95 -26.57
CA ARG C 135 -4.03 16.14 -25.78
C ARG C 135 -5.08 16.91 -25.02
N ALA C 136 -5.37 18.13 -25.48
CA ALA C 136 -6.46 18.99 -24.92
C ALA C 136 -6.22 19.52 -23.51
N VAL C 137 -4.95 19.68 -23.10
CA VAL C 137 -4.64 20.40 -21.88
C VAL C 137 -4.25 21.85 -22.31
N PRO C 138 -5.05 22.88 -21.97
CA PRO C 138 -4.56 24.25 -22.31
C PRO C 138 -3.43 24.67 -21.41
N VAL C 139 -2.46 25.37 -21.99
CA VAL C 139 -1.22 25.70 -21.33
C VAL C 139 -0.95 27.19 -21.24
N CYS C 140 -0.54 27.62 -20.07
CA CYS C 140 -0.05 28.95 -19.84
C CYS C 140 1.45 28.84 -19.65
N ALA C 141 2.21 29.56 -20.46
CA ALA C 141 3.67 29.54 -20.33
C ALA C 141 4.10 30.55 -19.28
N HIS C 142 5.37 30.53 -18.94
CA HIS C 142 5.86 31.42 -17.93
C HIS C 142 7.36 31.57 -18.08
N VAL C 143 7.80 32.79 -18.41
CA VAL C 143 9.20 33.08 -18.65
C VAL C 143 9.64 34.35 -17.90
N GLY C 144 10.93 34.57 -17.83
CA GLY C 144 11.42 35.81 -17.21
C GLY C 144 12.92 35.92 -17.31
N LEU C 145 13.47 36.95 -16.69
CA LEU C 145 14.92 37.17 -16.65
C LEU C 145 15.41 36.96 -15.18
N GLY C 165 20.26 38.19 -22.36
CA GLY C 165 19.00 37.86 -21.71
C GLY C 165 17.76 38.16 -22.54
N ALA C 166 17.57 39.42 -22.92
CA ALA C 166 16.40 39.81 -23.71
C ALA C 166 16.17 39.00 -24.97
N ALA C 167 17.21 38.76 -25.77
CA ALA C 167 17.01 37.98 -27.01
C ALA C 167 16.53 36.54 -26.69
N GLN C 168 17.14 35.89 -25.72
CA GLN C 168 16.72 34.54 -25.35
C GLN C 168 15.26 34.54 -24.84
N LEU C 169 14.90 35.54 -24.03
CA LEU C 169 13.50 35.69 -23.58
C LEU C 169 12.51 35.67 -24.72
N LEU C 170 12.75 36.44 -25.78
CA LEU C 170 11.81 36.45 -26.89
C LEU C 170 11.83 35.09 -27.62
N ARG C 171 12.99 34.48 -27.64
CA ARG C 171 13.11 33.17 -28.22
C ARG C 171 12.29 32.09 -27.46
N ASP C 172 12.38 32.11 -26.13
CA ASP C 172 11.63 31.23 -25.23
C ASP C 172 10.15 31.46 -25.52
N ALA C 173 9.71 32.72 -25.39
CA ALA C 173 8.30 33.08 -25.62
C ALA C 173 7.77 32.58 -26.99
N ARG C 174 8.58 32.72 -28.04
CA ARG C 174 8.13 32.38 -29.38
C ARG C 174 8.05 30.87 -29.53
N ALA C 175 8.98 30.14 -28.93
CA ALA C 175 8.96 28.68 -28.97
C ALA C 175 7.73 28.08 -28.21
N VAL C 176 7.36 28.62 -27.05
CA VAL C 176 6.19 28.08 -26.34
C VAL C 176 4.87 28.50 -26.97
N GLU C 177 4.83 29.68 -27.58
CA GLU C 177 3.69 30.03 -28.44
C GLU C 177 3.55 29.12 -29.64
N GLU C 178 4.64 28.90 -30.37
CA GLU C 178 4.55 28.04 -31.57
C GLU C 178 4.03 26.67 -31.13
N ALA C 179 4.52 26.16 -30.01
CA ALA C 179 4.11 24.84 -29.51
C ALA C 179 2.66 24.78 -29.06
N GLY C 180 2.01 25.92 -28.88
CA GLY C 180 0.59 25.92 -28.57
C GLY C 180 0.13 26.63 -27.29
N ALA C 181 1.02 27.17 -26.49
CA ALA C 181 0.59 27.93 -25.33
C ALA C 181 -0.42 29.00 -25.72
N GLN C 182 -1.49 29.15 -24.95
CA GLN C 182 -2.51 30.19 -25.23
C GLN C 182 -2.44 31.39 -24.29
N LEU C 183 -1.46 31.37 -23.38
CA LEU C 183 -1.28 32.47 -22.44
C LEU C 183 0.14 32.41 -21.98
N ILE C 184 0.71 33.55 -21.66
CA ILE C 184 2.09 33.57 -21.17
C ILE C 184 2.26 34.63 -20.12
N VAL C 185 2.92 34.21 -19.04
CA VAL C 185 3.34 35.10 -17.97
C VAL C 185 4.77 35.52 -18.14
N LEU C 186 5.00 36.83 -18.01
CA LEU C 186 6.33 37.47 -18.05
C LEU C 186 6.62 37.98 -16.66
N GLU C 187 7.71 37.51 -16.07
CA GLU C 187 8.04 37.84 -14.69
C GLU C 187 9.38 38.56 -14.57
N ALA C 188 9.41 39.71 -13.90
CA ALA C 188 10.70 40.42 -13.62
C ALA C 188 11.47 40.75 -14.93
N VAL C 189 10.84 41.57 -15.77
CA VAL C 189 11.34 41.92 -17.09
C VAL C 189 11.31 43.45 -17.27
N PRO C 190 12.38 44.07 -17.82
CA PRO C 190 12.27 45.53 -18.07
C PRO C 190 11.07 45.86 -18.93
N THR C 191 10.42 46.98 -18.64
CA THR C 191 9.20 47.36 -19.31
C THR C 191 9.39 47.36 -20.83
N LEU C 192 10.53 47.84 -21.29
CA LEU C 192 10.72 47.94 -22.78
C LEU C 192 10.87 46.59 -23.40
N VAL C 193 11.49 45.67 -22.66
CA VAL C 193 11.67 44.29 -23.17
C VAL C 193 10.31 43.61 -23.26
N ALA C 194 9.47 43.80 -22.24
CA ALA C 194 8.15 43.19 -22.18
C ALA C 194 7.26 43.78 -23.27
N ALA C 195 7.35 45.08 -23.46
CA ALA C 195 6.66 45.76 -24.62
C ALA C 195 7.00 45.04 -25.92
N GLU C 196 8.27 44.76 -26.11
CA GLU C 196 8.74 44.09 -27.33
C GLU C 196 8.14 42.71 -27.44
N VAL C 197 8.13 41.98 -26.34
CA VAL C 197 7.66 40.62 -26.40
C VAL C 197 6.20 40.59 -26.68
N THR C 198 5.46 41.45 -26.00
CA THR C 198 4.03 41.53 -26.23
C THR C 198 3.73 41.84 -27.68
N ARG C 199 4.48 42.77 -28.27
CA ARG C 199 4.28 43.14 -29.68
C ARG C 199 4.60 41.98 -30.59
N GLU C 200 5.61 41.19 -30.28
CA GLU C 200 5.95 40.11 -31.21
C GLU C 200 5.02 38.91 -31.11
N LEU C 201 4.48 38.65 -29.92
CA LEU C 201 3.64 37.50 -29.71
C LEU C 201 2.22 37.83 -30.18
N SER C 202 1.49 36.81 -30.56
CA SER C 202 0.10 36.99 -30.90
C SER C 202 -0.87 36.59 -29.76
N ILE C 203 -0.38 35.77 -28.82
CA ILE C 203 -1.16 35.42 -27.59
C ILE C 203 -1.02 36.48 -26.47
N PRO C 204 -2.00 36.54 -25.59
CA PRO C 204 -1.89 37.53 -24.49
C PRO C 204 -0.75 37.30 -23.51
N THR C 205 -0.09 38.38 -23.10
CA THR C 205 0.96 38.31 -22.12
C THR C 205 0.42 38.88 -20.81
N ILE C 206 0.89 38.31 -19.70
CA ILE C 206 0.46 38.75 -18.38
C ILE C 206 1.69 39.06 -17.58
N GLY C 207 1.84 40.33 -17.18
CA GLY C 207 3.04 40.71 -16.45
C GLY C 207 2.91 40.62 -14.95
N ILE C 208 4.05 40.38 -14.33
CA ILE C 208 4.26 40.57 -12.91
C ILE C 208 5.68 41.05 -12.78
N GLY C 209 5.84 42.30 -12.36
CA GLY C 209 7.12 43.01 -12.36
C GLY C 209 7.64 43.17 -13.78
N ALA C 210 6.76 43.26 -14.77
CA ALA C 210 7.15 43.48 -16.17
C ALA C 210 6.56 44.74 -16.77
N GLY C 211 6.12 45.66 -15.93
CA GLY C 211 5.56 46.92 -16.38
C GLY C 211 4.21 46.81 -17.03
N ALA C 212 3.76 47.91 -17.63
CA ALA C 212 2.40 48.09 -18.08
C ALA C 212 2.13 47.69 -19.53
N GLU C 213 3.19 47.38 -20.30
CA GLU C 213 2.98 47.05 -21.73
C GLU C 213 2.80 45.53 -21.96
N CYS C 214 1.81 44.99 -21.28
CA CYS C 214 1.43 43.59 -21.32
C CYS C 214 -0.07 43.55 -21.56
N SER C 215 -0.58 42.41 -22.02
CA SER C 215 -2.00 42.25 -22.26
C SER C 215 -2.80 42.16 -20.92
N GLY C 216 -2.09 42.06 -19.83
CA GLY C 216 -2.66 41.98 -18.48
C GLY C 216 -1.61 41.88 -17.40
N GLN C 217 -2.07 41.65 -16.17
CA GLN C 217 -1.28 41.65 -14.95
C GLN C 217 -1.72 40.52 -13.97
N VAL C 218 -0.76 40.00 -13.23
CA VAL C 218 -1.00 39.14 -12.11
C VAL C 218 -0.21 39.69 -10.91
N LEU C 219 -0.80 39.51 -9.73
CA LEU C 219 -0.15 39.75 -8.42
C LEU C 219 -0.54 38.62 -7.50
N VAL C 220 0.31 38.34 -6.50
CA VAL C 220 -0.02 37.43 -5.44
C VAL C 220 -1.03 38.17 -4.55
N LEU C 221 -2.19 37.59 -4.33
CA LEU C 221 -3.27 38.18 -3.52
C LEU C 221 -2.85 38.81 -2.19
N HIS C 222 -2.11 38.07 -1.39
CA HIS C 222 -1.70 38.53 -0.10
C HIS C 222 -0.79 39.78 -0.20
N ASP C 223 -0.07 39.98 -1.32
CA ASP C 223 0.77 41.15 -1.47
C ASP C 223 -0.10 42.33 -1.77
N MET C 224 -1.02 42.19 -2.71
CA MET C 224 -1.88 43.29 -3.05
C MET C 224 -2.88 43.67 -1.96
N LEU C 225 -3.08 42.80 -0.96
CA LEU C 225 -3.97 43.11 0.17
C LEU C 225 -3.16 43.66 1.32
N GLY C 226 -1.84 43.74 1.13
CA GLY C 226 -0.90 44.23 2.16
C GLY C 226 -0.68 43.35 3.38
N VAL C 227 -0.81 42.03 3.23
CA VAL C 227 -0.73 41.09 4.33
C VAL C 227 0.71 40.55 4.61
N PHE C 228 1.73 41.14 3.99
CA PHE C 228 3.17 40.93 4.34
C PHE C 228 3.70 41.72 5.56
N PRO C 229 4.66 41.13 6.29
CA PRO C 229 5.51 42.08 7.03
C PRO C 229 6.71 42.39 6.11
N GLY C 230 7.18 43.64 6.18
CA GLY C 230 8.43 44.04 5.53
C GLY C 230 8.23 44.96 4.35
N LYS C 231 9.12 44.83 3.36
CA LYS C 231 9.01 45.67 2.18
C LYS C 231 7.88 45.11 1.34
N ARG C 232 7.00 46.01 0.97
CA ARG C 232 6.19 45.76 -0.20
C ARG C 232 7.25 45.45 -1.25
N PRO C 233 7.05 44.39 -2.06
CA PRO C 233 7.88 44.31 -3.25
C PRO C 233 7.57 45.50 -4.12
N ARG C 234 8.59 45.97 -4.82
CA ARG C 234 8.56 47.19 -5.62
C ARG C 234 7.53 47.18 -6.79
N PHE C 235 7.31 45.98 -7.36
CA PHE C 235 6.34 45.79 -8.44
C PHE C 235 4.88 45.59 -7.91
N VAL C 236 4.68 45.68 -6.60
CA VAL C 236 3.36 45.48 -6.01
C VAL C 236 2.79 46.77 -5.54
N LYS C 237 1.50 46.99 -5.76
CA LYS C 237 0.81 48.03 -5.03
C LYS C 237 -0.13 47.42 -3.99
N ASP C 238 -0.11 47.98 -2.78
CA ASP C 238 -1.08 47.61 -1.74
C ASP C 238 -2.41 48.26 -2.02
N PHE C 239 -3.34 47.52 -2.59
CA PHE C 239 -4.65 48.06 -2.95
C PHE C 239 -5.66 48.18 -1.79
N MET C 240 -5.30 47.67 -0.61
CA MET C 240 -6.19 47.68 0.55
C MET C 240 -6.12 49.07 1.06
N GLN C 241 -4.93 49.65 1.03
CA GLN C 241 -4.74 50.93 1.72
C GLN C 241 -5.79 51.93 1.39
N GLY C 242 -6.54 52.28 2.45
CA GLY C 242 -7.66 53.25 2.39
C GLY C 242 -8.74 52.88 1.39
N GLN C 243 -9.04 51.59 1.28
CA GLN C 243 -10.28 51.16 0.66
C GLN C 243 -11.17 50.78 1.82
N PRO C 244 -12.48 50.81 1.59
CA PRO C 244 -13.29 50.56 2.76
C PRO C 244 -13.44 49.04 3.08
N SER C 245 -13.07 48.16 2.12
CA SER C 245 -13.33 46.73 2.26
C SER C 245 -12.35 45.92 1.41
N ILE C 246 -12.19 44.64 1.73
CA ILE C 246 -11.40 43.75 0.89
C ILE C 246 -11.95 43.66 -0.53
N PHE C 247 -13.26 43.58 -0.65
CA PHE C 247 -13.95 43.63 -1.95
C PHE C 247 -13.58 44.86 -2.79
N ALA C 248 -13.55 46.01 -2.16
CA ALA C 248 -13.26 47.27 -2.79
C ALA C 248 -11.78 47.35 -3.21
N ALA C 249 -10.88 46.78 -2.40
CA ALA C 249 -9.44 46.64 -2.77
C ALA C 249 -9.26 45.83 -4.05
N VAL C 250 -10.01 44.76 -4.17
CA VAL C 250 -9.93 43.87 -5.33
C VAL C 250 -10.57 44.52 -6.55
N GLU C 251 -11.74 45.11 -6.39
CA GLU C 251 -12.31 45.85 -7.49
C GLU C 251 -11.37 47.00 -7.94
N ALA C 252 -10.69 47.69 -7.02
CA ALA C 252 -9.71 48.72 -7.41
C ALA C 252 -8.58 48.15 -8.27
N TYR C 253 -8.05 46.99 -7.86
CA TYR C 253 -7.07 46.28 -8.66
C TYR C 253 -7.56 46.01 -10.05
N VAL C 254 -8.76 45.46 -10.21
CA VAL C 254 -9.23 45.09 -11.53
C VAL C 254 -9.39 46.34 -12.41
N ARG C 255 -10.01 47.38 -11.86
CA ARG C 255 -10.18 48.65 -12.59
C ARG C 255 -8.84 49.33 -12.95
N ALA C 256 -7.87 49.26 -12.07
CA ALA C 256 -6.56 49.86 -12.29
C ALA C 256 -5.80 49.11 -13.40
N VAL C 257 -5.98 47.79 -13.46
CA VAL C 257 -5.32 46.99 -14.48
C VAL C 257 -5.96 47.40 -15.82
N LYS C 258 -7.28 47.54 -15.82
CA LYS C 258 -8.05 47.74 -17.04
C LYS C 258 -7.96 49.14 -17.59
N ASP C 259 -7.83 50.13 -16.73
CA ASP C 259 -7.58 51.51 -17.20
C ASP C 259 -6.08 51.82 -17.37
N GLY C 260 -5.20 50.87 -17.06
CA GLY C 260 -3.77 51.03 -17.36
C GLY C 260 -2.96 51.83 -16.39
N SER C 261 -3.57 52.21 -15.28
CA SER C 261 -2.78 52.89 -14.31
C SER C 261 -2.17 52.07 -13.21
N PHE C 262 -2.49 50.79 -13.04
CA PHE C 262 -1.51 49.72 -12.70
C PHE C 262 -1.03 48.64 -13.69
N PRO C 263 0.29 48.39 -13.70
CA PRO C 263 1.32 48.91 -12.82
C PRO C 263 1.70 50.31 -13.27
N GLY C 264 2.07 51.15 -12.31
CA GLY C 264 2.48 52.52 -12.60
C GLY C 264 3.98 52.47 -12.85
N PRO C 265 4.56 53.61 -13.26
CA PRO C 265 5.98 53.69 -13.50
C PRO C 265 6.79 53.32 -12.28
N GLU C 266 6.31 53.66 -11.09
CA GLU C 266 7.05 53.36 -9.88
C GLU C 266 7.05 51.84 -9.55
N HIS C 267 6.26 51.06 -10.32
CA HIS C 267 6.10 49.63 -10.12
C HIS C 267 6.82 48.82 -11.21
N SER C 268 7.48 49.54 -12.13
CA SER C 268 8.14 48.99 -13.33
C SER C 268 9.67 49.26 -13.28
N PHE C 269 10.44 48.70 -14.19
CA PHE C 269 11.88 49.01 -14.24
C PHE C 269 12.49 48.82 -15.64
N HIS D 7 21.44 39.21 0.05
CA HIS D 7 22.81 39.77 0.23
C HIS D 7 23.57 39.15 1.43
N HIS D 8 22.87 38.37 2.24
CA HIS D 8 23.51 37.54 3.27
C HIS D 8 23.78 36.08 2.71
N MET D 9 22.92 35.58 1.84
CA MET D 9 23.00 34.20 1.29
C MET D 9 24.16 33.89 0.34
N VAL D 10 24.90 32.80 0.58
CA VAL D 10 25.92 32.33 -0.39
C VAL D 10 25.25 31.54 -1.52
N THR D 11 25.32 32.06 -2.74
CA THR D 11 24.65 31.51 -3.90
C THR D 11 25.68 30.90 -4.84
N VAL D 12 25.20 30.12 -5.80
CA VAL D 12 26.06 29.58 -6.85
C VAL D 12 26.84 30.67 -7.63
N PRO D 13 26.17 31.77 -8.06
CA PRO D 13 26.96 32.89 -8.64
C PRO D 13 28.04 33.45 -7.72
N LYS D 14 27.78 33.47 -6.42
CA LYS D 14 28.73 34.03 -5.45
C LYS D 14 29.98 33.17 -5.34
N LEU D 15 29.84 31.86 -5.48
CA LEU D 15 31.00 30.98 -5.46
C LEU D 15 31.84 31.18 -6.74
N GLN D 16 31.16 31.41 -7.86
CA GLN D 16 31.86 31.74 -9.10
C GLN D 16 32.66 33.04 -8.97
N ALA D 17 32.04 34.09 -8.43
CA ALA D 17 32.77 35.33 -8.07
C ALA D 17 33.99 35.10 -7.18
N MET D 18 33.86 34.20 -6.21
CA MET D 18 34.97 33.89 -5.31
C MET D 18 36.19 33.29 -6.05
N ARG D 19 35.94 32.42 -7.00
CA ARG D 19 37.02 31.90 -7.83
C ARG D 19 37.70 33.05 -8.61
N GLU D 20 36.91 33.93 -9.24
CA GLU D 20 37.49 35.05 -10.03
C GLU D 20 38.27 36.01 -9.13
N ALA D 21 37.71 36.34 -7.98
CA ALA D 21 38.35 37.27 -7.06
C ALA D 21 39.45 36.56 -6.26
N GLY D 22 39.60 35.24 -6.45
CA GLY D 22 40.63 34.47 -5.75
C GLY D 22 40.32 34.11 -4.29
N GLU D 23 39.08 34.26 -3.83
CA GLU D 23 38.76 33.90 -2.44
C GLU D 23 38.49 32.39 -2.34
N LYS D 24 39.20 31.73 -1.44
CA LYS D 24 39.11 30.28 -1.39
C LYS D 24 37.83 29.84 -0.68
N ILE D 25 37.17 28.80 -1.22
CA ILE D 25 35.85 28.34 -0.76
C ILE D 25 36.04 27.25 0.29
N ALA D 26 35.45 27.47 1.45
CA ALA D 26 35.61 26.53 2.54
C ALA D 26 34.30 25.74 2.67
N MET D 27 34.41 24.44 2.50
CA MET D 27 33.23 23.57 2.48
C MET D 27 33.48 22.53 3.53
N LEU D 28 32.39 22.09 4.18
CA LEU D 28 32.43 21.02 5.17
C LEU D 28 31.13 20.23 5.09
N THR D 29 31.24 18.93 5.43
CA THR D 29 30.06 18.09 5.48
C THR D 29 29.27 18.48 6.73
N SER D 30 27.98 18.28 6.70
CA SER D 30 27.10 18.70 7.76
C SER D 30 25.85 17.84 7.63
N TYR D 31 25.36 17.36 8.75
CA TYR D 31 24.30 16.37 8.78
C TYR D 31 23.21 16.65 9.80
N ASP D 32 23.33 17.72 10.59
CA ASP D 32 22.33 18.06 11.62
C ASP D 32 22.29 19.56 11.95
N ALA D 33 21.19 19.99 12.58
CA ALA D 33 20.89 21.40 12.77
C ALA D 33 21.91 22.12 13.65
N SER D 34 22.39 21.48 14.71
CA SER D 34 23.27 22.13 15.70
C SER D 34 24.61 22.49 15.06
N PHE D 35 25.18 21.50 14.39
CA PHE D 35 26.43 21.71 13.73
C PHE D 35 26.22 22.61 12.55
N ALA D 36 25.08 22.51 11.87
CA ALA D 36 24.82 23.40 10.74
C ALA D 36 24.93 24.87 11.18
N ALA D 37 24.25 25.23 12.26
CA ALA D 37 24.29 26.58 12.86
C ALA D 37 25.72 27.03 13.25
N LEU D 38 26.44 26.22 13.99
CA LEU D 38 27.85 26.47 14.33
C LEU D 38 28.72 26.69 13.09
N LEU D 39 28.65 25.81 12.10
CA LEU D 39 29.35 26.04 10.85
C LEU D 39 28.96 27.39 10.21
N ASP D 40 27.68 27.72 10.21
CA ASP D 40 27.28 28.96 9.59
C ASP D 40 27.81 30.16 10.36
N ARG D 41 27.82 30.10 11.68
CA ARG D 41 28.40 31.14 12.49
C ARG D 41 29.92 31.28 12.24
N ALA D 42 30.59 30.17 11.93
CA ALA D 42 32.00 30.19 11.58
C ALA D 42 32.24 30.61 10.12
N ASN D 43 31.16 31.00 9.43
CA ASN D 43 31.19 31.40 8.02
C ASN D 43 31.71 30.33 7.06
N VAL D 44 31.35 29.07 7.29
CA VAL D 44 31.57 28.03 6.30
C VAL D 44 30.75 28.41 5.06
N ASP D 45 31.35 28.29 3.88
CA ASP D 45 30.71 28.73 2.62
C ASP D 45 29.66 27.74 2.08
N VAL D 46 29.97 26.45 2.23
CA VAL D 46 29.15 25.38 1.67
C VAL D 46 29.08 24.23 2.66
N GLN D 47 27.86 23.77 2.94
CA GLN D 47 27.64 22.64 3.81
C GLN D 47 27.15 21.48 2.92
N LEU D 48 27.83 20.36 2.97
CA LEU D 48 27.52 19.20 2.16
C LEU D 48 26.91 18.07 2.99
N ILE D 49 25.68 17.68 2.67
CA ILE D 49 25.13 16.43 3.21
C ILE D 49 25.61 15.29 2.31
N GLY D 50 26.78 14.78 2.61
CA GLY D 50 27.40 13.74 1.82
C GLY D 50 27.07 12.31 2.23
N ASP D 51 27.23 11.37 1.30
CA ASP D 51 27.03 9.98 1.69
C ASP D 51 28.13 9.40 2.63
N SER D 52 29.16 10.20 2.94
CA SER D 52 30.07 9.95 4.07
C SER D 52 29.33 9.71 5.38
N LEU D 53 28.09 10.18 5.51
CA LEU D 53 27.27 9.86 6.66
C LEU D 53 27.10 8.35 6.84
N GLY D 54 27.07 7.59 5.73
CA GLY D 54 27.14 6.14 5.78
C GLY D 54 28.19 5.61 6.78
N ASN D 55 29.39 6.19 6.72
CA ASN D 55 30.48 5.83 7.66
C ASN D 55 30.40 6.53 8.99
N VAL D 56 30.45 7.86 8.96
CA VAL D 56 30.62 8.60 10.18
C VAL D 56 29.35 8.56 11.09
N LEU D 57 28.15 8.51 10.51
CA LEU D 57 26.96 8.56 11.38
C LEU D 57 26.38 7.17 11.55
N GLN D 58 26.29 6.42 10.45
CA GLN D 58 25.62 5.14 10.49
C GLN D 58 26.60 4.00 10.92
N GLY D 59 27.90 4.26 10.93
CA GLY D 59 28.87 3.22 11.24
C GLY D 59 28.95 2.03 10.29
N GLN D 60 28.52 2.20 9.05
CA GLN D 60 28.70 1.21 7.98
C GLN D 60 30.15 1.24 7.45
N ALA D 61 30.62 0.11 6.90
CA ALA D 61 31.97 0.01 6.34
C ALA D 61 32.06 0.71 4.99
N THR D 62 30.98 0.71 4.24
CA THR D 62 30.91 1.49 3.01
C THR D 62 29.70 2.41 3.01
N THR D 63 29.65 3.27 2.01
CA THR D 63 28.58 4.19 1.80
C THR D 63 27.41 3.62 0.96
N LEU D 64 27.52 2.42 0.39
CA LEU D 64 26.44 1.90 -0.46
C LEU D 64 25.09 1.74 0.25
N PRO D 65 25.09 1.45 1.56
CA PRO D 65 23.77 1.35 2.24
C PRO D 65 22.98 2.69 2.35
N VAL D 66 23.64 3.82 2.12
CA VAL D 66 22.99 5.13 2.31
C VAL D 66 21.92 5.34 1.25
N THR D 67 20.69 5.59 1.66
CA THR D 67 19.57 5.72 0.74
C THR D 67 19.18 7.20 0.50
N LEU D 68 18.36 7.42 -0.51
CA LEU D 68 17.82 8.71 -0.79
C LEU D 68 17.05 9.27 0.41
N ASP D 69 16.28 8.43 1.08
CA ASP D 69 15.61 8.90 2.30
C ASP D 69 16.56 9.37 3.41
N ASP D 70 17.73 8.71 3.59
CA ASP D 70 18.71 9.16 4.62
C ASP D 70 19.24 10.55 4.26
N ILE D 71 19.72 10.72 3.02
CA ILE D 71 20.21 12.03 2.59
C ILE D 71 19.14 13.13 2.75
N ALA D 72 17.90 12.85 2.34
CA ALA D 72 16.75 13.74 2.53
C ALA D 72 16.49 14.10 3.99
N TYR D 73 16.59 13.12 4.90
CA TYR D 73 16.38 13.38 6.32
C TYR D 73 17.47 14.34 6.85
N HIS D 74 18.73 14.04 6.59
CA HIS D 74 19.77 14.86 7.09
C HIS D 74 19.80 16.24 6.40
N THR D 75 19.50 16.28 5.09
CA THR D 75 19.27 17.56 4.42
C THR D 75 18.26 18.44 5.16
N ALA D 76 17.10 17.90 5.50
CA ALA D 76 16.04 18.68 6.19
C ALA D 76 16.56 19.23 7.53
N CYS D 77 17.37 18.41 8.25
CA CYS D 77 17.94 18.81 9.52
C CYS D 77 18.87 20.03 9.35
N VAL D 78 19.75 19.97 8.32
CA VAL D 78 20.67 21.07 8.00
C VAL D 78 19.91 22.31 7.55
N ALA D 79 18.94 22.17 6.65
CA ALA D 79 18.14 23.31 6.19
C ALA D 79 17.30 23.96 7.31
N ARG D 80 16.81 23.20 8.30
CA ARG D 80 16.08 23.81 9.39
C ARG D 80 16.94 24.79 10.22
N ALA D 81 18.26 24.72 10.14
CA ALA D 81 19.12 25.72 10.78
C ALA D 81 19.11 27.02 10.00
N GLN D 82 18.65 26.98 8.76
CA GLN D 82 18.54 28.16 7.94
C GLN D 82 19.90 28.80 7.75
N PRO D 83 20.88 28.03 7.24
CA PRO D 83 22.21 28.63 7.12
C PRO D 83 22.28 29.58 5.91
N ARG D 84 23.18 30.57 5.97
CA ARG D 84 23.48 31.45 4.86
C ARG D 84 24.33 30.70 3.84
N GLY D 85 25.12 29.74 4.31
CA GLY D 85 25.94 28.98 3.38
C GLY D 85 25.08 28.16 2.42
N LEU D 86 25.67 27.76 1.30
CA LEU D 86 24.96 26.95 0.34
C LEU D 86 24.85 25.51 0.80
N VAL D 87 23.66 24.91 0.63
CA VAL D 87 23.40 23.55 1.06
C VAL D 87 23.44 22.61 -0.10
N VAL D 88 24.45 21.74 -0.12
CA VAL D 88 24.62 20.76 -1.21
C VAL D 88 24.35 19.34 -0.69
N ALA D 89 23.58 18.56 -1.45
CA ALA D 89 23.29 17.14 -1.08
C ALA D 89 23.72 16.18 -2.15
N ASP D 90 24.35 15.08 -1.74
CA ASP D 90 24.66 13.95 -2.64
C ASP D 90 23.47 13.12 -3.02
N LEU D 91 23.40 12.83 -4.30
CA LEU D 91 22.59 11.72 -4.80
C LEU D 91 23.32 10.44 -4.44
N PRO D 92 22.71 9.59 -3.63
CA PRO D 92 23.40 8.35 -3.31
C PRO D 92 23.48 7.35 -4.49
N PHE D 93 24.32 6.34 -4.28
CA PHE D 93 24.56 5.30 -5.25
C PHE D 93 23.27 4.75 -5.74
N GLY D 94 23.14 4.57 -7.04
CA GLY D 94 21.96 3.93 -7.61
C GLY D 94 20.73 4.79 -7.80
N THR D 95 20.78 6.08 -7.46
CA THR D 95 19.63 6.98 -7.61
C THR D 95 19.73 7.90 -8.83
N TYR D 96 20.75 7.68 -9.64
CA TYR D 96 20.89 8.45 -10.86
C TYR D 96 21.32 7.64 -12.08
N GLY D 97 20.63 6.52 -12.28
CA GLY D 97 20.96 5.59 -13.37
C GLY D 97 20.45 6.00 -14.73
N THR D 98 19.36 6.76 -14.77
CA THR D 98 18.87 7.41 -15.97
C THR D 98 18.62 8.86 -15.61
N PRO D 99 18.63 9.74 -16.63
CA PRO D 99 18.35 11.14 -16.39
C PRO D 99 17.00 11.37 -15.65
N ALA D 100 15.91 10.76 -16.14
CA ALA D 100 14.62 10.79 -15.42
C ALA D 100 14.73 10.44 -13.93
N ASP D 101 15.38 9.33 -13.59
CA ASP D 101 15.58 8.98 -12.16
C ASP D 101 16.38 10.01 -11.39
N ALA D 102 17.50 10.42 -11.98
CA ALA D 102 18.36 11.48 -11.44
C ALA D 102 17.49 12.71 -11.12
N PHE D 103 16.65 13.11 -12.06
CA PHE D 103 15.78 14.25 -11.81
C PHE D 103 14.83 14.02 -10.61
N ALA D 104 14.19 12.85 -10.58
CA ALA D 104 13.27 12.52 -9.48
C ALA D 104 13.99 12.58 -8.16
N SER D 105 15.19 12.00 -8.13
CA SER D 105 16.02 12.10 -6.92
C SER D 105 16.44 13.49 -6.52
N ALA D 106 16.91 14.27 -7.50
CA ALA D 106 17.27 15.66 -7.21
C ALA D 106 16.08 16.39 -6.62
N VAL D 107 14.92 16.18 -7.22
CA VAL D 107 13.71 16.94 -6.85
C VAL D 107 13.40 16.70 -5.35
N LYS D 108 13.52 15.44 -4.91
CA LYS D 108 13.28 15.04 -3.57
C LYS D 108 14.21 15.75 -2.62
N LEU D 109 15.50 15.78 -2.94
CA LEU D 109 16.45 16.51 -2.12
C LEU D 109 16.24 18.04 -2.07
N MET D 110 15.90 18.64 -3.20
CA MET D 110 15.66 20.04 -3.25
C MET D 110 14.36 20.38 -2.49
N ARG D 111 13.36 19.53 -2.53
CA ARG D 111 12.17 19.79 -1.76
C ARG D 111 12.52 19.79 -0.31
N ALA D 112 13.49 18.96 0.10
CA ALA D 112 13.91 18.87 1.51
C ALA D 112 14.86 19.98 1.97
N GLY D 113 15.34 20.80 1.06
CA GLY D 113 16.25 21.87 1.45
C GLY D 113 17.56 21.96 0.69
N ALA D 114 17.90 21.04 -0.22
CA ALA D 114 19.13 21.22 -0.99
C ALA D 114 18.96 22.37 -1.96
N GLN D 115 20.01 23.15 -2.14
CA GLN D 115 20.03 24.17 -3.21
C GLN D 115 20.87 23.72 -4.42
N MET D 116 21.68 22.70 -4.21
CA MET D 116 22.41 22.06 -5.29
C MET D 116 22.56 20.56 -4.94
N VAL D 117 22.70 19.71 -5.94
CA VAL D 117 22.93 18.30 -5.70
C VAL D 117 24.25 17.85 -6.33
N LYS D 118 24.88 16.88 -5.69
CA LYS D 118 26.18 16.35 -6.14
C LYS D 118 26.05 14.91 -6.67
N LEU D 119 26.53 14.73 -7.91
CA LEU D 119 26.56 13.47 -8.66
C LEU D 119 27.99 13.08 -8.95
N GLU D 120 28.36 11.91 -8.50
CA GLU D 120 29.68 11.38 -8.76
C GLU D 120 29.76 10.50 -10.01
N GLY D 121 30.74 10.80 -10.84
CA GLY D 121 30.91 10.14 -12.13
C GLY D 121 31.69 10.99 -13.12
N GLY D 122 32.25 10.34 -14.13
CA GLY D 122 32.99 11.03 -15.16
C GLY D 122 32.10 11.36 -16.36
N GLU D 123 32.77 11.39 -17.50
CA GLU D 123 32.20 11.68 -18.80
C GLU D 123 30.83 11.09 -19.12
N TRP D 124 30.52 9.88 -18.68
CA TRP D 124 29.23 9.32 -19.03
C TRP D 124 28.08 10.17 -18.45
N LEU D 125 28.34 10.94 -17.40
CA LEU D 125 27.27 11.73 -16.70
C LEU D 125 26.82 12.97 -17.45
N ALA D 126 27.41 13.27 -18.60
CA ALA D 126 27.17 14.56 -19.22
C ALA D 126 25.70 14.79 -19.57
N GLU D 127 25.08 13.81 -20.23
CA GLU D 127 23.68 13.90 -20.62
C GLU D 127 22.79 14.12 -19.35
N THR D 128 23.09 13.41 -18.26
CA THR D 128 22.37 13.58 -16.98
C THR D 128 22.51 14.97 -16.38
N VAL D 129 23.74 15.51 -16.41
CA VAL D 129 23.99 16.86 -15.96
C VAL D 129 23.17 17.86 -16.76
N ARG D 130 23.23 17.73 -18.08
CA ARG D 130 22.49 18.60 -18.98
C ARG D 130 20.97 18.58 -18.72
N PHE D 131 20.45 17.38 -18.52
CA PHE D 131 19.05 17.17 -18.24
C PHE D 131 18.57 17.88 -16.95
N LEU D 132 19.35 17.76 -15.89
CA LEU D 132 19.08 18.43 -14.60
C LEU D 132 19.18 19.96 -14.70
N VAL D 133 20.27 20.45 -15.29
CA VAL D 133 20.51 21.88 -15.33
C VAL D 133 19.42 22.54 -16.16
N GLU D 134 19.03 21.92 -17.26
CA GLU D 134 17.95 22.44 -18.07
C GLU D 134 16.64 22.61 -17.26
N ARG D 135 16.42 21.70 -16.31
CA ARG D 135 15.19 21.69 -15.52
C ARG D 135 15.41 22.38 -14.15
N ALA D 136 16.37 23.28 -14.11
CA ALA D 136 16.63 24.19 -13.00
C ALA D 136 17.19 23.48 -11.76
N VAL D 137 17.87 22.35 -11.94
CA VAL D 137 18.58 21.71 -10.80
C VAL D 137 20.08 22.05 -10.87
N PRO D 138 20.60 22.88 -9.93
CA PRO D 138 22.03 23.16 -9.95
C PRO D 138 22.84 21.92 -9.55
N VAL D 139 23.94 21.68 -10.29
CA VAL D 139 24.74 20.49 -10.15
C VAL D 139 26.21 20.76 -9.81
N CYS D 140 26.69 19.95 -8.87
CA CYS D 140 28.03 19.86 -8.46
C CYS D 140 28.55 18.47 -8.92
N ALA D 141 29.59 18.48 -9.73
CA ALA D 141 30.18 17.23 -10.19
C ALA D 141 31.20 16.72 -9.19
N HIS D 142 31.64 15.51 -9.38
CA HIS D 142 32.54 14.88 -8.45
C HIS D 142 33.33 13.86 -9.21
N VAL D 143 34.63 14.09 -9.33
CA VAL D 143 35.51 13.20 -10.12
C VAL D 143 36.78 12.92 -9.33
N GLY D 144 37.55 11.95 -9.82
CA GLY D 144 38.82 11.58 -9.16
C GLY D 144 39.55 10.46 -9.89
N GLY D 165 44.78 8.59 -17.63
CA GLY D 165 44.79 8.70 -16.14
C GLY D 165 44.47 10.14 -15.78
N ALA D 166 45.49 10.98 -15.61
CA ALA D 166 45.30 12.40 -15.46
C ALA D 166 44.53 12.97 -16.63
N ALA D 167 44.67 12.34 -17.80
CA ALA D 167 44.02 12.77 -19.03
C ALA D 167 42.52 12.41 -19.11
N GLN D 168 42.13 11.27 -18.55
CA GLN D 168 40.69 10.95 -18.43
C GLN D 168 40.04 11.89 -17.40
N LEU D 169 40.73 12.09 -16.28
CA LEU D 169 40.26 12.98 -15.23
C LEU D 169 39.99 14.32 -15.85
N LEU D 170 40.91 14.80 -16.68
CA LEU D 170 40.75 16.10 -17.30
C LEU D 170 39.59 16.13 -18.29
N ARG D 171 39.40 15.04 -19.03
CA ARG D 171 38.28 14.91 -19.94
C ARG D 171 36.93 14.89 -19.19
N ASP D 172 36.90 14.14 -18.09
CA ASP D 172 35.69 13.99 -17.28
C ASP D 172 35.30 15.35 -16.75
N ALA D 173 36.27 16.11 -16.28
CA ALA D 173 36.02 17.42 -15.69
C ALA D 173 35.51 18.41 -16.73
N ARG D 174 36.13 18.42 -17.90
CA ARG D 174 35.65 19.28 -18.98
C ARG D 174 34.22 18.92 -19.41
N ALA D 175 33.99 17.62 -19.54
CA ALA D 175 32.71 17.09 -19.95
C ALA D 175 31.54 17.53 -19.03
N VAL D 176 31.72 17.39 -17.71
CA VAL D 176 30.65 17.76 -16.75
C VAL D 176 30.47 19.28 -16.71
N GLU D 177 31.57 19.99 -16.92
CA GLU D 177 31.54 21.47 -16.93
C GLU D 177 30.73 21.98 -18.13
N GLU D 178 31.06 21.47 -19.31
CA GLU D 178 30.27 21.72 -20.53
C GLU D 178 28.78 21.33 -20.37
N ALA D 179 28.52 20.27 -19.63
CA ALA D 179 27.15 19.82 -19.41
C ALA D 179 26.40 20.81 -18.51
N GLY D 180 27.14 21.61 -17.74
CA GLY D 180 26.52 22.70 -16.99
C GLY D 180 26.73 22.65 -15.49
N ALA D 181 27.54 21.72 -15.00
CA ALA D 181 27.93 21.76 -13.60
C ALA D 181 28.56 23.10 -13.24
N GLN D 182 28.15 23.65 -12.10
CA GLN D 182 28.65 24.95 -11.65
C GLN D 182 29.65 24.83 -10.52
N LEU D 183 30.04 23.59 -10.20
CA LEU D 183 30.97 23.34 -9.12
C LEU D 183 31.50 21.91 -9.29
N ILE D 184 32.73 21.67 -8.87
CA ILE D 184 33.30 20.33 -9.06
C ILE D 184 34.17 19.98 -7.87
N VAL D 185 33.94 18.80 -7.30
CA VAL D 185 34.82 18.26 -6.28
C VAL D 185 35.88 17.36 -6.92
N LEU D 186 37.13 17.59 -6.53
CA LEU D 186 38.27 16.77 -6.96
C LEU D 186 38.81 15.97 -5.75
N GLU D 187 38.64 14.66 -5.77
CA GLU D 187 39.02 13.79 -4.68
C GLU D 187 40.20 12.86 -5.07
N ALA D 188 41.21 12.79 -4.18
CA ALA D 188 42.36 11.88 -4.31
C ALA D 188 42.99 12.04 -5.69
N VAL D 189 43.65 13.18 -5.91
CA VAL D 189 44.28 13.53 -7.17
C VAL D 189 45.62 14.20 -6.88
N PRO D 190 46.71 13.81 -7.57
CA PRO D 190 47.99 14.48 -7.40
C PRO D 190 47.89 15.99 -7.57
N THR D 191 48.58 16.70 -6.68
CA THR D 191 48.56 18.14 -6.59
C THR D 191 48.78 18.80 -7.93
N LEU D 192 49.68 18.22 -8.73
CA LEU D 192 50.04 18.79 -10.05
C LEU D 192 48.90 18.63 -11.02
N VAL D 193 48.28 17.45 -11.01
CA VAL D 193 47.14 17.14 -11.88
C VAL D 193 45.93 18.02 -11.52
N ALA D 194 45.67 18.15 -10.21
CA ALA D 194 44.58 18.99 -9.70
C ALA D 194 44.77 20.44 -10.15
N ALA D 195 46.01 20.92 -10.09
CA ALA D 195 46.34 22.29 -10.50
C ALA D 195 45.95 22.53 -11.96
N GLU D 196 46.30 21.59 -12.84
CA GLU D 196 45.85 21.62 -14.26
C GLU D 196 44.36 21.66 -14.38
N VAL D 197 43.68 20.72 -13.74
CA VAL D 197 42.21 20.73 -13.79
C VAL D 197 41.72 22.11 -13.43
N THR D 198 42.14 22.66 -12.30
CA THR D 198 41.62 23.94 -11.87
C THR D 198 41.93 25.03 -12.95
N ARG D 199 43.12 24.98 -13.54
CA ARG D 199 43.53 25.92 -14.58
C ARG D 199 42.66 25.84 -15.86
N GLU D 200 42.41 24.61 -16.32
CA GLU D 200 41.62 24.41 -17.52
C GLU D 200 40.09 24.59 -17.41
N LEU D 201 39.55 24.51 -16.19
CA LEU D 201 38.14 24.71 -15.98
C LEU D 201 37.96 26.16 -15.68
N SER D 202 36.74 26.60 -15.86
CA SER D 202 36.31 27.93 -15.48
C SER D 202 35.48 27.97 -14.15
N ILE D 203 34.79 26.88 -13.83
CA ILE D 203 34.01 26.78 -12.59
C ILE D 203 34.94 26.52 -11.36
N PRO D 204 34.49 26.80 -10.10
CA PRO D 204 35.33 26.50 -8.91
C PRO D 204 35.54 25.03 -8.67
N THR D 205 36.79 24.62 -8.41
CA THR D 205 37.10 23.27 -7.99
C THR D 205 37.26 23.26 -6.47
N ILE D 206 36.76 22.20 -5.84
CA ILE D 206 36.85 22.03 -4.40
C ILE D 206 37.64 20.75 -4.20
N GLY D 207 38.76 20.80 -3.54
CA GLY D 207 39.57 19.60 -3.42
C GLY D 207 39.45 18.91 -2.08
N ILE D 208 39.64 17.59 -2.10
CA ILE D 208 39.84 16.79 -0.92
C ILE D 208 40.88 15.74 -1.28
N GLY D 209 42.05 15.79 -0.62
CA GLY D 209 43.18 14.98 -1.05
C GLY D 209 43.66 15.31 -2.47
N ALA D 210 43.55 16.57 -2.86
CA ALA D 210 43.95 17.04 -4.20
C ALA D 210 44.90 18.21 -4.10
N GLY D 211 45.39 18.51 -2.91
CA GLY D 211 46.33 19.62 -2.74
C GLY D 211 45.66 20.97 -2.65
N ALA D 212 46.49 22.01 -2.65
CA ALA D 212 46.09 23.40 -2.43
C ALA D 212 45.81 24.19 -3.70
N GLU D 213 45.93 23.60 -4.86
CA GLU D 213 45.68 24.35 -6.10
C GLU D 213 44.26 24.10 -6.57
N CYS D 214 43.29 24.37 -5.71
CA CYS D 214 41.88 24.27 -6.05
C CYS D 214 41.27 25.54 -5.62
N SER D 215 40.10 25.84 -6.16
CA SER D 215 39.36 27.01 -5.75
C SER D 215 38.86 26.90 -4.33
N GLY D 216 38.94 25.72 -3.71
CA GLY D 216 38.47 25.61 -2.32
C GLY D 216 38.76 24.24 -1.76
N GLN D 217 38.39 24.03 -0.50
CA GLN D 217 38.51 22.72 0.13
C GLN D 217 37.23 22.18 0.79
N VAL D 218 37.16 20.85 0.87
CA VAL D 218 36.17 20.14 1.69
C VAL D 218 36.84 19.07 2.54
N LEU D 219 36.28 18.84 3.73
CA LEU D 219 36.62 17.73 4.65
C LEU D 219 35.35 17.27 5.35
N VAL D 220 35.41 16.04 5.86
CA VAL D 220 34.33 15.47 6.61
C VAL D 220 34.44 16.08 7.98
N LEU D 221 33.32 16.60 8.44
CA LEU D 221 33.25 17.32 9.71
C LEU D 221 33.91 16.56 10.84
N HIS D 222 33.51 15.30 11.02
CA HIS D 222 34.01 14.48 12.12
C HIS D 222 35.52 14.23 12.04
N ASP D 223 36.05 14.12 10.82
CA ASP D 223 37.51 13.98 10.59
C ASP D 223 38.25 15.23 11.10
N MET D 224 37.77 16.43 10.78
CA MET D 224 38.52 17.62 11.13
C MET D 224 38.27 18.00 12.57
N LEU D 225 37.30 17.36 13.22
CA LEU D 225 37.07 17.60 14.63
C LEU D 225 37.83 16.55 15.46
N GLY D 226 38.49 15.62 14.80
CA GLY D 226 39.27 14.59 15.49
C GLY D 226 38.42 13.50 16.15
N VAL D 227 37.16 13.35 15.70
CA VAL D 227 36.29 12.33 16.25
C VAL D 227 36.50 11.02 15.47
N PHE D 228 37.72 10.50 15.54
CA PHE D 228 38.09 9.25 14.88
C PHE D 228 38.99 8.44 15.86
N PRO D 229 38.98 7.11 15.74
CA PRO D 229 39.89 6.30 16.60
C PRO D 229 41.31 6.14 15.97
N GLY D 230 42.32 6.69 16.65
CA GLY D 230 43.73 6.50 16.23
C GLY D 230 44.20 7.31 15.02
N LYS D 231 44.53 6.62 13.91
CA LYS D 231 45.17 7.23 12.72
C LYS D 231 44.19 7.93 11.74
N ARG D 232 44.31 9.25 11.63
CA ARG D 232 43.54 10.04 10.63
C ARG D 232 43.99 9.79 9.19
N PRO D 233 43.09 10.05 8.21
CA PRO D 233 43.51 9.87 6.83
C PRO D 233 44.55 10.89 6.47
N ARG D 234 45.33 10.60 5.45
CA ARG D 234 46.43 11.45 5.05
C ARG D 234 45.93 12.85 4.68
N PHE D 235 44.71 12.91 4.12
CA PHE D 235 44.09 14.15 3.58
C PHE D 235 43.63 15.16 4.62
N VAL D 236 43.54 14.71 5.87
CA VAL D 236 42.82 15.42 6.93
C VAL D 236 43.78 16.04 7.92
N LYS D 237 43.43 17.22 8.42
CA LYS D 237 44.08 17.81 9.59
C LYS D 237 43.03 17.86 10.68
N ASP D 238 43.44 17.44 11.87
CA ASP D 238 42.62 17.61 13.07
C ASP D 238 42.66 19.05 13.54
N PHE D 239 41.61 19.80 13.27
CA PHE D 239 41.61 21.25 13.58
C PHE D 239 41.18 21.54 15.00
N MET D 240 40.70 20.52 15.68
CA MET D 240 40.20 20.66 17.06
C MET D 240 41.34 20.69 18.04
N GLN D 241 42.37 19.91 17.74
CA GLN D 241 43.44 19.69 18.70
C GLN D 241 44.05 21.01 19.16
N GLY D 242 43.88 21.29 20.46
CA GLY D 242 44.47 22.46 21.10
C GLY D 242 43.78 23.77 20.82
N GLN D 243 42.48 23.70 20.51
CA GLN D 243 41.66 24.88 20.24
C GLN D 243 40.71 25.01 21.40
N PRO D 244 40.32 26.24 21.73
CA PRO D 244 39.56 26.40 22.93
C PRO D 244 38.09 25.95 22.87
N SER D 245 37.57 25.64 21.68
CA SER D 245 36.13 25.31 21.52
C SER D 245 35.93 24.69 20.16
N ILE D 246 34.80 23.99 20.01
CA ILE D 246 34.45 23.38 18.72
C ILE D 246 34.28 24.50 17.68
N PHE D 247 33.62 25.59 18.08
CA PHE D 247 33.49 26.76 17.24
C PHE D 247 34.88 27.35 16.82
N ALA D 248 35.88 27.36 17.73
CA ALA D 248 37.23 27.80 17.34
C ALA D 248 37.82 26.85 16.34
N ALA D 249 37.65 25.53 16.52
CA ALA D 249 38.18 24.59 15.51
C ALA D 249 37.65 24.89 14.11
N VAL D 250 36.37 25.20 13.99
CA VAL D 250 35.75 25.35 12.66
C VAL D 250 36.25 26.67 12.04
N GLU D 251 36.26 27.74 12.85
CA GLU D 251 36.91 28.99 12.44
C GLU D 251 38.37 28.81 11.99
N ALA D 252 39.15 28.03 12.74
CA ALA D 252 40.52 27.71 12.32
C ALA D 252 40.55 27.13 10.90
N TYR D 253 39.67 26.14 10.66
CA TYR D 253 39.60 25.50 9.35
C TYR D 253 39.29 26.54 8.26
N VAL D 254 38.27 27.35 8.46
CA VAL D 254 37.86 28.29 7.46
C VAL D 254 39.00 29.27 7.11
N ARG D 255 39.70 29.77 8.14
CA ARG D 255 40.79 30.77 7.97
C ARG D 255 42.01 30.12 7.28
N ALA D 256 42.34 28.89 7.68
CA ALA D 256 43.43 28.14 7.05
C ALA D 256 43.20 27.77 5.55
N VAL D 257 41.94 27.57 5.14
CA VAL D 257 41.62 27.32 3.72
C VAL D 257 41.76 28.64 2.94
N LYS D 258 41.25 29.71 3.54
CA LYS D 258 41.21 31.03 2.92
C LYS D 258 42.57 31.74 2.83
N ASP D 259 43.49 31.46 3.76
CA ASP D 259 44.83 32.07 3.73
C ASP D 259 45.80 31.11 3.08
N GLY D 260 45.30 29.97 2.62
CA GLY D 260 46.08 29.12 1.74
C GLY D 260 46.98 28.10 2.40
N SER D 261 46.86 27.90 3.70
CA SER D 261 47.74 26.99 4.41
C SER D 261 47.24 25.67 4.97
N PHE D 262 45.95 25.40 5.02
CA PHE D 262 45.39 24.15 4.47
C PHE D 262 44.85 23.98 3.04
N PRO D 263 45.16 22.82 2.40
CA PRO D 263 45.99 21.69 2.86
C PRO D 263 47.46 21.97 2.71
N GLY D 264 48.27 21.40 3.59
CA GLY D 264 49.70 21.48 3.47
C GLY D 264 50.23 20.34 2.62
N PRO D 265 51.56 20.27 2.47
CA PRO D 265 52.19 19.16 1.72
C PRO D 265 51.93 17.81 2.36
N GLU D 266 51.78 17.76 3.68
CA GLU D 266 51.44 16.51 4.39
C GLU D 266 50.12 15.91 3.91
N HIS D 267 49.19 16.77 3.52
CA HIS D 267 47.83 16.32 3.24
C HIS D 267 47.61 15.94 1.78
N SER D 268 48.70 15.97 1.01
CA SER D 268 48.68 15.77 -0.44
C SER D 268 49.28 14.45 -0.79
N HIS E 8 44.87 -9.34 3.35
CA HIS E 8 43.79 -8.33 3.25
C HIS E 8 42.63 -8.81 2.34
N MET E 9 42.01 -7.87 1.64
CA MET E 9 40.76 -8.09 0.95
C MET E 9 40.96 -8.64 -0.44
N VAL E 10 40.13 -9.60 -0.84
CA VAL E 10 40.15 -10.06 -2.21
C VAL E 10 39.35 -9.07 -3.08
N THR E 11 40.00 -8.38 -3.99
CA THR E 11 39.33 -7.42 -4.84
C THR E 11 39.35 -7.90 -6.27
N VAL E 12 38.56 -7.23 -7.10
CA VAL E 12 38.46 -7.61 -8.50
C VAL E 12 39.85 -7.62 -9.17
N PRO E 13 40.64 -6.55 -8.99
CA PRO E 13 42.01 -6.59 -9.60
C PRO E 13 42.88 -7.73 -9.10
N LYS E 14 42.69 -8.11 -7.83
CA LYS E 14 43.45 -9.20 -7.24
C LYS E 14 43.15 -10.51 -8.00
N LEU E 15 41.89 -10.67 -8.43
CA LEU E 15 41.52 -11.85 -9.19
C LEU E 15 42.22 -11.82 -10.54
N GLN E 16 42.29 -10.65 -11.19
CA GLN E 16 42.95 -10.56 -12.50
C GLN E 16 44.44 -10.85 -12.36
N ALA E 17 45.02 -10.47 -11.22
CA ALA E 17 46.41 -10.76 -10.88
C ALA E 17 46.57 -12.25 -10.76
N MET E 18 45.65 -12.86 -10.03
CA MET E 18 45.72 -14.32 -9.87
C MET E 18 45.74 -15.06 -11.23
N ARG E 19 44.93 -14.66 -12.20
CA ARG E 19 44.98 -15.33 -13.48
C ARG E 19 46.38 -15.17 -14.13
N GLU E 20 46.89 -13.96 -14.08
CA GLU E 20 48.12 -13.63 -14.76
C GLU E 20 49.28 -14.36 -14.11
N ALA E 21 49.26 -14.47 -12.78
CA ALA E 21 50.27 -15.21 -12.00
C ALA E 21 50.08 -16.73 -12.00
N GLY E 22 48.99 -17.22 -12.60
CA GLY E 22 48.67 -18.66 -12.51
C GLY E 22 48.12 -19.16 -11.18
N GLU E 23 47.60 -18.31 -10.32
CA GLU E 23 46.96 -18.89 -9.13
C GLU E 23 45.46 -19.12 -9.44
N LYS E 24 44.99 -20.33 -9.23
CA LYS E 24 43.59 -20.67 -9.60
C LYS E 24 42.68 -20.11 -8.50
N ILE E 25 41.52 -19.63 -8.90
CA ILE E 25 40.55 -19.00 -7.99
C ILE E 25 39.56 -20.05 -7.46
N ALA E 26 39.45 -20.19 -6.13
CA ALA E 26 38.54 -21.13 -5.52
C ALA E 26 37.28 -20.34 -5.14
N MET E 27 36.13 -20.75 -5.69
CA MET E 27 34.83 -20.06 -5.55
C MET E 27 33.86 -21.13 -5.07
N LEU E 28 33.10 -20.81 -4.02
CA LEU E 28 32.03 -21.67 -3.52
C LEU E 28 30.78 -20.84 -3.36
N THR E 29 29.61 -21.45 -3.44
CA THR E 29 28.40 -20.72 -3.08
C THR E 29 28.33 -20.59 -1.56
N SER E 30 27.59 -19.62 -1.06
CA SER E 30 27.54 -19.36 0.37
C SER E 30 26.23 -18.60 0.66
N TYR E 31 25.56 -18.89 1.75
CA TYR E 31 24.22 -18.29 1.92
C TYR E 31 23.89 -17.89 3.33
N ASP E 32 24.85 -18.04 4.24
CA ASP E 32 24.68 -17.63 5.63
C ASP E 32 25.97 -17.23 6.34
N ALA E 33 25.80 -16.64 7.52
CA ALA E 33 26.92 -15.98 8.20
C ALA E 33 27.94 -17.00 8.68
N SER E 34 27.47 -18.14 9.19
CA SER E 34 28.32 -19.14 9.81
C SER E 34 29.19 -19.83 8.76
N PHE E 35 28.58 -20.26 7.69
CA PHE E 35 29.35 -20.80 6.59
C PHE E 35 30.21 -19.76 5.91
N ALA E 36 29.76 -18.52 5.83
CA ALA E 36 30.59 -17.51 5.21
C ALA E 36 31.89 -17.30 6.02
N ALA E 37 31.78 -17.29 7.34
CA ALA E 37 32.93 -17.20 8.24
C ALA E 37 33.90 -18.40 8.07
N LEU E 38 33.37 -19.62 8.04
CA LEU E 38 34.20 -20.78 7.79
C LEU E 38 34.88 -20.79 6.43
N LEU E 39 34.18 -20.40 5.38
CA LEU E 39 34.78 -20.32 4.06
C LEU E 39 35.96 -19.36 4.01
N ASP E 40 35.79 -18.23 4.69
CA ASP E 40 36.83 -17.22 4.67
C ASP E 40 38.07 -17.66 5.49
N ARG E 41 37.84 -18.24 6.65
CA ARG E 41 38.90 -18.87 7.39
C ARG E 41 39.61 -19.95 6.53
N ALA E 42 38.90 -20.64 5.64
CA ALA E 42 39.57 -21.57 4.71
C ALA E 42 40.18 -20.93 3.46
N ASN E 43 40.18 -19.60 3.38
CA ASN E 43 40.69 -18.81 2.26
C ASN E 43 40.06 -19.05 0.94
N VAL E 44 38.73 -19.20 0.96
CA VAL E 44 37.96 -19.27 -0.25
C VAL E 44 38.08 -17.86 -0.77
N ASP E 45 38.43 -17.74 -2.05
CA ASP E 45 38.66 -16.48 -2.72
C ASP E 45 37.37 -15.69 -3.05
N VAL E 46 36.33 -16.41 -3.50
CA VAL E 46 35.04 -15.80 -3.91
C VAL E 46 33.85 -16.59 -3.37
N GLN E 47 32.93 -15.88 -2.71
CA GLN E 47 31.69 -16.47 -2.20
C GLN E 47 30.51 -15.95 -3.01
N LEU E 48 29.70 -16.88 -3.56
CA LEU E 48 28.64 -16.59 -4.49
C LEU E 48 27.30 -16.89 -3.81
N ILE E 49 26.41 -15.90 -3.73
CA ILE E 49 25.01 -16.10 -3.29
C ILE E 49 24.33 -16.33 -4.62
N GLY E 50 24.22 -17.61 -4.97
CA GLY E 50 23.73 -18.04 -6.28
C GLY E 50 22.27 -18.46 -6.17
N ASP E 51 21.58 -18.50 -7.30
CA ASP E 51 20.16 -18.96 -7.34
C ASP E 51 20.06 -20.48 -7.19
N SER E 52 21.19 -21.19 -7.15
CA SER E 52 21.20 -22.56 -6.61
C SER E 52 20.52 -22.68 -5.24
N LEU E 53 20.46 -21.59 -4.47
CA LEU E 53 19.70 -21.64 -3.21
C LEU E 53 18.23 -22.08 -3.35
N GLY E 54 17.64 -21.88 -4.55
CA GLY E 54 16.31 -22.36 -4.90
C GLY E 54 16.19 -23.88 -4.70
N ASN E 55 17.25 -24.61 -5.07
CA ASN E 55 17.34 -26.03 -4.86
C ASN E 55 17.78 -26.38 -3.45
N VAL E 56 18.96 -25.88 -3.01
CA VAL E 56 19.55 -26.40 -1.80
C VAL E 56 18.99 -25.85 -0.53
N LEU E 57 18.45 -24.64 -0.55
CA LEU E 57 17.85 -24.10 0.65
C LEU E 57 16.32 -24.18 0.56
N GLN E 58 15.76 -23.79 -0.57
CA GLN E 58 14.29 -23.71 -0.65
C GLN E 58 13.67 -25.09 -0.98
N GLY E 59 14.46 -26.07 -1.43
CA GLY E 59 13.92 -27.38 -1.81
C GLY E 59 13.03 -27.37 -3.04
N GLN E 60 13.24 -26.43 -3.95
CA GLN E 60 12.38 -26.30 -5.11
C GLN E 60 13.01 -27.19 -6.15
N ALA E 61 12.24 -27.54 -7.15
CA ALA E 61 12.70 -28.38 -8.25
C ALA E 61 13.54 -27.59 -9.21
N THR E 62 13.28 -26.29 -9.37
CA THR E 62 14.08 -25.49 -10.25
C THR E 62 14.48 -24.23 -9.51
N THR E 63 15.33 -23.39 -10.11
CA THR E 63 15.72 -22.13 -9.46
C THR E 63 14.85 -20.94 -9.85
N LEU E 64 13.85 -21.15 -10.68
CA LEU E 64 13.01 -20.04 -11.17
C LEU E 64 12.23 -19.29 -10.06
N PRO E 65 11.77 -20.00 -9.01
CA PRO E 65 11.09 -19.27 -7.95
C PRO E 65 11.94 -18.28 -7.13
N VAL E 66 13.28 -18.33 -7.22
CA VAL E 66 14.14 -17.51 -6.35
C VAL E 66 13.94 -16.05 -6.74
N THR E 67 13.60 -15.21 -5.78
CA THR E 67 13.37 -13.78 -6.06
C THR E 67 14.57 -12.93 -5.65
N LEU E 68 14.53 -11.68 -6.08
CA LEU E 68 15.57 -10.70 -5.77
C LEU E 68 15.67 -10.49 -4.23
N ASP E 69 14.52 -10.42 -3.58
CA ASP E 69 14.52 -10.36 -2.12
C ASP E 69 15.19 -11.57 -1.44
N ASP E 70 15.00 -12.78 -2.00
CA ASP E 70 15.69 -13.96 -1.53
C ASP E 70 17.25 -13.73 -1.63
N ILE E 71 17.72 -13.35 -2.80
CA ILE E 71 19.16 -13.19 -2.99
C ILE E 71 19.63 -12.10 -2.03
N ALA E 72 18.92 -10.96 -1.97
CA ALA E 72 19.30 -9.86 -1.01
C ALA E 72 19.39 -10.30 0.44
N TYR E 73 18.47 -11.15 0.88
CA TYR E 73 18.46 -11.64 2.25
C TYR E 73 19.73 -12.47 2.57
N HIS E 74 20.03 -13.47 1.75
CA HIS E 74 21.22 -14.27 1.97
C HIS E 74 22.52 -13.49 1.74
N THR E 75 22.50 -12.51 0.84
CA THR E 75 23.66 -11.63 0.63
C THR E 75 23.98 -10.85 1.91
N ALA E 76 22.95 -10.34 2.59
CA ALA E 76 23.15 -9.60 3.83
C ALA E 76 23.59 -10.52 4.95
N CYS E 77 23.13 -11.78 4.93
CA CYS E 77 23.64 -12.78 5.87
C CYS E 77 25.13 -13.04 5.64
N VAL E 78 25.53 -13.34 4.42
CA VAL E 78 26.97 -13.57 4.11
C VAL E 78 27.82 -12.30 4.42
N ALA E 79 27.29 -11.13 4.09
CA ALA E 79 28.02 -9.88 4.28
C ALA E 79 28.30 -9.57 5.75
N ARG E 80 27.43 -10.01 6.64
CA ARG E 80 27.62 -9.73 8.05
C ARG E 80 28.79 -10.51 8.66
N ALA E 81 29.20 -11.62 8.06
CA ALA E 81 30.44 -12.32 8.46
C ALA E 81 31.65 -11.45 8.17
N GLN E 82 31.49 -10.45 7.31
CA GLN E 82 32.58 -9.58 6.84
C GLN E 82 33.74 -10.41 6.32
N PRO E 83 33.50 -11.21 5.27
CA PRO E 83 34.60 -11.99 4.75
C PRO E 83 35.57 -11.12 4.01
N ARG E 84 36.84 -11.55 3.91
CA ARG E 84 37.80 -10.91 3.02
C ARG E 84 37.62 -11.33 1.58
N GLY E 85 37.04 -12.52 1.34
CA GLY E 85 36.78 -12.97 -0.02
C GLY E 85 35.76 -12.07 -0.70
N LEU E 86 35.73 -12.08 -2.01
CA LEU E 86 34.83 -11.30 -2.83
C LEU E 86 33.42 -11.89 -2.72
N VAL E 87 32.45 -11.01 -2.48
CA VAL E 87 31.04 -11.42 -2.33
C VAL E 87 30.35 -11.13 -3.67
N VAL E 88 29.99 -12.19 -4.37
CA VAL E 88 29.26 -12.09 -5.61
C VAL E 88 27.82 -12.54 -5.42
N ALA E 89 26.86 -11.86 -6.04
CA ALA E 89 25.44 -12.24 -5.97
C ALA E 89 24.84 -12.34 -7.35
N ASP E 90 24.08 -13.41 -7.59
CA ASP E 90 23.32 -13.62 -8.82
C ASP E 90 22.12 -12.67 -8.95
N LEU E 91 21.96 -12.02 -10.08
CA LEU E 91 20.69 -11.44 -10.42
C LEU E 91 19.77 -12.60 -10.81
N PRO E 92 18.65 -12.77 -10.10
CA PRO E 92 17.90 -13.95 -10.53
C PRO E 92 17.10 -13.75 -11.81
N PHE E 93 16.61 -14.88 -12.35
CA PHE E 93 15.89 -14.91 -13.61
C PHE E 93 14.74 -13.90 -13.55
N GLY E 94 14.53 -13.20 -14.67
CA GLY E 94 13.61 -12.07 -14.77
C GLY E 94 13.88 -10.70 -14.14
N THR E 95 15.03 -10.51 -13.48
CA THR E 95 15.35 -9.21 -12.86
C THR E 95 16.32 -8.32 -13.72
N TYR E 96 16.63 -8.73 -14.93
CA TYR E 96 17.50 -7.94 -15.83
C TYR E 96 17.04 -7.95 -17.30
N GLY E 97 15.73 -7.80 -17.50
CA GLY E 97 15.15 -7.83 -18.85
C GLY E 97 15.42 -6.59 -19.68
N THR E 98 15.77 -5.50 -19.00
CA THR E 98 16.26 -4.29 -19.66
C THR E 98 17.43 -3.80 -18.84
N PRO E 99 18.27 -2.93 -19.44
CA PRO E 99 19.41 -2.44 -18.66
C PRO E 99 19.05 -1.69 -17.36
N ALA E 100 18.02 -0.84 -17.41
CA ALA E 100 17.64 -0.07 -16.23
C ALA E 100 17.07 -0.99 -15.15
N ASP E 101 16.38 -2.07 -15.54
CA ASP E 101 15.93 -3.07 -14.58
C ASP E 101 17.12 -3.75 -13.96
N ALA E 102 18.10 -4.11 -14.82
CA ALA E 102 19.31 -4.77 -14.31
C ALA E 102 20.00 -3.90 -13.26
N PHE E 103 20.04 -2.62 -13.51
CA PHE E 103 20.75 -1.69 -12.62
C PHE E 103 19.97 -1.57 -11.28
N ALA E 104 18.66 -1.39 -11.36
CA ALA E 104 17.82 -1.37 -10.13
C ALA E 104 18.04 -2.66 -9.34
N SER E 105 18.04 -3.83 -10.01
CA SER E 105 18.29 -5.09 -9.25
C SER E 105 19.68 -5.18 -8.62
N ALA E 106 20.72 -4.80 -9.38
CA ALA E 106 22.09 -4.84 -8.94
C ALA E 106 22.30 -3.90 -7.76
N VAL E 107 21.68 -2.73 -7.82
CA VAL E 107 21.86 -1.71 -6.80
C VAL E 107 21.36 -2.25 -5.48
N LYS E 108 20.19 -2.90 -5.51
CA LYS E 108 19.61 -3.59 -4.32
C LYS E 108 20.53 -4.63 -3.72
N LEU E 109 21.16 -5.39 -4.59
CA LEU E 109 22.10 -6.44 -4.12
C LEU E 109 23.39 -5.81 -3.57
N MET E 110 23.89 -4.79 -4.21
CA MET E 110 25.06 -4.03 -3.66
C MET E 110 24.79 -3.31 -2.32
N ARG E 111 23.61 -2.69 -2.13
CA ARG E 111 23.26 -2.12 -0.80
C ARG E 111 23.24 -3.19 0.30
N ALA E 112 22.86 -4.42 -0.05
CA ALA E 112 22.85 -5.55 0.86
C ALA E 112 24.23 -6.16 1.16
N GLY E 113 25.25 -5.84 0.39
CA GLY E 113 26.62 -6.33 0.67
C GLY E 113 27.32 -6.92 -0.54
N ALA E 114 26.63 -7.09 -1.67
CA ALA E 114 27.31 -7.57 -2.86
C ALA E 114 28.40 -6.60 -3.34
N GLN E 115 29.51 -7.17 -3.75
CA GLN E 115 30.59 -6.41 -4.37
C GLN E 115 30.60 -6.55 -5.87
N MET E 116 29.96 -7.61 -6.36
CA MET E 116 29.86 -7.83 -7.79
C MET E 116 28.56 -8.57 -8.00
N VAL E 117 28.02 -8.50 -9.20
CA VAL E 117 26.78 -9.22 -9.54
C VAL E 117 27.00 -10.11 -10.74
N LYS E 118 26.33 -11.26 -10.75
CA LYS E 118 26.45 -12.21 -11.85
C LYS E 118 25.12 -12.27 -12.61
N LEU E 119 25.23 -12.07 -13.91
CA LEU E 119 24.13 -12.13 -14.84
C LEU E 119 24.35 -13.23 -15.87
N GLU E 120 23.39 -14.12 -16.02
CA GLU E 120 23.47 -15.21 -16.94
C GLU E 120 22.89 -14.90 -18.31
N GLY E 121 23.69 -15.16 -19.35
CA GLY E 121 23.29 -14.94 -20.76
C GLY E 121 24.45 -14.71 -21.73
N GLY E 122 24.16 -14.80 -23.01
CA GLY E 122 25.17 -14.59 -24.05
C GLY E 122 25.35 -13.16 -24.52
N GLU E 123 25.77 -12.99 -25.76
CA GLU E 123 26.04 -11.66 -26.28
C GLU E 123 24.87 -10.68 -26.35
N TRP E 124 23.62 -11.15 -26.29
CA TRP E 124 22.52 -10.18 -26.14
C TRP E 124 22.70 -9.29 -24.88
N LEU E 125 23.45 -9.76 -23.90
CA LEU E 125 23.65 -9.05 -22.65
C LEU E 125 24.64 -7.89 -22.76
N ALA E 126 25.35 -7.75 -23.90
CA ALA E 126 26.53 -6.90 -23.92
C ALA E 126 26.11 -5.49 -23.49
N GLU E 127 25.05 -4.98 -24.10
CA GLU E 127 24.57 -3.67 -23.76
C GLU E 127 24.25 -3.47 -22.24
N THR E 128 23.68 -4.49 -21.59
CA THR E 128 23.41 -4.45 -20.16
C THR E 128 24.65 -4.44 -19.35
N VAL E 129 25.63 -5.27 -19.75
CA VAL E 129 26.89 -5.32 -19.01
C VAL E 129 27.54 -3.93 -19.05
N ARG E 130 27.56 -3.30 -20.23
CA ARG E 130 28.18 -2.00 -20.43
C ARG E 130 27.53 -0.93 -19.54
N PHE E 131 26.21 -0.98 -19.42
CA PHE E 131 25.40 0.01 -18.70
C PHE E 131 25.73 -0.08 -17.22
N LEU E 132 25.82 -1.30 -16.74
CA LEU E 132 26.11 -1.56 -15.34
C LEU E 132 27.53 -1.14 -14.99
N VAL E 133 28.48 -1.55 -15.83
CA VAL E 133 29.90 -1.24 -15.53
C VAL E 133 30.13 0.28 -15.59
N GLU E 134 29.47 0.95 -16.53
CA GLU E 134 29.53 2.39 -16.64
C GLU E 134 29.02 3.07 -15.35
N ARG E 135 28.09 2.43 -14.65
CA ARG E 135 27.53 3.01 -13.43
C ARG E 135 28.22 2.43 -12.18
N ALA E 136 29.39 1.85 -12.37
CA ALA E 136 30.23 1.30 -11.30
C ALA E 136 29.68 0.07 -10.59
N VAL E 137 28.92 -0.74 -11.32
CA VAL E 137 28.51 -2.07 -10.85
C VAL E 137 29.45 -3.10 -11.50
N PRO E 138 30.36 -3.73 -10.73
CA PRO E 138 31.17 -4.82 -11.32
C PRO E 138 30.31 -6.06 -11.66
N VAL E 139 30.55 -6.62 -12.83
CA VAL E 139 29.77 -7.69 -13.40
C VAL E 139 30.61 -8.93 -13.63
N CYS E 140 30.06 -10.03 -13.13
CA CYS E 140 30.39 -11.41 -13.50
C CYS E 140 29.43 -11.99 -14.58
N ALA E 141 29.99 -12.45 -15.72
CA ALA E 141 29.22 -13.03 -16.78
C ALA E 141 29.03 -14.50 -16.46
N HIS E 142 28.11 -15.15 -17.16
CA HIS E 142 27.84 -16.56 -16.94
C HIS E 142 27.30 -17.09 -18.23
N VAL E 143 28.09 -17.95 -18.88
CA VAL E 143 27.77 -18.53 -20.20
C VAL E 143 27.93 -20.06 -20.20
N GLY E 144 27.40 -20.71 -21.23
CA GLY E 144 27.47 -22.17 -21.32
C GLY E 144 26.65 -22.79 -22.41
N ALA E 164 30.56 -24.63 -33.69
CA ALA E 164 29.18 -24.13 -33.95
C ALA E 164 28.49 -23.51 -32.68
N GLY E 165 28.13 -24.37 -31.72
CA GLY E 165 27.82 -23.94 -30.35
C GLY E 165 29.12 -23.46 -29.71
N ALA E 166 30.16 -24.26 -29.86
CA ALA E 166 31.53 -23.86 -29.52
C ALA E 166 31.79 -22.45 -30.03
N ALA E 167 31.42 -22.18 -31.27
CA ALA E 167 31.66 -20.84 -31.83
C ALA E 167 30.84 -19.75 -31.11
N GLN E 168 29.55 -20.04 -30.84
CA GLN E 168 28.67 -19.06 -30.23
C GLN E 168 29.11 -18.81 -28.82
N LEU E 169 29.56 -19.87 -28.16
CA LEU E 169 30.03 -19.76 -26.79
C LEU E 169 31.17 -18.75 -26.73
N LEU E 170 32.15 -18.89 -27.62
CA LEU E 170 33.35 -18.00 -27.62
C LEU E 170 32.94 -16.55 -27.93
N ARG E 171 32.03 -16.39 -28.87
CA ARG E 171 31.49 -15.11 -29.27
C ARG E 171 30.72 -14.42 -28.14
N ASP E 172 29.97 -15.21 -27.36
CA ASP E 172 29.27 -14.73 -26.15
C ASP E 172 30.28 -14.26 -25.11
N ALA E 173 31.31 -15.07 -24.93
CA ALA E 173 32.36 -14.78 -23.96
C ALA E 173 33.10 -13.47 -24.28
N ARG E 174 33.61 -13.35 -25.50
CA ARG E 174 34.30 -12.14 -25.88
C ARG E 174 33.38 -10.95 -25.88
N ALA E 175 32.10 -11.11 -26.22
CA ALA E 175 31.17 -9.98 -26.20
C ALA E 175 30.99 -9.39 -24.78
N VAL E 176 30.89 -10.27 -23.78
CA VAL E 176 30.61 -9.79 -22.41
C VAL E 176 31.87 -9.26 -21.75
N GLU E 177 33.02 -9.88 -22.08
CA GLU E 177 34.29 -9.30 -21.72
C GLU E 177 34.44 -7.93 -22.37
N GLU E 178 34.23 -7.77 -23.67
CA GLU E 178 34.40 -6.42 -24.24
C GLU E 178 33.38 -5.38 -23.74
N ALA E 179 32.18 -5.77 -23.34
CA ALA E 179 31.25 -4.87 -22.66
C ALA E 179 31.67 -4.50 -21.22
N GLY E 180 32.67 -5.20 -20.66
CA GLY E 180 33.24 -4.83 -19.35
C GLY E 180 33.18 -5.83 -18.20
N ALA E 181 32.77 -7.06 -18.48
CA ALA E 181 32.69 -8.06 -17.42
C ALA E 181 34.10 -8.35 -16.97
N GLN E 182 34.30 -8.51 -15.67
CA GLN E 182 35.60 -8.80 -15.11
C GLN E 182 35.81 -10.22 -14.57
N LEU E 183 34.81 -11.07 -14.71
CA LEU E 183 34.91 -12.48 -14.27
C LEU E 183 33.82 -13.17 -15.12
N ILE E 184 34.04 -14.44 -15.46
CA ILE E 184 33.07 -15.17 -16.24
C ILE E 184 33.00 -16.58 -15.67
N VAL E 185 31.77 -17.05 -15.43
CA VAL E 185 31.55 -18.42 -15.07
C VAL E 185 31.27 -19.17 -16.33
N LEU E 186 31.89 -20.36 -16.49
CA LEU E 186 31.61 -21.24 -17.61
C LEU E 186 30.99 -22.53 -17.08
N GLU E 187 29.78 -22.82 -17.55
CA GLU E 187 29.02 -23.93 -17.00
C GLU E 187 28.73 -24.96 -18.07
N ALA E 188 29.00 -26.23 -17.74
CA ALA E 188 28.68 -27.42 -18.57
C ALA E 188 29.28 -27.28 -19.95
N VAL E 189 30.60 -27.38 -20.05
CA VAL E 189 31.27 -27.14 -21.34
C VAL E 189 32.40 -28.16 -21.55
N PRO E 190 32.54 -28.69 -22.78
CA PRO E 190 33.63 -29.68 -22.98
C PRO E 190 34.97 -29.03 -22.65
N THR E 191 35.81 -29.80 -21.99
CA THR E 191 37.08 -29.31 -21.45
C THR E 191 37.89 -28.53 -22.47
N LEU E 192 37.93 -29.04 -23.71
CA LEU E 192 38.78 -28.42 -24.74
C LEU E 192 38.20 -27.12 -25.24
N VAL E 193 36.88 -26.99 -25.18
CA VAL E 193 36.24 -25.75 -25.56
C VAL E 193 36.53 -24.72 -24.48
N ALA E 194 36.38 -25.15 -23.23
CA ALA E 194 36.66 -24.29 -22.08
C ALA E 194 38.11 -23.80 -22.07
N ALA E 195 39.05 -24.67 -22.49
CA ALA E 195 40.49 -24.31 -22.59
C ALA E 195 40.69 -23.19 -23.58
N GLU E 196 40.09 -23.36 -24.75
CA GLU E 196 40.11 -22.37 -25.80
C GLU E 196 39.51 -21.06 -25.37
N VAL E 197 38.34 -21.12 -24.72
CA VAL E 197 37.70 -19.88 -24.27
C VAL E 197 38.67 -19.17 -23.31
N THR E 198 39.20 -19.92 -22.36
CA THR E 198 40.05 -19.34 -21.37
C THR E 198 41.31 -18.71 -22.00
N ARG E 199 41.87 -19.38 -23.00
CA ARG E 199 43.04 -18.87 -23.71
C ARG E 199 42.68 -17.58 -24.44
N GLU E 200 41.54 -17.54 -25.09
CA GLU E 200 41.16 -16.36 -25.83
C GLU E 200 40.86 -15.14 -24.97
N LEU E 201 40.49 -15.31 -23.71
CA LEU E 201 40.05 -14.16 -22.89
C LEU E 201 41.22 -13.57 -22.05
N SER E 202 41.08 -12.34 -21.60
CA SER E 202 41.96 -11.79 -20.59
C SER E 202 41.48 -12.01 -19.18
N ILE E 203 40.17 -11.93 -19.00
CA ILE E 203 39.60 -12.03 -17.66
C ILE E 203 39.61 -13.48 -17.20
N PRO E 204 39.51 -13.71 -15.88
CA PRO E 204 39.50 -15.07 -15.35
C PRO E 204 38.19 -15.80 -15.59
N THR E 205 38.31 -17.07 -15.99
CA THR E 205 37.16 -17.95 -16.20
C THR E 205 37.04 -18.85 -14.99
N ILE E 206 35.81 -19.12 -14.62
CA ILE E 206 35.53 -19.93 -13.44
C ILE E 206 34.67 -21.08 -13.94
N GLY E 207 35.21 -22.30 -13.82
CA GLY E 207 34.53 -23.46 -14.34
C GLY E 207 33.58 -24.14 -13.36
N ILE E 208 32.41 -24.54 -13.88
CA ILE E 208 31.59 -25.60 -13.25
C ILE E 208 31.13 -26.58 -14.32
N GLY E 209 31.61 -27.81 -14.22
CA GLY E 209 31.45 -28.78 -15.31
C GLY E 209 32.20 -28.37 -16.57
N ALA E 210 33.27 -27.60 -16.43
CA ALA E 210 33.97 -27.14 -17.61
C ALA E 210 35.40 -27.63 -17.68
N GLY E 211 35.77 -28.58 -16.84
CA GLY E 211 37.15 -29.10 -16.83
C GLY E 211 38.10 -28.16 -16.12
N ALA E 212 39.39 -28.55 -16.13
CA ALA E 212 40.45 -27.91 -15.32
C ALA E 212 41.22 -26.82 -16.03
N GLU E 213 40.91 -26.54 -17.30
CA GLU E 213 41.66 -25.47 -17.98
C GLU E 213 40.95 -24.13 -17.86
N CYS E 214 40.44 -23.82 -16.67
CA CYS E 214 39.79 -22.55 -16.37
C CYS E 214 40.72 -21.85 -15.36
N SER E 215 40.62 -20.51 -15.25
CA SER E 215 41.35 -19.74 -14.24
C SER E 215 40.93 -20.05 -12.79
N GLY E 216 39.86 -20.84 -12.63
CA GLY E 216 39.36 -21.26 -11.31
C GLY E 216 38.08 -22.11 -11.37
N GLN E 217 37.56 -22.48 -10.20
CA GLN E 217 36.41 -23.37 -10.07
C GLN E 217 35.36 -22.84 -9.07
N VAL E 218 34.09 -23.09 -9.40
CA VAL E 218 32.96 -22.99 -8.46
C VAL E 218 32.20 -24.32 -8.31
N LEU E 219 31.80 -24.61 -7.07
CA LEU E 219 30.79 -25.61 -6.74
C LEU E 219 29.71 -25.07 -5.79
N VAL E 220 28.56 -25.75 -5.76
CA VAL E 220 27.57 -25.47 -4.75
C VAL E 220 27.98 -26.07 -3.43
N LEU E 221 28.01 -25.20 -2.41
CA LEU E 221 28.43 -25.57 -1.07
C LEU E 221 27.89 -26.93 -0.63
N HIS E 222 26.58 -27.07 -0.64
CA HIS E 222 25.95 -28.27 -0.09
C HIS E 222 26.30 -29.56 -0.88
N ASP E 223 26.44 -29.44 -2.18
CA ASP E 223 26.94 -30.55 -3.01
C ASP E 223 28.32 -31.03 -2.52
N MET E 224 29.28 -30.09 -2.46
CA MET E 224 30.63 -30.43 -2.08
C MET E 224 30.79 -30.84 -0.62
N LEU E 225 29.85 -30.48 0.26
CA LEU E 225 29.79 -30.98 1.62
C LEU E 225 29.09 -32.39 1.72
N GLY E 226 28.64 -32.96 0.58
CA GLY E 226 28.00 -34.29 0.58
C GLY E 226 26.59 -34.32 1.17
N VAL E 227 25.91 -33.17 1.22
CA VAL E 227 24.55 -33.06 1.77
C VAL E 227 23.55 -33.05 0.57
N PHE E 228 23.67 -34.06 -0.29
CA PHE E 228 22.74 -34.26 -1.40
C PHE E 228 22.14 -35.64 -1.10
N PRO E 229 20.99 -35.98 -1.75
CA PRO E 229 20.45 -37.36 -1.65
C PRO E 229 21.26 -38.40 -2.47
N GLY E 230 22.11 -39.19 -1.77
CA GLY E 230 22.76 -40.42 -2.32
C GLY E 230 23.48 -40.42 -3.68
N LYS E 231 22.79 -40.02 -4.76
CA LYS E 231 23.39 -39.82 -6.11
C LYS E 231 23.95 -38.39 -6.29
N ARG E 232 25.22 -38.33 -6.65
CA ARG E 232 25.97 -37.10 -6.71
C ARG E 232 25.85 -36.53 -8.11
N PRO E 233 25.66 -35.21 -8.24
CA PRO E 233 25.79 -34.55 -9.59
C PRO E 233 27.14 -34.83 -10.30
N ARG E 234 27.15 -34.83 -11.65
CA ARG E 234 28.36 -35.27 -12.36
C ARG E 234 29.53 -34.27 -12.20
N PHE E 235 29.20 -33.00 -11.98
CA PHE E 235 30.22 -31.94 -11.94
C PHE E 235 30.90 -31.85 -10.56
N VAL E 236 30.37 -32.62 -9.61
CA VAL E 236 30.66 -32.40 -8.22
C VAL E 236 31.50 -33.49 -7.65
N LYS E 237 32.36 -33.13 -6.70
CA LYS E 237 32.97 -34.11 -5.84
C LYS E 237 32.56 -33.78 -4.42
N ASP E 238 32.33 -34.83 -3.62
CA ASP E 238 32.02 -34.71 -2.20
C ASP E 238 33.37 -34.58 -1.49
N PHE E 239 33.76 -33.34 -1.17
CA PHE E 239 35.02 -33.04 -0.48
C PHE E 239 34.97 -33.30 1.03
N MET E 240 33.77 -33.48 1.57
CA MET E 240 33.64 -33.73 2.98
C MET E 240 34.01 -35.18 3.32
N GLN E 241 33.66 -36.09 2.42
CA GLN E 241 33.80 -37.52 2.70
C GLN E 241 35.22 -37.85 3.21
N GLY E 242 35.31 -38.46 4.38
CA GLY E 242 36.61 -38.85 4.96
C GLY E 242 37.44 -37.75 5.62
N GLN E 243 36.91 -36.52 5.70
CA GLN E 243 37.65 -35.41 6.31
C GLN E 243 37.27 -35.28 7.79
N PRO E 244 38.17 -34.79 8.64
CA PRO E 244 37.77 -34.77 10.04
C PRO E 244 36.86 -33.59 10.45
N SER E 245 36.68 -32.61 9.58
CA SER E 245 35.79 -31.52 9.90
C SER E 245 35.30 -30.83 8.64
N ILE E 246 34.25 -30.04 8.81
CA ILE E 246 33.72 -29.25 7.71
C ILE E 246 34.76 -28.26 7.24
N PHE E 247 35.44 -27.62 8.17
CA PHE E 247 36.56 -26.72 7.82
C PHE E 247 37.62 -27.42 6.97
N ALA E 248 38.00 -28.62 7.41
CA ALA E 248 38.91 -29.50 6.63
C ALA E 248 38.41 -29.78 5.21
N ALA E 249 37.10 -29.99 5.10
CA ALA E 249 36.54 -30.32 3.82
C ALA E 249 36.74 -29.16 2.91
N VAL E 250 36.51 -27.97 3.42
CA VAL E 250 36.55 -26.77 2.55
C VAL E 250 38.01 -26.44 2.15
N GLU E 251 38.89 -26.62 3.13
CA GLU E 251 40.35 -26.49 2.88
C GLU E 251 40.75 -27.42 1.76
N ALA E 252 40.29 -28.69 1.81
CA ALA E 252 40.67 -29.65 0.75
C ALA E 252 40.18 -29.23 -0.57
N TYR E 253 38.97 -28.65 -0.63
CA TYR E 253 38.49 -28.13 -1.92
C TYR E 253 39.39 -27.00 -2.44
N VAL E 254 39.64 -26.00 -1.62
CA VAL E 254 40.48 -24.87 -2.03
C VAL E 254 41.87 -25.33 -2.60
N ARG E 255 42.54 -26.16 -1.81
CA ARG E 255 43.79 -26.80 -2.22
C ARG E 255 43.71 -27.57 -3.56
N ALA E 256 42.66 -28.40 -3.73
CA ALA E 256 42.53 -29.23 -4.95
C ALA E 256 42.30 -28.36 -6.13
N VAL E 257 41.52 -27.30 -5.94
CA VAL E 257 41.38 -26.37 -7.06
C VAL E 257 42.73 -25.76 -7.44
N LYS E 258 43.49 -25.37 -6.42
CA LYS E 258 44.70 -24.55 -6.61
C LYS E 258 45.84 -25.44 -7.18
N ASP E 259 45.92 -26.69 -6.72
CA ASP E 259 46.87 -27.68 -7.27
C ASP E 259 46.42 -28.38 -8.56
N GLY E 260 45.18 -28.17 -8.98
CA GLY E 260 44.78 -28.56 -10.34
C GLY E 260 44.31 -30.00 -10.37
N SER E 261 44.09 -30.56 -9.24
CA SER E 261 43.56 -31.88 -9.28
C SER E 261 42.05 -32.09 -9.07
N PHE E 262 41.27 -31.07 -8.68
CA PHE E 262 39.93 -30.77 -9.21
C PHE E 262 39.60 -29.66 -10.18
N PRO E 263 38.72 -29.92 -11.16
CA PRO E 263 37.98 -31.14 -11.46
C PRO E 263 38.86 -32.20 -12.11
N GLY E 264 38.51 -33.47 -11.88
CA GLY E 264 39.09 -34.56 -12.64
C GLY E 264 38.23 -34.93 -13.83
N PRO E 265 38.73 -35.87 -14.66
CA PRO E 265 38.05 -36.36 -15.88
C PRO E 265 36.66 -36.99 -15.64
N GLU E 266 36.44 -37.58 -14.45
CA GLU E 266 35.06 -38.02 -14.07
C GLU E 266 34.11 -36.87 -13.77
N HIS E 267 34.61 -35.64 -13.68
CA HIS E 267 33.78 -34.48 -13.42
C HIS E 267 33.53 -33.65 -14.67
N SER E 268 34.15 -34.05 -15.78
CA SER E 268 34.37 -33.24 -16.98
C SER E 268 33.95 -34.00 -18.25
N PHE E 269 33.84 -33.27 -19.37
CA PHE E 269 33.44 -33.89 -20.68
C PHE E 269 33.92 -33.19 -21.98
N HIS F 7 -39.07 -21.16 -5.37
CA HIS F 7 -39.61 -22.43 -4.76
C HIS F 7 -38.88 -23.69 -5.23
N HIS F 8 -38.01 -23.56 -6.22
CA HIS F 8 -37.05 -24.61 -6.46
C HIS F 8 -35.70 -24.29 -5.84
N MET F 9 -35.61 -23.18 -5.13
CA MET F 9 -34.35 -22.82 -4.46
C MET F 9 -34.21 -23.63 -3.20
N VAL F 10 -33.02 -24.13 -2.92
CA VAL F 10 -32.79 -24.81 -1.66
C VAL F 10 -32.35 -23.76 -0.65
N THR F 11 -33.23 -23.49 0.31
CA THR F 11 -32.98 -22.51 1.38
C THR F 11 -32.76 -23.29 2.69
N VAL F 12 -32.36 -22.57 3.73
CA VAL F 12 -32.06 -23.20 5.03
C VAL F 12 -33.34 -23.82 5.63
N PRO F 13 -34.49 -23.10 5.61
CA PRO F 13 -35.75 -23.73 6.04
C PRO F 13 -36.13 -24.99 5.27
N LYS F 14 -35.81 -25.02 3.98
CA LYS F 14 -36.14 -26.21 3.19
C LYS F 14 -35.34 -27.42 3.68
N LEU F 15 -34.08 -27.23 4.10
CA LEU F 15 -33.31 -28.37 4.59
C LEU F 15 -33.90 -28.88 5.92
N GLN F 16 -34.40 -27.94 6.73
CA GLN F 16 -35.04 -28.31 8.00
C GLN F 16 -36.29 -29.11 7.69
N ALA F 17 -37.07 -28.66 6.74
CA ALA F 17 -38.25 -29.41 6.30
C ALA F 17 -37.92 -30.82 5.78
N MET F 18 -36.75 -30.96 5.13
CA MET F 18 -36.30 -32.22 4.58
C MET F 18 -36.00 -33.18 5.71
N ARG F 19 -35.33 -32.66 6.73
CA ARG F 19 -35.06 -33.44 7.93
C ARG F 19 -36.39 -33.96 8.51
N GLU F 20 -37.40 -33.09 8.66
CA GLU F 20 -38.70 -33.47 9.22
C GLU F 20 -39.47 -34.49 8.37
N ALA F 21 -39.45 -34.34 7.06
CA ALA F 21 -40.06 -35.32 6.17
C ALA F 21 -39.21 -36.60 6.00
N GLY F 22 -37.96 -36.61 6.46
CA GLY F 22 -37.11 -37.84 6.31
C GLY F 22 -36.47 -37.97 4.94
N GLU F 23 -36.34 -36.85 4.25
CA GLU F 23 -35.77 -36.80 2.92
C GLU F 23 -34.29 -36.41 3.12
N LYS F 24 -33.40 -37.33 2.82
CA LYS F 24 -31.99 -37.15 3.03
C LYS F 24 -31.40 -36.06 2.12
N ILE F 25 -30.52 -35.28 2.71
CA ILE F 25 -29.84 -34.19 2.06
C ILE F 25 -28.52 -34.67 1.37
N ALA F 26 -28.39 -34.41 0.09
CA ALA F 26 -27.19 -34.80 -0.65
C ALA F 26 -26.37 -33.60 -0.83
N MET F 27 -25.19 -33.61 -0.22
CA MET F 27 -24.20 -32.51 -0.28
C MET F 27 -22.91 -33.00 -0.93
N LEU F 28 -22.23 -32.12 -1.67
CA LEU F 28 -20.93 -32.46 -2.31
C LEU F 28 -20.09 -31.23 -2.33
N THR F 29 -18.78 -31.40 -2.33
CA THR F 29 -17.94 -30.24 -2.44
C THR F 29 -17.91 -29.82 -3.90
N SER F 30 -17.51 -28.58 -4.11
CA SER F 30 -17.69 -27.92 -5.40
C SER F 30 -16.75 -26.73 -5.40
N TYR F 31 -16.00 -26.56 -6.46
CA TYR F 31 -15.06 -25.45 -6.51
C TYR F 31 -15.02 -24.64 -7.81
N ASP F 32 -15.85 -24.96 -8.79
CA ASP F 32 -15.85 -24.20 -10.06
C ASP F 32 -17.19 -24.19 -10.75
N ALA F 33 -17.38 -23.30 -11.74
CA ALA F 33 -18.69 -23.11 -12.35
C ALA F 33 -19.23 -24.31 -13.14
N SER F 34 -18.34 -25.05 -13.81
CA SER F 34 -18.74 -26.14 -14.66
C SER F 34 -19.27 -27.27 -13.78
N PHE F 35 -18.48 -27.64 -12.78
CA PHE F 35 -18.95 -28.66 -11.87
C PHE F 35 -20.16 -28.18 -11.05
N ALA F 36 -20.19 -26.92 -10.65
CA ALA F 36 -21.30 -26.44 -9.87
C ALA F 36 -22.59 -26.57 -10.70
N ALA F 37 -22.50 -26.30 -12.00
CA ALA F 37 -23.63 -26.35 -12.88
C ALA F 37 -24.09 -27.80 -13.05
N LEU F 38 -23.15 -28.70 -13.19
CA LEU F 38 -23.46 -30.10 -13.26
C LEU F 38 -24.05 -30.68 -11.94
N LEU F 39 -23.48 -30.34 -10.79
CA LEU F 39 -24.07 -30.76 -9.55
C LEU F 39 -25.54 -30.23 -9.39
N ASP F 40 -25.79 -29.01 -9.79
CA ASP F 40 -27.14 -28.48 -9.70
C ASP F 40 -28.11 -29.16 -10.68
N ARG F 41 -27.67 -29.45 -11.89
CA ARG F 41 -28.51 -30.23 -12.81
C ARG F 41 -28.81 -31.64 -12.21
N ALA F 42 -27.90 -32.18 -11.40
CA ALA F 42 -28.03 -33.49 -10.80
C ALA F 42 -28.84 -33.47 -9.48
N ASN F 43 -29.47 -32.33 -9.18
CA ASN F 43 -30.32 -32.15 -8.00
C ASN F 43 -29.58 -32.38 -6.66
N VAL F 44 -28.30 -31.97 -6.64
CA VAL F 44 -27.53 -31.82 -5.39
C VAL F 44 -28.12 -30.66 -4.58
N ASP F 45 -28.43 -30.94 -3.32
CA ASP F 45 -29.10 -30.00 -2.46
C ASP F 45 -28.15 -28.89 -1.91
N VAL F 46 -26.95 -29.29 -1.55
CA VAL F 46 -25.97 -28.37 -0.98
C VAL F 46 -24.62 -28.55 -1.67
N GLN F 47 -24.00 -27.45 -2.05
CA GLN F 47 -22.62 -27.37 -2.62
C GLN F 47 -21.69 -26.69 -1.60
N LEU F 48 -20.62 -27.37 -1.22
CA LEU F 48 -19.69 -26.88 -0.22
C LEU F 48 -18.36 -26.50 -0.84
N ILE F 49 -18.00 -25.22 -0.76
CA ILE F 49 -16.64 -24.78 -1.11
C ILE F 49 -15.79 -24.95 0.13
N GLY F 50 -15.12 -26.09 0.20
CA GLY F 50 -14.46 -26.51 1.45
C GLY F 50 -12.96 -26.38 1.30
N ASP F 51 -12.27 -26.35 2.43
CA ASP F 51 -10.80 -26.30 2.42
C ASP F 51 -10.11 -27.60 1.94
N SER F 52 -10.88 -28.69 1.75
CA SER F 52 -10.45 -29.83 0.98
C SER F 52 -9.79 -29.40 -0.38
N LEU F 53 -10.10 -28.19 -0.86
CA LEU F 53 -9.44 -27.66 -2.08
C LEU F 53 -7.94 -27.53 -1.95
N GLY F 54 -7.44 -27.36 -0.72
CA GLY F 54 -6.01 -27.40 -0.54
C GLY F 54 -5.34 -28.68 -0.96
N ASN F 55 -6.04 -29.80 -0.79
CA ASN F 55 -5.58 -31.13 -1.21
C ASN F 55 -5.90 -31.32 -2.69
N VAL F 56 -7.18 -31.31 -3.03
CA VAL F 56 -7.64 -31.70 -4.35
C VAL F 56 -7.24 -30.73 -5.48
N LEU F 57 -7.23 -29.45 -5.22
CA LEU F 57 -6.93 -28.51 -6.27
C LEU F 57 -5.50 -28.02 -6.20
N GLN F 58 -5.09 -27.65 -5.01
CA GLN F 58 -3.78 -27.02 -4.83
C GLN F 58 -2.64 -28.02 -4.69
N GLY F 59 -2.98 -29.28 -4.43
CA GLY F 59 -2.02 -30.31 -4.31
C GLY F 59 -1.14 -30.22 -3.05
N GLN F 60 -1.67 -29.63 -1.98
CA GLN F 60 -0.93 -29.58 -0.71
C GLN F 60 -1.20 -30.86 0.11
N ALA F 61 -0.28 -31.18 1.00
CA ALA F 61 -0.48 -32.36 1.88
C ALA F 61 -1.50 -32.05 2.94
N THR F 62 -1.57 -30.79 3.37
CA THR F 62 -2.58 -30.38 4.34
C THR F 62 -3.45 -29.25 3.80
N THR F 63 -4.56 -29.02 4.49
CA THR F 63 -5.46 -27.91 4.20
C THR F 63 -5.04 -26.54 4.82
N LEU F 64 -4.00 -26.55 5.62
CA LEU F 64 -3.57 -25.36 6.33
C LEU F 64 -3.21 -24.15 5.46
N PRO F 65 -2.62 -24.38 4.27
CA PRO F 65 -2.24 -23.19 3.46
C PRO F 65 -3.41 -22.50 2.82
N VAL F 66 -4.62 -23.09 2.90
CA VAL F 66 -5.73 -22.49 2.22
C VAL F 66 -6.11 -21.18 2.93
N THR F 67 -6.25 -20.13 2.12
CA THR F 67 -6.49 -18.78 2.63
C THR F 67 -7.94 -18.41 2.42
N LEU F 68 -8.34 -17.33 3.09
CA LEU F 68 -9.64 -16.74 2.86
C LEU F 68 -9.82 -16.29 1.41
N ASP F 69 -8.83 -15.67 0.79
CA ASP F 69 -8.94 -15.29 -0.61
C ASP F 69 -9.12 -16.50 -1.50
N ASP F 70 -8.51 -17.60 -1.16
CA ASP F 70 -8.71 -18.81 -1.96
C ASP F 70 -10.17 -19.26 -1.92
N ILE F 71 -10.73 -19.38 -0.71
CA ILE F 71 -12.11 -19.82 -0.57
C ILE F 71 -13.01 -18.82 -1.29
N ALA F 72 -12.76 -17.52 -1.12
CA ALA F 72 -13.57 -16.49 -1.78
C ALA F 72 -13.55 -16.65 -3.30
N TYR F 73 -12.41 -16.96 -3.86
CA TYR F 73 -12.28 -17.07 -5.32
C TYR F 73 -13.15 -18.27 -5.84
N HIS F 74 -13.03 -19.41 -5.19
CA HIS F 74 -13.76 -20.60 -5.59
C HIS F 74 -15.25 -20.44 -5.30
N THR F 75 -15.60 -19.77 -4.19
CA THR F 75 -16.98 -19.44 -3.91
C THR F 75 -17.62 -18.57 -5.02
N ALA F 76 -16.91 -17.55 -5.54
CA ALA F 76 -17.40 -16.72 -6.63
C ALA F 76 -17.53 -17.54 -7.93
N CYS F 77 -16.65 -18.51 -8.18
CA CYS F 77 -16.82 -19.47 -9.34
C CYS F 77 -18.09 -20.29 -9.25
N VAL F 78 -18.33 -20.88 -8.08
CA VAL F 78 -19.53 -21.65 -7.88
C VAL F 78 -20.77 -20.77 -8.00
N ALA F 79 -20.77 -19.56 -7.42
CA ALA F 79 -22.00 -18.74 -7.38
C ALA F 79 -22.36 -18.22 -8.75
N ARG F 80 -21.35 -18.02 -9.58
CA ARG F 80 -21.56 -17.61 -10.95
C ARG F 80 -22.32 -18.67 -11.78
N ALA F 81 -22.37 -19.92 -11.36
CA ALA F 81 -23.25 -20.91 -11.99
C ALA F 81 -24.72 -20.69 -11.59
N GLN F 82 -24.97 -19.93 -10.53
CA GLN F 82 -26.30 -19.56 -10.09
C GLN F 82 -27.10 -20.84 -9.81
N PRO F 83 -26.59 -21.66 -8.89
CA PRO F 83 -27.28 -22.91 -8.61
C PRO F 83 -28.54 -22.68 -7.75
N ARG F 84 -29.54 -23.54 -7.90
CA ARG F 84 -30.68 -23.57 -7.02
C ARG F 84 -30.26 -24.10 -5.63
N GLY F 85 -29.26 -24.97 -5.58
CA GLY F 85 -28.78 -25.53 -4.31
C GLY F 85 -28.10 -24.52 -3.40
N LEU F 86 -28.05 -24.85 -2.11
CA LEU F 86 -27.51 -23.96 -1.11
C LEU F 86 -26.00 -23.94 -1.25
N VAL F 87 -25.44 -22.75 -1.31
CA VAL F 87 -23.98 -22.63 -1.40
C VAL F 87 -23.36 -22.35 -0.06
N VAL F 88 -22.53 -23.26 0.39
CA VAL F 88 -21.90 -23.15 1.70
C VAL F 88 -20.42 -23.03 1.50
N ALA F 89 -19.80 -22.13 2.23
CA ALA F 89 -18.33 -21.94 2.20
C ALA F 89 -17.66 -22.11 3.56
N ASP F 90 -16.60 -22.91 3.63
CA ASP F 90 -15.76 -22.93 4.83
C ASP F 90 -15.03 -21.64 5.13
N LEU F 91 -15.01 -21.25 6.40
CA LEU F 91 -14.00 -20.32 6.91
C LEU F 91 -12.74 -21.17 7.17
N PRO F 92 -11.66 -20.88 6.45
CA PRO F 92 -10.44 -21.64 6.65
C PRO F 92 -9.75 -21.33 7.97
N PHE F 93 -8.81 -22.20 8.27
CA PHE F 93 -8.19 -22.21 9.58
C PHE F 93 -7.57 -20.85 9.77
N GLY F 94 -7.73 -20.29 10.96
CA GLY F 94 -7.09 -19.02 11.26
C GLY F 94 -7.91 -17.79 11.01
N THR F 95 -9.12 -17.94 10.46
CA THR F 95 -9.93 -16.76 10.05
C THR F 95 -11.13 -16.51 10.98
N TYR F 96 -11.16 -17.18 12.10
CA TYR F 96 -12.25 -16.98 13.09
C TYR F 96 -11.84 -17.12 14.54
N GLY F 97 -10.65 -16.58 14.85
CA GLY F 97 -10.08 -16.58 16.17
C GLY F 97 -10.76 -15.69 17.18
N THR F 98 -11.48 -14.63 16.72
CA THR F 98 -12.44 -13.87 17.55
C THR F 98 -13.78 -13.70 16.83
N PRO F 99 -14.88 -13.38 17.56
CA PRO F 99 -16.14 -13.20 16.83
C PRO F 99 -16.10 -12.10 15.80
N ALA F 100 -15.39 -11.01 16.09
CA ALA F 100 -15.24 -9.93 15.13
C ALA F 100 -14.49 -10.41 13.90
N ASP F 101 -13.43 -11.22 14.08
CA ASP F 101 -12.65 -11.70 12.92
C ASP F 101 -13.52 -12.67 12.10
N ALA F 102 -14.28 -13.52 12.80
CA ALA F 102 -15.14 -14.50 12.15
C ALA F 102 -16.15 -13.79 11.29
N PHE F 103 -16.72 -12.70 11.79
CA PHE F 103 -17.74 -11.94 11.05
C PHE F 103 -17.14 -11.28 9.80
N ALA F 104 -16.01 -10.58 9.94
CA ALA F 104 -15.37 -9.98 8.79
C ALA F 104 -15.10 -11.04 7.72
N SER F 105 -14.63 -12.22 8.14
CA SER F 105 -14.32 -13.33 7.20
C SER F 105 -15.56 -13.81 6.51
N ALA F 106 -16.60 -14.02 7.30
CA ALA F 106 -17.88 -14.49 6.81
C ALA F 106 -18.48 -13.50 5.84
N VAL F 107 -18.34 -12.20 6.14
CA VAL F 107 -18.91 -11.19 5.24
C VAL F 107 -18.28 -11.28 3.84
N LYS F 108 -16.97 -11.47 3.81
CA LYS F 108 -16.25 -11.58 2.54
C LYS F 108 -16.76 -12.78 1.70
N LEU F 109 -17.01 -13.91 2.34
CA LEU F 109 -17.48 -15.07 1.62
C LEU F 109 -18.95 -14.89 1.11
N MET F 110 -19.77 -14.21 1.90
CA MET F 110 -21.15 -13.96 1.48
C MET F 110 -21.20 -12.90 0.39
N ARG F 111 -20.34 -11.90 0.44
CA ARG F 111 -20.30 -10.97 -0.67
C ARG F 111 -19.96 -11.73 -1.95
N ALA F 112 -19.14 -12.77 -1.83
CA ALA F 112 -18.67 -13.57 -2.98
C ALA F 112 -19.70 -14.57 -3.50
N GLY F 113 -20.76 -14.81 -2.73
CA GLY F 113 -21.83 -15.71 -3.08
C GLY F 113 -22.24 -16.81 -2.10
N ALA F 114 -21.56 -16.99 -1.00
CA ALA F 114 -21.92 -17.97 -0.01
C ALA F 114 -23.27 -17.57 0.60
N GLN F 115 -24.14 -18.54 0.84
CA GLN F 115 -25.41 -18.34 1.56
C GLN F 115 -25.28 -18.81 3.02
N MET F 116 -24.20 -19.50 3.31
CA MET F 116 -23.97 -19.99 4.64
C MET F 116 -22.48 -20.26 4.76
N VAL F 117 -21.96 -20.18 5.97
CA VAL F 117 -20.54 -20.42 6.19
C VAL F 117 -20.37 -21.47 7.21
N LYS F 118 -19.27 -22.19 7.13
CA LYS F 118 -19.05 -23.36 7.97
C LYS F 118 -17.80 -23.13 8.82
N LEU F 119 -17.93 -23.36 10.11
CA LEU F 119 -16.84 -23.13 11.07
C LEU F 119 -16.63 -24.41 11.83
N GLU F 120 -15.41 -24.95 11.78
CA GLU F 120 -15.04 -26.16 12.53
C GLU F 120 -14.53 -25.91 13.97
N GLY F 121 -15.14 -26.61 14.90
CA GLY F 121 -14.76 -26.51 16.32
C GLY F 121 -15.89 -26.91 17.21
N GLY F 122 -15.57 -27.16 18.49
CA GLY F 122 -16.58 -27.69 19.41
C GLY F 122 -17.26 -26.57 20.18
N GLU F 123 -17.60 -26.89 21.43
CA GLU F 123 -18.19 -25.97 22.38
C GLU F 123 -17.66 -24.55 22.42
N TRP F 124 -16.34 -24.40 22.32
CA TRP F 124 -15.79 -23.06 22.46
C TRP F 124 -16.34 -22.09 21.44
N LEU F 125 -16.94 -22.58 20.37
CA LEU F 125 -17.38 -21.70 19.27
C LEU F 125 -18.73 -21.06 19.53
N ALA F 126 -19.42 -21.49 20.60
CA ALA F 126 -20.80 -21.03 20.86
C ALA F 126 -20.95 -19.52 20.73
N GLU F 127 -20.02 -18.76 21.32
CA GLU F 127 -20.11 -17.28 21.31
C GLU F 127 -19.96 -16.76 19.88
N THR F 128 -19.02 -17.33 19.15
CA THR F 128 -18.81 -16.97 17.74
C THR F 128 -20.07 -17.23 16.89
N VAL F 129 -20.63 -18.43 17.01
CA VAL F 129 -21.89 -18.77 16.27
C VAL F 129 -23.02 -17.81 16.61
N ARG F 130 -23.21 -17.54 17.91
CA ARG F 130 -24.27 -16.57 18.31
C ARG F 130 -24.02 -15.17 17.69
N PHE F 131 -22.76 -14.73 17.65
CA PHE F 131 -22.39 -13.44 17.07
C PHE F 131 -22.77 -13.36 15.63
N LEU F 132 -22.36 -14.38 14.87
CA LEU F 132 -22.66 -14.47 13.42
C LEU F 132 -24.16 -14.58 13.14
N VAL F 133 -24.82 -15.48 13.85
CA VAL F 133 -26.24 -15.73 13.53
C VAL F 133 -27.04 -14.47 13.85
N GLU F 134 -26.68 -13.78 14.90
CA GLU F 134 -27.37 -12.55 15.26
C GLU F 134 -27.21 -11.44 14.19
N ARG F 135 -26.11 -11.50 13.46
CA ARG F 135 -25.78 -10.52 12.43
C ARG F 135 -26.19 -11.07 11.08
N ALA F 136 -27.04 -12.09 11.08
CA ALA F 136 -27.66 -12.60 9.85
C ALA F 136 -26.68 -13.34 8.92
N VAL F 137 -25.69 -13.99 9.52
CA VAL F 137 -24.84 -14.90 8.79
C VAL F 137 -25.30 -16.30 9.17
N PRO F 138 -25.90 -17.06 8.22
CA PRO F 138 -26.28 -18.41 8.59
C PRO F 138 -25.03 -19.30 8.77
N VAL F 139 -25.11 -20.19 9.75
CA VAL F 139 -23.91 -20.98 10.10
C VAL F 139 -24.14 -22.49 10.06
N CYS F 140 -23.12 -23.17 9.51
CA CYS F 140 -23.00 -24.61 9.53
C CYS F 140 -21.87 -24.99 10.48
N ALA F 141 -22.15 -25.84 11.46
CA ALA F 141 -21.13 -26.23 12.43
C ALA F 141 -20.48 -27.50 11.89
N HIS F 142 -19.40 -27.91 12.53
CA HIS F 142 -18.60 -29.04 12.01
C HIS F 142 -17.85 -29.59 13.20
N VAL F 143 -18.24 -30.78 13.60
CA VAL F 143 -17.71 -31.43 14.78
C VAL F 143 -17.29 -32.87 14.41
N GLY F 144 -16.51 -33.47 15.29
CA GLY F 144 -16.01 -34.84 15.16
C GLY F 144 -15.18 -35.19 16.41
N LEU F 145 -14.66 -36.39 16.50
CA LEU F 145 -14.14 -36.82 17.83
C LEU F 145 -12.77 -36.23 18.21
N GLU F 163 -16.90 -43.66 26.78
CA GLU F 163 -18.06 -42.80 27.03
C GLU F 163 -17.73 -41.32 26.77
N ALA F 164 -16.60 -40.85 27.33
CA ALA F 164 -16.23 -39.41 27.27
C ALA F 164 -15.98 -38.83 25.85
N GLY F 165 -15.60 -39.69 24.88
CA GLY F 165 -15.50 -39.30 23.47
C GLY F 165 -16.89 -38.91 22.98
N ALA F 166 -17.82 -39.85 23.08
CA ALA F 166 -19.16 -39.64 22.60
C ALA F 166 -19.80 -38.48 23.31
N ALA F 167 -19.55 -38.38 24.62
CA ALA F 167 -20.16 -37.35 25.45
C ALA F 167 -19.74 -35.96 25.02
N GLN F 168 -18.45 -35.74 24.75
CA GLN F 168 -18.03 -34.39 24.43
C GLN F 168 -18.59 -33.98 23.05
N LEU F 169 -18.69 -34.94 22.15
CA LEU F 169 -19.14 -34.67 20.81
C LEU F 169 -20.57 -34.19 20.91
N LEU F 170 -21.32 -34.87 21.76
CA LEU F 170 -22.72 -34.60 21.90
C LEU F 170 -22.90 -33.24 22.59
N ARG F 171 -22.05 -32.94 23.55
CA ARG F 171 -22.04 -31.60 24.16
C ARG F 171 -21.68 -30.46 23.13
N ASP F 172 -20.63 -30.70 22.34
CA ASP F 172 -20.24 -29.75 21.25
C ASP F 172 -21.43 -29.46 20.32
N ALA F 173 -22.02 -30.53 19.78
CA ALA F 173 -23.18 -30.43 18.90
C ALA F 173 -24.34 -29.62 19.48
N ARG F 174 -24.75 -29.97 20.70
CA ARG F 174 -25.82 -29.24 21.37
C ARG F 174 -25.44 -27.81 21.54
N ALA F 175 -24.18 -27.54 21.92
CA ALA F 175 -23.75 -26.16 22.15
C ALA F 175 -23.90 -25.32 20.88
N VAL F 176 -23.47 -25.84 19.73
CA VAL F 176 -23.51 -25.06 18.50
C VAL F 176 -24.94 -24.90 17.94
N GLU F 177 -25.76 -25.94 18.10
CA GLU F 177 -27.19 -25.84 17.76
C GLU F 177 -27.86 -24.76 18.59
N GLU F 178 -27.65 -24.82 19.91
CA GLU F 178 -28.22 -23.82 20.80
C GLU F 178 -27.76 -22.39 20.46
N ALA F 179 -26.51 -22.21 20.05
CA ALA F 179 -26.02 -20.88 19.66
C ALA F 179 -26.65 -20.42 18.32
N GLY F 180 -27.26 -21.32 17.55
CA GLY F 180 -27.95 -20.89 16.31
C GLY F 180 -27.50 -21.54 15.00
N ALA F 181 -26.53 -22.45 15.04
CA ALA F 181 -26.14 -23.21 13.82
C ALA F 181 -27.38 -23.93 13.26
N GLN F 182 -27.63 -23.81 11.96
CA GLN F 182 -28.79 -24.42 11.32
C GLN F 182 -28.47 -25.66 10.50
N LEU F 183 -27.19 -26.06 10.49
CA LEU F 183 -26.77 -27.31 9.83
C LEU F 183 -25.52 -27.73 10.54
N ILE F 184 -25.23 -29.02 10.57
CA ILE F 184 -24.01 -29.47 11.24
C ILE F 184 -23.42 -30.62 10.45
N VAL F 185 -22.12 -30.55 10.19
CA VAL F 185 -21.36 -31.71 9.71
C VAL F 185 -20.76 -32.56 10.83
N LEU F 186 -20.98 -33.86 10.76
CA LEU F 186 -20.40 -34.87 11.65
C LEU F 186 -19.34 -35.62 10.85
N GLU F 187 -18.08 -35.54 11.28
CA GLU F 187 -17.01 -36.12 10.52
C GLU F 187 -16.34 -37.18 11.37
N ALA F 188 -16.22 -38.40 10.83
CA ALA F 188 -15.40 -39.52 11.39
C ALA F 188 -15.88 -39.96 12.79
N VAL F 189 -17.11 -40.45 12.83
CA VAL F 189 -17.83 -40.74 14.05
C VAL F 189 -18.42 -42.12 13.88
N PRO F 190 -18.31 -42.97 14.92
CA PRO F 190 -18.99 -44.25 14.86
C PRO F 190 -20.47 -44.08 14.64
N THR F 191 -21.04 -45.02 13.90
CA THR F 191 -22.39 -44.89 13.37
C THR F 191 -23.42 -44.75 14.45
N LEU F 192 -23.22 -45.46 15.56
CA LEU F 192 -24.19 -45.42 16.67
C LEU F 192 -24.10 -44.09 17.38
N VAL F 193 -22.90 -43.55 17.52
CA VAL F 193 -22.77 -42.21 18.10
C VAL F 193 -23.41 -41.09 17.23
N ALA F 194 -23.18 -41.16 15.93
CA ALA F 194 -23.80 -40.25 14.98
C ALA F 194 -25.32 -40.34 15.10
N ALA F 195 -25.83 -41.58 15.22
CA ALA F 195 -27.30 -41.77 15.29
C ALA F 195 -27.92 -41.08 16.49
N GLU F 196 -27.29 -41.23 17.67
CA GLU F 196 -27.73 -40.48 18.88
C GLU F 196 -27.61 -38.96 18.75
N VAL F 197 -26.47 -38.45 18.27
CA VAL F 197 -26.37 -37.03 18.02
C VAL F 197 -27.53 -36.55 17.10
N THR F 198 -27.75 -37.28 16.01
CA THR F 198 -28.82 -36.89 15.07
C THR F 198 -30.21 -36.94 15.75
N ARG F 199 -30.42 -37.96 16.59
CA ARG F 199 -31.65 -38.13 17.38
C ARG F 199 -31.83 -36.95 18.35
N GLU F 200 -30.77 -36.63 19.09
CA GLU F 200 -30.82 -35.53 20.05
C GLU F 200 -30.92 -34.12 19.49
N LEU F 201 -30.40 -33.89 18.28
CA LEU F 201 -30.47 -32.55 17.67
C LEU F 201 -31.77 -32.40 16.93
N SER F 202 -32.14 -31.17 16.74
CA SER F 202 -33.29 -30.85 16.00
C SER F 202 -32.90 -30.28 14.59
N ILE F 203 -31.64 -29.89 14.40
CA ILE F 203 -31.17 -29.43 13.06
C ILE F 203 -30.66 -30.63 12.23
N PRO F 204 -30.56 -30.47 10.89
CA PRO F 204 -30.06 -31.58 10.10
C PRO F 204 -28.57 -31.84 10.34
N THR F 205 -28.22 -33.11 10.38
CA THR F 205 -26.85 -33.56 10.44
C THR F 205 -26.44 -34.14 9.07
N ILE F 206 -25.21 -33.83 8.67
CA ILE F 206 -24.64 -34.28 7.42
C ILE F 206 -23.40 -35.08 7.80
N GLY F 207 -23.37 -36.37 7.51
CA GLY F 207 -22.19 -37.12 7.78
C GLY F 207 -21.15 -37.23 6.68
N ILE F 208 -19.91 -37.47 7.09
CA ILE F 208 -18.89 -37.97 6.23
C ILE F 208 -18.03 -38.87 7.13
N GLY F 209 -18.02 -40.15 6.81
CA GLY F 209 -17.45 -41.15 7.68
C GLY F 209 -18.25 -41.24 8.99
N ALA F 210 -19.54 -40.93 8.94
CA ALA F 210 -20.34 -40.99 10.15
C ALA F 210 -21.51 -41.97 10.05
N GLY F 211 -21.56 -42.80 9.02
CA GLY F 211 -22.67 -43.76 8.93
C GLY F 211 -23.92 -43.15 8.34
N ALA F 212 -24.97 -43.97 8.22
CA ALA F 212 -26.14 -43.63 7.44
C ALA F 212 -27.30 -43.06 8.27
N GLU F 213 -27.11 -42.87 9.58
CA GLU F 213 -28.18 -42.38 10.42
C GLU F 213 -28.05 -40.88 10.66
N CYS F 214 -27.73 -40.13 9.61
CA CYS F 214 -27.66 -38.69 9.66
C CYS F 214 -28.71 -38.19 8.68
N SER F 215 -29.03 -36.92 8.76
CA SER F 215 -30.03 -36.35 7.93
C SER F 215 -29.60 -36.21 6.48
N GLY F 216 -28.29 -36.32 6.24
CA GLY F 216 -27.74 -36.32 4.89
C GLY F 216 -26.25 -36.63 4.87
N GLN F 217 -25.64 -36.54 3.70
CA GLN F 217 -24.25 -36.96 3.52
C GLN F 217 -23.47 -35.92 2.71
N VAL F 218 -22.16 -35.91 2.91
CA VAL F 218 -21.25 -35.13 2.08
C VAL F 218 -20.04 -35.99 1.75
N LEU F 219 -19.49 -35.76 0.54
CA LEU F 219 -18.24 -36.29 0.11
C LEU F 219 -17.48 -35.22 -0.68
N VAL F 220 -16.15 -35.40 -0.77
CA VAL F 220 -15.31 -34.60 -1.63
C VAL F 220 -15.56 -35.06 -3.11
N LEU F 221 -15.89 -34.11 -3.96
CA LEU F 221 -16.25 -34.38 -5.34
C LEU F 221 -15.23 -35.28 -5.99
N HIS F 222 -13.95 -34.87 -5.93
CA HIS F 222 -12.91 -35.59 -6.67
C HIS F 222 -12.76 -37.01 -6.18
N ASP F 223 -13.01 -37.25 -4.89
CA ASP F 223 -13.01 -38.65 -4.38
C ASP F 223 -14.15 -39.50 -4.98
N MET F 224 -15.39 -39.03 -4.92
CA MET F 224 -16.49 -39.80 -5.44
C MET F 224 -16.50 -39.94 -6.98
N LEU F 225 -15.72 -39.12 -7.70
CA LEU F 225 -15.54 -39.27 -9.17
C LEU F 225 -14.39 -40.20 -9.56
N GLY F 226 -13.69 -40.73 -8.56
CA GLY F 226 -12.63 -41.71 -8.81
C GLY F 226 -11.34 -41.10 -9.33
N VAL F 227 -11.10 -39.81 -9.11
CA VAL F 227 -9.94 -39.13 -9.71
C VAL F 227 -8.57 -39.56 -9.13
N PHE F 228 -8.59 -40.32 -8.02
CA PHE F 228 -7.35 -40.70 -7.36
C PHE F 228 -6.95 -42.16 -7.44
N PRO F 229 -5.67 -42.39 -7.76
CA PRO F 229 -5.17 -43.76 -7.89
C PRO F 229 -4.98 -44.44 -6.52
N GLY F 230 -5.00 -45.76 -6.51
CA GLY F 230 -4.71 -46.54 -5.29
C GLY F 230 -5.89 -46.62 -4.36
N LYS F 231 -5.59 -46.91 -3.08
CA LYS F 231 -6.56 -47.05 -2.00
C LYS F 231 -7.33 -45.75 -1.71
N ARG F 232 -8.60 -45.71 -2.12
CA ARG F 232 -9.55 -44.63 -1.75
C ARG F 232 -9.86 -44.69 -0.23
N PRO F 233 -10.24 -43.57 0.39
CA PRO F 233 -10.53 -43.71 1.82
C PRO F 233 -11.73 -44.62 2.05
N ARG F 234 -11.80 -45.15 3.26
CA ARG F 234 -12.80 -46.13 3.61
C ARG F 234 -14.21 -45.55 3.52
N PHE F 235 -14.40 -44.29 3.87
CA PHE F 235 -15.75 -43.73 3.90
C PHE F 235 -16.22 -43.22 2.51
N VAL F 236 -15.38 -43.35 1.49
CA VAL F 236 -15.71 -42.85 0.15
C VAL F 236 -16.13 -44.00 -0.72
N LYS F 237 -17.11 -43.77 -1.58
CA LYS F 237 -17.42 -44.68 -2.67
C LYS F 237 -17.21 -43.97 -4.02
N ASP F 238 -16.62 -44.68 -4.97
CA ASP F 238 -16.43 -44.22 -6.35
C ASP F 238 -17.72 -44.43 -7.11
N PHE F 239 -18.51 -43.37 -7.28
CA PHE F 239 -19.79 -43.44 -8.07
C PHE F 239 -19.66 -43.41 -9.59
N MET F 240 -18.50 -43.05 -10.08
CA MET F 240 -18.18 -43.03 -11.52
C MET F 240 -18.23 -44.45 -12.14
N GLN F 241 -17.65 -45.43 -11.44
CA GLN F 241 -17.60 -46.78 -11.93
C GLN F 241 -18.97 -47.45 -12.20
N GLY F 242 -19.15 -47.96 -13.40
CA GLY F 242 -20.45 -48.49 -13.79
C GLY F 242 -21.35 -47.45 -14.44
N GLN F 243 -20.97 -46.16 -14.42
CA GLN F 243 -21.89 -45.12 -14.93
C GLN F 243 -21.43 -44.57 -16.24
N PRO F 244 -22.37 -44.06 -17.07
CA PRO F 244 -21.99 -43.66 -18.41
C PRO F 244 -21.35 -42.30 -18.53
N SER F 245 -21.46 -41.42 -17.52
CA SER F 245 -21.05 -40.02 -17.67
C SER F 245 -20.79 -39.47 -16.28
N ILE F 246 -20.04 -38.34 -16.20
CA ILE F 246 -19.86 -37.64 -14.91
C ILE F 246 -21.19 -37.22 -14.24
N PHE F 247 -22.13 -36.78 -15.08
CA PHE F 247 -23.45 -36.37 -14.60
C PHE F 247 -24.21 -37.58 -13.99
N ALA F 248 -24.15 -38.74 -14.63
CA ALA F 248 -24.82 -39.92 -14.14
C ALA F 248 -24.14 -40.40 -12.88
N ALA F 249 -22.83 -40.21 -12.78
CA ALA F 249 -22.10 -40.53 -11.53
C ALA F 249 -22.62 -39.67 -10.35
N VAL F 250 -22.79 -38.36 -10.56
CA VAL F 250 -23.37 -37.46 -9.57
C VAL F 250 -24.82 -37.84 -9.26
N GLU F 251 -25.64 -38.10 -10.27
CA GLU F 251 -27.00 -38.63 -9.98
C GLU F 251 -27.01 -39.94 -9.20
N ALA F 252 -26.05 -40.81 -9.43
CA ALA F 252 -26.02 -42.07 -8.66
C ALA F 252 -25.73 -41.83 -7.20
N TYR F 253 -24.91 -40.83 -6.91
CA TYR F 253 -24.63 -40.42 -5.55
C TYR F 253 -25.92 -39.87 -4.88
N VAL F 254 -26.58 -38.94 -5.53
CA VAL F 254 -27.78 -38.31 -4.98
C VAL F 254 -28.84 -39.40 -4.71
N ARG F 255 -28.97 -40.31 -5.67
CA ARG F 255 -29.87 -41.44 -5.50
C ARG F 255 -29.56 -42.32 -4.30
N ALA F 256 -28.28 -42.68 -4.16
CA ALA F 256 -27.89 -43.60 -3.10
C ALA F 256 -27.99 -42.92 -1.74
N VAL F 257 -27.66 -41.64 -1.66
CA VAL F 257 -27.89 -40.90 -0.41
C VAL F 257 -29.39 -40.95 -0.08
N LYS F 258 -30.24 -40.60 -1.05
CA LYS F 258 -31.66 -40.47 -0.74
C LYS F 258 -32.41 -41.80 -0.50
N ASP F 259 -32.02 -42.90 -1.12
CA ASP F 259 -32.61 -44.21 -0.81
C ASP F 259 -31.91 -44.89 0.39
N GLY F 260 -30.89 -44.25 0.93
CA GLY F 260 -30.26 -44.71 2.18
C GLY F 260 -29.28 -45.85 2.01
N SER F 261 -28.87 -46.15 0.78
CA SER F 261 -27.91 -47.18 0.63
C SER F 261 -26.43 -46.77 0.44
N PHE F 262 -26.12 -45.50 0.26
CA PHE F 262 -24.97 -44.86 0.86
C PHE F 262 -25.17 -43.87 1.99
N PRO F 263 -24.28 -43.94 3.02
CA PRO F 263 -23.11 -44.89 3.14
C PRO F 263 -23.52 -46.30 3.52
N GLY F 264 -22.81 -47.26 2.97
CA GLY F 264 -22.98 -48.65 3.33
C GLY F 264 -22.14 -48.99 4.57
N PRO F 265 -22.35 -50.18 5.11
CA PRO F 265 -21.55 -50.69 6.22
C PRO F 265 -20.05 -50.61 6.01
N GLU F 266 -19.56 -51.00 4.83
CA GLU F 266 -18.12 -50.83 4.53
C GLU F 266 -17.63 -49.38 4.62
N HIS F 267 -18.51 -48.38 4.55
CA HIS F 267 -18.06 -46.97 4.56
C HIS F 267 -18.22 -46.35 5.95
N SER F 268 -18.54 -47.19 6.93
CA SER F 268 -19.05 -46.79 8.26
C SER F 268 -18.28 -47.54 9.36
N PHE F 269 -18.35 -47.08 10.61
CA PHE F 269 -17.72 -47.85 11.72
C PHE F 269 -18.34 -47.69 13.13
N MET G 9 -37.03 22.66 3.46
CA MET G 9 -35.80 21.97 3.99
C MET G 9 -36.27 20.88 4.95
N VAL G 10 -36.18 19.61 4.55
CA VAL G 10 -36.59 18.52 5.44
C VAL G 10 -35.39 18.10 6.28
N THR G 11 -35.50 18.32 7.58
CA THR G 11 -34.48 17.93 8.54
C THR G 11 -35.06 16.83 9.38
N VAL G 12 -34.24 16.27 10.26
CA VAL G 12 -34.73 15.20 11.10
C VAL G 12 -35.88 15.65 12.02
N PRO G 13 -35.74 16.83 12.65
CA PRO G 13 -36.85 17.36 13.45
C PRO G 13 -38.09 17.61 12.63
N LYS G 14 -37.91 18.01 11.38
CA LYS G 14 -39.06 18.24 10.52
C LYS G 14 -39.90 16.95 10.38
N LEU G 15 -39.24 15.78 10.38
CA LEU G 15 -39.95 14.52 10.14
C LEU G 15 -40.84 14.25 11.33
N GLN G 16 -40.29 14.47 12.52
CA GLN G 16 -41.07 14.33 13.75
C GLN G 16 -42.30 15.28 13.68
N ALA G 17 -42.10 16.53 13.27
CA ALA G 17 -43.22 17.48 13.18
C ALA G 17 -44.28 17.04 12.18
N MET G 18 -43.87 16.41 11.07
CA MET G 18 -44.82 15.92 10.08
C MET G 18 -45.74 14.80 10.61
N ARG G 19 -45.18 13.94 11.45
CA ARG G 19 -45.92 12.86 12.06
C ARG G 19 -46.96 13.46 13.01
N GLU G 20 -46.51 14.39 13.85
CA GLU G 20 -47.40 15.07 14.79
C GLU G 20 -48.49 15.83 14.03
N ALA G 21 -48.16 16.48 12.92
CA ALA G 21 -49.20 17.11 12.09
C ALA G 21 -50.05 16.13 11.28
N GLY G 22 -49.76 14.83 11.27
CA GLY G 22 -50.47 13.93 10.34
C GLY G 22 -50.17 14.21 8.85
N GLU G 23 -49.08 14.90 8.51
CA GLU G 23 -48.59 14.95 7.13
C GLU G 23 -47.73 13.70 6.79
N LYS G 24 -48.19 12.92 5.82
CA LYS G 24 -47.50 11.68 5.47
C LYS G 24 -46.19 11.97 4.73
N ILE G 25 -45.15 11.20 5.09
CA ILE G 25 -43.82 11.36 4.52
C ILE G 25 -43.68 10.50 3.23
N ALA G 26 -43.33 11.14 2.12
CA ALA G 26 -43.06 10.42 0.88
C ALA G 26 -41.54 10.24 0.72
N MET G 27 -41.12 8.97 0.75
CA MET G 27 -39.72 8.59 0.62
C MET G 27 -39.55 7.77 -0.64
N LEU G 28 -38.44 7.94 -1.34
CA LEU G 28 -38.15 7.12 -2.51
C LEU G 28 -36.67 6.86 -2.55
N THR G 29 -36.26 5.73 -3.13
CA THR G 29 -34.83 5.52 -3.32
C THR G 29 -34.37 6.41 -4.45
N SER G 30 -33.08 6.71 -4.44
CA SER G 30 -32.51 7.69 -5.34
C SER G 30 -31.02 7.36 -5.44
N TYR G 31 -30.44 7.36 -6.64
CA TYR G 31 -29.03 6.93 -6.79
C TYR G 31 -28.11 7.84 -7.63
N ASP G 32 -28.67 8.88 -8.26
CA ASP G 32 -27.89 9.79 -9.06
C ASP G 32 -28.42 11.24 -9.05
N ALA G 33 -27.65 12.16 -9.64
CA ALA G 33 -27.93 13.60 -9.51
C ALA G 33 -29.21 14.02 -10.28
N SER G 34 -29.45 13.45 -11.45
CA SER G 34 -30.56 13.83 -12.30
C SER G 34 -31.89 13.41 -11.67
N PHE G 35 -31.97 12.17 -11.21
CA PHE G 35 -33.18 11.78 -10.53
C PHE G 35 -33.32 12.50 -9.20
N ALA G 36 -32.23 12.69 -8.48
CA ALA G 36 -32.33 13.37 -7.22
C ALA G 36 -32.95 14.77 -7.39
N ALA G 37 -32.56 15.47 -8.42
CA ALA G 37 -33.09 16.81 -8.67
C ALA G 37 -34.57 16.74 -9.12
N LEU G 38 -34.92 15.75 -9.93
CA LEU G 38 -36.33 15.57 -10.34
C LEU G 38 -37.18 15.24 -9.13
N LEU G 39 -36.70 14.30 -8.28
CA LEU G 39 -37.44 13.95 -7.06
C LEU G 39 -37.67 15.14 -6.15
N ASP G 40 -36.62 15.95 -5.97
CA ASP G 40 -36.73 17.10 -5.16
C ASP G 40 -37.73 18.14 -5.75
N ARG G 41 -37.79 18.27 -7.07
CA ARG G 41 -38.74 19.17 -7.68
C ARG G 41 -40.14 18.66 -7.46
N ALA G 42 -40.32 17.35 -7.34
CA ALA G 42 -41.65 16.77 -7.08
C ALA G 42 -41.98 16.77 -5.59
N ASN G 43 -41.13 17.38 -4.78
CA ASN G 43 -41.34 17.47 -3.33
C ASN G 43 -41.25 16.17 -2.56
N VAL G 44 -40.46 15.21 -3.05
CA VAL G 44 -40.10 14.02 -2.26
C VAL G 44 -39.46 14.51 -1.02
N ASP G 45 -39.88 13.95 0.12
CA ASP G 45 -39.42 14.38 1.44
C ASP G 45 -38.03 13.78 1.84
N VAL G 46 -37.85 12.50 1.51
CA VAL G 46 -36.67 11.70 1.91
C VAL G 46 -36.21 10.89 0.72
N GLN G 47 -34.92 11.02 0.38
CA GLN G 47 -34.33 10.25 -0.70
C GLN G 47 -33.41 9.26 -0.06
N LEU G 48 -33.59 7.99 -0.42
CA LEU G 48 -32.82 6.91 0.15
C LEU G 48 -31.81 6.30 -0.84
N ILE G 49 -30.54 6.32 -0.49
CA ILE G 49 -29.50 5.54 -1.22
C ILE G 49 -29.36 4.20 -0.54
N GLY G 50 -30.08 3.26 -1.08
CA GLY G 50 -30.41 2.02 -0.41
C GLY G 50 -29.63 0.94 -1.11
N ASP G 51 -29.42 -0.18 -0.41
CA ASP G 51 -28.67 -1.29 -1.06
C ASP G 51 -29.46 -2.05 -2.10
N SER G 52 -30.73 -1.67 -2.24
CA SER G 52 -31.50 -1.97 -3.43
C SER G 52 -30.74 -1.67 -4.73
N LEU G 53 -29.78 -0.72 -4.73
CA LEU G 53 -28.98 -0.42 -5.94
C LEU G 53 -28.20 -1.68 -6.41
N GLY G 54 -27.99 -2.64 -5.50
CA GLY G 54 -27.41 -3.94 -5.88
C GLY G 54 -28.19 -4.70 -6.94
N ASN G 55 -29.54 -4.65 -6.83
CA ASN G 55 -30.42 -5.23 -7.83
C ASN G 55 -30.63 -4.25 -8.98
N VAL G 56 -31.12 -3.04 -8.69
CA VAL G 56 -31.65 -2.17 -9.76
C VAL G 56 -30.58 -1.51 -10.63
N LEU G 57 -29.43 -1.15 -10.05
CA LEU G 57 -28.35 -0.55 -10.83
C LEU G 57 -27.28 -1.63 -11.20
N GLN G 58 -26.91 -2.51 -10.25
CA GLN G 58 -25.78 -3.40 -10.49
C GLN G 58 -26.19 -4.71 -11.14
N GLY G 59 -27.50 -4.96 -11.13
CA GLY G 59 -28.05 -6.17 -11.72
C GLY G 59 -27.70 -7.46 -11.01
N GLN G 60 -27.43 -7.42 -9.71
CA GLN G 60 -27.11 -8.64 -8.95
C GLN G 60 -28.41 -9.25 -8.44
N ALA G 61 -28.38 -10.53 -8.09
CA ALA G 61 -29.57 -11.26 -7.56
C ALA G 61 -29.90 -10.92 -6.12
N THR G 62 -28.89 -10.54 -5.37
CA THR G 62 -29.08 -10.10 -4.00
C THR G 62 -28.30 -8.81 -3.79
N THR G 63 -28.45 -8.25 -2.60
CA THR G 63 -27.83 -6.96 -2.27
C THR G 63 -26.50 -7.13 -1.52
N LEU G 64 -26.12 -8.38 -1.25
CA LEU G 64 -24.95 -8.65 -0.45
C LEU G 64 -23.65 -8.15 -1.07
N PRO G 65 -23.56 -8.11 -2.40
CA PRO G 65 -22.29 -7.59 -2.98
C PRO G 65 -22.09 -6.07 -2.88
N VAL G 66 -23.11 -5.33 -2.48
CA VAL G 66 -23.04 -3.86 -2.40
C VAL G 66 -22.06 -3.44 -1.30
N THR G 67 -21.09 -2.60 -1.63
CA THR G 67 -20.07 -2.23 -0.69
C THR G 67 -20.37 -0.85 -0.14
N LEU G 68 -19.61 -0.48 0.89
CA LEU G 68 -19.66 0.81 1.49
C LEU G 68 -19.22 1.88 0.49
N ASP G 69 -18.16 1.63 -0.29
CA ASP G 69 -17.79 2.59 -1.34
C ASP G 69 -18.91 2.83 -2.37
N ASP G 70 -19.61 1.77 -2.74
CA ASP G 70 -20.74 1.92 -3.69
C ASP G 70 -21.76 2.90 -3.13
N ILE G 71 -22.16 2.70 -1.87
CA ILE G 71 -23.21 3.51 -1.27
C ILE G 71 -22.67 4.96 -1.17
N ALA G 72 -21.41 5.11 -0.74
CA ALA G 72 -20.76 6.43 -0.69
C ALA G 72 -20.73 7.14 -2.06
N TYR G 73 -20.52 6.37 -3.12
CA TYR G 73 -20.50 6.91 -4.50
C TYR G 73 -21.86 7.46 -4.86
N HIS G 74 -22.91 6.65 -4.68
CA HIS G 74 -24.25 7.11 -5.05
C HIS G 74 -24.74 8.21 -4.11
N THR G 75 -24.32 8.16 -2.86
CA THR G 75 -24.64 9.19 -1.89
C THR G 75 -24.08 10.55 -2.35
N ALA G 76 -22.81 10.54 -2.80
CA ALA G 76 -22.13 11.77 -3.28
C ALA G 76 -22.89 12.30 -4.51
N CYS G 77 -23.32 11.41 -5.39
CA CYS G 77 -24.09 11.86 -6.55
C CYS G 77 -25.42 12.56 -6.22
N VAL G 78 -26.20 11.95 -5.35
CA VAL G 78 -27.46 12.54 -4.90
C VAL G 78 -27.19 13.85 -4.19
N ALA G 79 -26.17 13.88 -3.34
CA ALA G 79 -25.83 15.07 -2.55
C ALA G 79 -25.46 16.21 -3.44
N ARG G 80 -24.84 15.91 -4.59
CA ARG G 80 -24.40 16.98 -5.48
C ARG G 80 -25.57 17.74 -6.11
N ALA G 81 -26.75 17.13 -6.18
CA ALA G 81 -27.97 17.82 -6.60
C ALA G 81 -28.50 18.78 -5.53
N GLN G 82 -27.94 18.73 -4.30
CA GLN G 82 -28.34 19.61 -3.19
C GLN G 82 -29.86 19.60 -2.97
N PRO G 83 -30.41 18.43 -2.68
CA PRO G 83 -31.85 18.39 -2.56
C PRO G 83 -32.31 19.05 -1.27
N ARG G 84 -33.51 19.62 -1.29
CA ARG G 84 -34.15 20.08 -0.04
C ARG G 84 -34.59 18.94 0.85
N GLY G 85 -34.88 17.77 0.28
CA GLY G 85 -35.26 16.62 1.10
C GLY G 85 -34.10 16.03 1.91
N LEU G 86 -34.42 15.14 2.86
CA LEU G 86 -33.42 14.51 3.74
C LEU G 86 -32.75 13.42 2.94
N VAL G 87 -31.42 13.39 2.98
CA VAL G 87 -30.65 12.37 2.28
C VAL G 87 -30.28 11.30 3.28
N VAL G 88 -30.75 10.09 3.05
CA VAL G 88 -30.52 8.97 3.96
C VAL G 88 -29.73 7.90 3.22
N ALA G 89 -28.75 7.29 3.88
CA ALA G 89 -27.95 6.25 3.22
C ALA G 89 -27.93 4.95 4.03
N ASP G 90 -28.11 3.80 3.39
CA ASP G 90 -28.00 2.49 4.09
C ASP G 90 -26.58 2.14 4.43
N LEU G 91 -26.37 1.59 5.61
CA LEU G 91 -25.10 0.94 5.85
C LEU G 91 -25.24 -0.50 5.29
N PRO G 92 -24.36 -0.88 4.37
CA PRO G 92 -24.58 -2.19 3.81
C PRO G 92 -24.23 -3.32 4.77
N PHE G 93 -24.71 -4.51 4.45
CA PHE G 93 -24.50 -5.66 5.28
C PHE G 93 -22.98 -5.81 5.45
N GLY G 94 -22.61 -6.21 6.65
CA GLY G 94 -21.19 -6.37 7.03
C GLY G 94 -20.45 -5.13 7.49
N THR G 95 -21.08 -3.95 7.45
CA THR G 95 -20.38 -2.72 7.73
C THR G 95 -20.72 -2.17 9.12
N TYR G 96 -21.47 -2.92 9.91
CA TYR G 96 -21.78 -2.51 11.28
C TYR G 96 -21.78 -3.65 12.29
N GLY G 97 -20.77 -4.50 12.25
CA GLY G 97 -20.71 -5.69 13.06
C GLY G 97 -20.41 -5.38 14.51
N THR G 98 -19.72 -4.26 14.73
CA THR G 98 -19.46 -3.73 16.07
C THR G 98 -19.79 -2.24 16.05
N PRO G 99 -20.05 -1.62 17.22
CA PRO G 99 -20.38 -0.17 17.24
C PRO G 99 -19.29 0.74 16.66
N ALA G 100 -18.04 0.48 16.98
CA ALA G 100 -16.96 1.24 16.37
C ALA G 100 -16.89 1.10 14.84
N ASP G 101 -17.14 -0.09 14.29
CA ASP G 101 -17.21 -0.23 12.83
C ASP G 101 -18.41 0.53 12.23
N ALA G 102 -19.54 0.40 12.89
CA ALA G 102 -20.71 1.14 12.45
C ALA G 102 -20.40 2.63 12.34
N PHE G 103 -19.71 3.16 13.36
CA PHE G 103 -19.38 4.60 13.42
C PHE G 103 -18.45 4.98 12.28
N ALA G 104 -17.41 4.16 12.03
CA ALA G 104 -16.47 4.44 10.92
C ALA G 104 -17.25 4.41 9.59
N SER G 105 -18.13 3.43 9.41
CA SER G 105 -18.92 3.35 8.19
C SER G 105 -19.89 4.53 8.00
N ALA G 106 -20.58 4.91 9.06
CA ALA G 106 -21.51 6.05 9.06
C ALA G 106 -20.77 7.38 8.73
N VAL G 107 -19.58 7.54 9.30
CA VAL G 107 -18.77 8.74 9.12
C VAL G 107 -18.42 8.90 7.65
N LYS G 108 -17.95 7.82 7.03
CA LYS G 108 -17.72 7.79 5.61
C LYS G 108 -18.95 8.26 4.77
N LEU G 109 -20.15 7.78 5.11
CA LEU G 109 -21.34 8.14 4.34
C LEU G 109 -21.73 9.58 4.63
N MET G 110 -21.58 10.04 5.87
CA MET G 110 -21.95 11.43 6.16
C MET G 110 -20.95 12.41 5.54
N ARG G 111 -19.66 12.04 5.44
CA ARG G 111 -18.67 12.80 4.67
C ARG G 111 -19.07 12.93 3.22
N ALA G 112 -19.60 11.87 2.63
CA ALA G 112 -20.12 11.90 1.26
C ALA G 112 -21.43 12.66 1.07
N GLY G 113 -22.05 13.09 2.14
CA GLY G 113 -23.29 13.87 2.03
C GLY G 113 -24.54 13.28 2.62
N ALA G 114 -24.47 12.13 3.28
CA ALA G 114 -25.67 11.59 3.88
C ALA G 114 -25.96 12.39 5.14
N GLN G 115 -27.24 12.56 5.46
CA GLN G 115 -27.66 13.31 6.65
C GLN G 115 -28.19 12.42 7.75
N MET G 116 -28.40 11.16 7.41
CA MET G 116 -28.84 10.16 8.35
C MET G 116 -28.42 8.82 7.68
N VAL G 117 -28.13 7.83 8.49
CA VAL G 117 -27.82 6.50 8.03
C VAL G 117 -28.85 5.50 8.50
N LYS G 118 -29.09 4.47 7.69
CA LYS G 118 -30.05 3.41 8.03
C LYS G 118 -29.36 2.10 8.30
N LEU G 119 -29.69 1.45 9.41
CA LEU G 119 -29.09 0.18 9.81
C LEU G 119 -30.21 -0.83 10.01
N GLU G 120 -30.14 -1.96 9.34
CA GLU G 120 -31.17 -2.97 9.45
C GLU G 120 -30.89 -4.00 10.53
N GLY G 121 -31.91 -4.28 11.33
CA GLY G 121 -31.79 -5.26 12.40
C GLY G 121 -32.73 -4.91 13.55
N GLY G 122 -32.99 -5.90 14.38
CA GLY G 122 -33.88 -5.74 15.51
C GLY G 122 -33.12 -5.35 16.77
N GLU G 123 -33.58 -5.91 17.89
CA GLU G 123 -33.19 -5.49 19.22
C GLU G 123 -31.72 -5.44 19.46
N TRP G 124 -30.98 -6.36 18.85
CA TRP G 124 -29.57 -6.48 19.14
C TRP G 124 -28.80 -5.20 18.78
N LEU G 125 -29.42 -4.38 17.94
CA LEU G 125 -28.79 -3.17 17.39
C LEU G 125 -28.80 -2.01 18.35
N ALA G 126 -29.43 -2.20 19.51
CA ALA G 126 -29.71 -1.08 20.36
C ALA G 126 -28.44 -0.35 20.81
N GLU G 127 -27.42 -1.11 21.21
CA GLU G 127 -26.17 -0.54 21.72
C GLU G 127 -25.50 0.27 20.58
N THR G 128 -25.57 -0.26 19.37
CA THR G 128 -24.97 0.36 18.20
C THR G 128 -25.68 1.68 17.91
N VAL G 129 -27.00 1.66 17.92
CA VAL G 129 -27.79 2.88 17.70
C VAL G 129 -27.41 3.97 18.70
N ARG G 130 -27.36 3.60 19.98
CA ARG G 130 -27.00 4.53 21.05
C ARG G 130 -25.60 5.10 20.86
N PHE G 131 -24.65 4.23 20.46
CA PHE G 131 -23.27 4.63 20.23
C PHE G 131 -23.21 5.71 19.17
N LEU G 132 -23.92 5.47 18.07
CA LEU G 132 -23.95 6.36 16.94
C LEU G 132 -24.63 7.70 17.27
N VAL G 133 -25.83 7.63 17.87
CA VAL G 133 -26.61 8.85 18.17
C VAL G 133 -25.81 9.79 19.12
N GLU G 134 -25.20 9.19 20.13
CA GLU G 134 -24.31 9.85 21.10
C GLU G 134 -23.21 10.60 20.38
N ARG G 135 -22.71 10.04 19.27
CA ARG G 135 -21.64 10.69 18.48
C ARG G 135 -22.20 11.51 17.32
N ALA G 136 -23.48 11.89 17.40
CA ALA G 136 -24.08 12.84 16.50
C ALA G 136 -24.38 12.31 15.11
N VAL G 137 -24.50 10.99 14.97
CA VAL G 137 -24.93 10.37 13.72
C VAL G 137 -26.44 10.07 13.84
N PRO G 138 -27.32 10.78 13.11
CA PRO G 138 -28.71 10.41 13.19
C PRO G 138 -28.96 9.04 12.54
N VAL G 139 -29.81 8.25 13.20
CA VAL G 139 -30.11 6.89 12.79
C VAL G 139 -31.55 6.64 12.37
N CYS G 140 -31.71 6.03 11.19
CA CYS G 140 -32.94 5.40 10.78
C CYS G 140 -32.86 3.87 10.97
N ALA G 141 -33.84 3.30 11.69
CA ALA G 141 -33.85 1.87 11.95
C ALA G 141 -34.65 1.16 10.82
N HIS G 142 -34.52 -0.17 10.69
CA HIS G 142 -35.17 -0.95 9.62
C HIS G 142 -35.43 -2.36 10.14
N VAL G 143 -36.71 -2.65 10.37
CA VAL G 143 -37.16 -3.89 10.97
C VAL G 143 -38.23 -4.51 10.08
N GLY G 144 -38.46 -5.80 10.31
CA GLY G 144 -39.47 -6.54 9.58
C GLY G 144 -39.79 -7.85 10.29
N LEU G 145 -40.67 -8.65 9.69
CA LEU G 145 -41.22 -9.82 10.38
C LEU G 145 -40.57 -11.02 9.78
N ALA G 166 -44.85 -11.07 15.54
CA ALA G 166 -45.30 -9.70 15.81
C ALA G 166 -44.90 -9.14 17.20
N ALA G 167 -44.70 -9.97 18.19
CA ALA G 167 -44.32 -9.44 19.52
C ALA G 167 -42.84 -9.11 19.45
N GLN G 168 -42.12 -9.89 18.68
CA GLN G 168 -40.69 -9.64 18.47
C GLN G 168 -40.49 -8.33 17.68
N LEU G 169 -41.35 -8.11 16.67
CA LEU G 169 -41.26 -6.92 15.84
C LEU G 169 -41.52 -5.71 16.68
N LEU G 170 -42.52 -5.76 17.54
CA LEU G 170 -42.79 -4.65 18.43
C LEU G 170 -41.63 -4.41 19.43
N ARG G 171 -41.05 -5.50 19.93
CA ARG G 171 -39.91 -5.37 20.83
C ARG G 171 -38.70 -4.70 20.14
N ASP G 172 -38.46 -5.11 18.90
CA ASP G 172 -37.37 -4.59 18.08
C ASP G 172 -37.57 -3.09 17.91
N ALA G 173 -38.74 -2.72 17.41
CA ALA G 173 -39.06 -1.33 17.16
C ALA G 173 -38.88 -0.47 18.40
N ARG G 174 -39.32 -0.98 19.53
CA ARG G 174 -39.27 -0.16 20.73
C ARG G 174 -37.84 0.02 21.23
N ALA G 175 -37.02 -1.03 21.10
CA ALA G 175 -35.65 -0.96 21.53
C ALA G 175 -34.84 0.05 20.66
N VAL G 176 -35.03 0.04 19.34
CA VAL G 176 -34.24 0.96 18.50
C VAL G 176 -34.71 2.41 18.72
N GLU G 177 -36.01 2.62 18.94
CA GLU G 177 -36.48 3.97 19.30
C GLU G 177 -35.88 4.45 20.63
N GLU G 178 -35.91 3.58 21.62
CA GLU G 178 -35.32 3.84 22.94
C GLU G 178 -33.85 4.17 22.85
N ALA G 179 -33.11 3.51 21.97
CA ALA G 179 -31.67 3.80 21.79
C ALA G 179 -31.41 5.10 21.06
N GLY G 180 -32.42 5.66 20.40
CA GLY G 180 -32.34 6.98 19.79
C GLY G 180 -32.61 7.12 18.29
N ALA G 181 -33.02 6.07 17.63
CA ALA G 181 -33.44 6.13 16.23
C ALA G 181 -34.58 7.12 16.09
N GLN G 182 -34.51 7.96 15.06
CA GLN G 182 -35.49 9.02 14.85
C GLN G 182 -36.42 8.76 13.68
N LEU G 183 -36.23 7.64 12.99
CA LEU G 183 -37.06 7.24 11.86
C LEU G 183 -36.99 5.71 11.84
N ILE G 184 -38.00 5.02 11.28
CA ILE G 184 -37.97 3.57 11.27
C ILE G 184 -38.70 3.06 10.05
N VAL G 185 -38.05 2.16 9.31
CA VAL G 185 -38.64 1.55 8.13
C VAL G 185 -39.24 0.23 8.58
N LEU G 186 -40.53 0.02 8.28
CA LEU G 186 -41.21 -1.26 8.51
C LEU G 186 -41.33 -1.97 7.18
N GLU G 187 -40.73 -3.13 7.09
CA GLU G 187 -40.78 -3.82 5.80
C GLU G 187 -41.54 -5.15 5.88
N ALA G 188 -42.45 -5.41 4.93
CA ALA G 188 -43.12 -6.73 4.82
C ALA G 188 -43.77 -7.16 6.14
N VAL G 189 -44.75 -6.38 6.58
CA VAL G 189 -45.40 -6.54 7.88
C VAL G 189 -46.92 -6.47 7.63
N PRO G 190 -47.73 -7.42 8.18
CA PRO G 190 -49.22 -7.29 8.09
C PRO G 190 -49.75 -5.90 8.51
N THR G 191 -50.80 -5.39 7.85
CA THR G 191 -51.22 -4.00 8.05
C THR G 191 -51.62 -3.67 9.48
N LEU G 192 -52.34 -4.57 10.11
CA LEU G 192 -52.79 -4.37 11.49
C LEU G 192 -51.60 -4.38 12.41
N VAL G 193 -50.62 -5.21 12.08
CA VAL G 193 -49.43 -5.29 12.89
C VAL G 193 -48.64 -4.00 12.77
N ALA G 194 -48.42 -3.56 11.52
CA ALA G 194 -47.83 -2.24 11.22
C ALA G 194 -48.54 -1.09 11.98
N ALA G 195 -49.87 -1.06 11.91
CA ALA G 195 -50.70 -0.02 12.58
C ALA G 195 -50.42 0.08 14.07
N GLU G 196 -50.30 -1.09 14.70
CA GLU G 196 -49.99 -1.19 16.11
C GLU G 196 -48.57 -0.71 16.44
N VAL G 197 -47.60 -1.01 15.57
CA VAL G 197 -46.22 -0.54 15.78
C VAL G 197 -46.25 0.96 15.71
N THR G 198 -46.98 1.49 14.72
CA THR G 198 -47.06 2.94 14.55
C THR G 198 -47.70 3.63 15.75
N ARG G 199 -48.72 3.00 16.31
CA ARG G 199 -49.42 3.56 17.45
C ARG G 199 -48.53 3.49 18.68
N GLU G 200 -47.75 2.42 18.82
CA GLU G 200 -46.82 2.32 19.97
C GLU G 200 -45.59 3.25 19.95
N LEU G 201 -45.09 3.57 18.76
CA LEU G 201 -43.89 4.37 18.60
C LEU G 201 -44.29 5.82 18.63
N SER G 202 -43.40 6.63 19.16
CA SER G 202 -43.47 8.08 18.99
C SER G 202 -42.75 8.62 17.71
N ILE G 203 -41.73 7.91 17.21
CA ILE G 203 -41.03 8.37 16.00
C ILE G 203 -41.84 8.05 14.73
N PRO G 204 -41.59 8.74 13.61
CA PRO G 204 -42.30 8.36 12.39
C PRO G 204 -41.90 6.99 11.84
N THR G 205 -42.88 6.23 11.38
CA THR G 205 -42.71 4.92 10.72
C THR G 205 -42.91 5.09 9.22
N ILE G 206 -42.12 4.38 8.43
CA ILE G 206 -42.14 4.50 6.99
C ILE G 206 -42.34 3.09 6.50
N GLY G 207 -43.45 2.84 5.79
CA GLY G 207 -43.77 1.46 5.36
C GLY G 207 -43.42 1.10 3.91
N ILE G 208 -43.00 -0.15 3.71
CA ILE G 208 -43.00 -0.74 2.38
C ILE G 208 -43.52 -2.15 2.54
N GLY G 209 -44.62 -2.44 1.88
CA GLY G 209 -45.24 -3.74 2.05
C GLY G 209 -45.80 -3.86 3.46
N ALA G 210 -46.23 -2.74 4.04
CA ALA G 210 -46.71 -2.72 5.45
C ALA G 210 -48.01 -1.96 5.66
N GLY G 211 -48.74 -1.62 4.59
CA GLY G 211 -50.07 -0.98 4.74
C GLY G 211 -49.98 0.52 4.86
N ALA G 212 -51.14 1.16 4.89
CA ALA G 212 -51.27 2.60 4.93
C ALA G 212 -51.23 3.18 6.32
N GLU G 213 -51.23 2.34 7.37
CA GLU G 213 -51.17 2.87 8.72
C GLU G 213 -49.71 3.11 9.17
N CYS G 214 -48.94 3.87 8.41
CA CYS G 214 -47.61 4.30 8.78
C CYS G 214 -47.54 5.81 8.61
N SER G 215 -46.49 6.43 9.14
CA SER G 215 -46.37 7.88 9.02
C SER G 215 -45.92 8.25 7.62
N GLY G 216 -45.44 7.27 6.86
CA GLY G 216 -45.00 7.52 5.50
C GLY G 216 -44.78 6.25 4.73
N GLN G 217 -44.28 6.37 3.50
CA GLN G 217 -44.05 5.21 2.61
C GLN G 217 -42.74 5.37 1.86
N VAL G 218 -42.11 4.26 1.51
CA VAL G 218 -41.00 4.23 0.59
C VAL G 218 -41.24 3.15 -0.48
N LEU G 219 -40.81 3.43 -1.73
CA LEU G 219 -40.66 2.44 -2.78
C LEU G 219 -39.26 2.58 -3.43
N VAL G 220 -38.85 1.55 -4.16
CA VAL G 220 -37.68 1.66 -4.98
C VAL G 220 -38.03 2.44 -6.22
N LEU G 221 -37.28 3.50 -6.49
CA LEU G 221 -37.54 4.36 -7.65
C LEU G 221 -37.86 3.62 -8.93
N HIS G 222 -37.03 2.64 -9.29
CA HIS G 222 -37.18 1.93 -10.57
C HIS G 222 -38.50 1.12 -10.70
N ASP G 223 -38.93 0.54 -9.59
CA ASP G 223 -40.22 -0.20 -9.48
C ASP G 223 -41.39 0.70 -9.75
N MET G 224 -41.48 1.81 -9.04
CA MET G 224 -42.61 2.74 -9.23
C MET G 224 -42.62 3.41 -10.58
N LEU G 225 -41.51 3.37 -11.33
CA LEU G 225 -41.43 3.96 -12.68
C LEU G 225 -41.73 2.91 -13.76
N GLY G 226 -42.01 1.70 -13.29
CA GLY G 226 -42.39 0.62 -14.16
C GLY G 226 -41.21 0.03 -14.92
N VAL G 227 -39.98 0.35 -14.53
CA VAL G 227 -38.78 -0.13 -15.19
C VAL G 227 -38.35 -1.50 -14.62
N PHE G 228 -39.11 -2.53 -14.96
CA PHE G 228 -38.83 -3.90 -14.51
C PHE G 228 -39.58 -4.78 -15.53
N PRO G 229 -38.97 -5.89 -15.95
CA PRO G 229 -39.76 -6.76 -16.88
C PRO G 229 -40.94 -7.42 -16.16
N GLY G 230 -42.06 -7.64 -16.86
CA GLY G 230 -43.13 -8.53 -16.38
C GLY G 230 -43.75 -8.32 -14.99
N LYS G 231 -43.34 -9.16 -14.02
CA LYS G 231 -43.96 -9.22 -12.66
C LYS G 231 -43.65 -8.03 -11.69
N ARG G 232 -44.49 -7.00 -11.78
CA ARG G 232 -44.64 -5.97 -10.73
C ARG G 232 -44.68 -6.62 -9.33
N PRO G 233 -43.83 -6.15 -8.37
CA PRO G 233 -43.94 -6.65 -6.98
C PRO G 233 -45.26 -6.23 -6.37
N ARG G 234 -45.83 -7.07 -5.51
CA ARG G 234 -47.17 -6.86 -4.98
C ARG G 234 -47.19 -5.59 -4.15
N PHE G 235 -46.07 -5.27 -3.50
CA PHE G 235 -45.98 -4.08 -2.63
C PHE G 235 -46.03 -2.76 -3.42
N VAL G 236 -45.83 -2.87 -4.75
CA VAL G 236 -45.51 -1.71 -5.60
C VAL G 236 -46.63 -1.30 -6.54
N LYS G 237 -46.71 -0.02 -6.87
CA LYS G 237 -47.59 0.44 -7.90
C LYS G 237 -46.75 1.17 -8.92
N ASP G 238 -47.02 0.91 -10.18
CA ASP G 238 -46.35 1.63 -11.26
C ASP G 238 -47.03 2.97 -11.39
N PHE G 239 -46.36 4.02 -10.93
CA PHE G 239 -46.90 5.36 -11.02
C PHE G 239 -46.73 6.00 -12.39
N MET G 240 -46.00 5.33 -13.29
CA MET G 240 -45.66 5.97 -14.59
C MET G 240 -46.79 5.72 -15.58
N GLN G 241 -47.28 4.49 -15.61
CA GLN G 241 -48.30 4.07 -16.56
C GLN G 241 -49.43 5.10 -16.60
N GLY G 242 -49.67 5.67 -17.78
CA GLY G 242 -50.76 6.65 -17.96
C GLY G 242 -50.44 8.10 -17.58
N GLN G 243 -49.20 8.39 -17.22
CA GLN G 243 -48.79 9.78 -16.86
C GLN G 243 -48.02 10.37 -17.99
N PRO G 244 -48.03 11.70 -18.13
CA PRO G 244 -47.40 12.26 -19.32
C PRO G 244 -45.87 12.40 -19.24
N SER G 245 -45.29 12.33 -18.03
CA SER G 245 -43.85 12.56 -17.84
C SER G 245 -43.34 11.84 -16.59
N ILE G 246 -42.03 11.64 -16.54
CA ILE G 246 -41.43 11.02 -15.35
C ILE G 246 -41.73 11.88 -14.14
N PHE G 247 -41.59 13.18 -14.29
CA PHE G 247 -41.88 14.12 -13.22
C PHE G 247 -43.31 13.98 -12.72
N ALA G 248 -44.29 13.84 -13.63
CA ALA G 248 -45.68 13.64 -13.18
C ALA G 248 -45.88 12.27 -12.48
N ALA G 249 -45.08 11.26 -12.80
CA ALA G 249 -45.18 10.00 -12.11
C ALA G 249 -44.75 10.16 -10.68
N VAL G 250 -43.69 10.91 -10.46
CA VAL G 250 -43.16 11.07 -9.11
C VAL G 250 -44.08 11.92 -8.25
N GLU G 251 -44.45 13.08 -8.76
CA GLU G 251 -45.51 13.93 -8.16
C GLU G 251 -46.81 13.16 -7.81
N ALA G 252 -47.25 12.26 -8.68
CA ALA G 252 -48.39 11.37 -8.38
C ALA G 252 -48.13 10.50 -7.18
N TYR G 253 -46.92 9.95 -7.11
CA TYR G 253 -46.56 9.16 -5.94
C TYR G 253 -46.66 10.00 -4.70
N VAL G 254 -46.04 11.16 -4.71
CA VAL G 254 -46.00 12.00 -3.53
C VAL G 254 -47.45 12.35 -3.06
N ARG G 255 -48.35 12.60 -4.01
CA ARG G 255 -49.71 13.01 -3.68
C ARG G 255 -50.57 11.88 -3.16
N ALA G 256 -50.46 10.71 -3.81
CA ALA G 256 -51.11 9.50 -3.33
C ALA G 256 -50.66 9.10 -1.93
N VAL G 257 -49.39 9.36 -1.60
CA VAL G 257 -48.89 8.96 -0.30
C VAL G 257 -49.56 9.88 0.73
N LYS G 258 -49.58 11.17 0.40
CA LYS G 258 -50.02 12.20 1.32
C LYS G 258 -51.55 12.23 1.50
N ASP G 259 -52.30 11.83 0.50
CA ASP G 259 -53.75 11.76 0.64
C ASP G 259 -54.19 10.35 1.04
N GLY G 260 -53.25 9.46 1.30
CA GLY G 260 -53.52 8.17 1.93
C GLY G 260 -54.10 7.12 1.01
N SER G 261 -54.07 7.39 -0.28
CA SER G 261 -54.48 6.38 -1.24
C SER G 261 -53.45 5.54 -1.99
N PHE G 262 -52.14 5.78 -1.90
CA PHE G 262 -51.13 4.75 -1.63
C PHE G 262 -50.50 4.51 -0.27
N PRO G 263 -50.33 3.23 0.09
CA PRO G 263 -50.67 1.98 -0.58
C PRO G 263 -52.14 1.61 -0.43
N GLY G 264 -52.72 0.94 -1.42
CA GLY G 264 -54.08 0.42 -1.30
C GLY G 264 -54.08 -1.01 -0.86
N PRO G 265 -55.28 -1.58 -0.60
CA PRO G 265 -55.37 -2.96 -0.09
C PRO G 265 -54.57 -3.95 -0.93
N GLU G 266 -54.54 -3.80 -2.26
CA GLU G 266 -53.83 -4.75 -3.16
C GLU G 266 -52.35 -4.82 -2.84
N HIS G 267 -51.79 -3.72 -2.34
CA HIS G 267 -50.38 -3.65 -2.01
C HIS G 267 -50.02 -4.10 -0.58
N SER G 268 -50.94 -4.80 0.09
CA SER G 268 -50.85 -5.00 1.56
C SER G 268 -51.49 -6.34 1.97
N PHE G 269 -50.86 -7.05 2.92
CA PHE G 269 -51.27 -8.43 3.34
C PHE G 269 -51.59 -8.60 4.85
N HIS H 8 4.34 37.26 23.03
CA HIS H 8 3.53 37.33 24.26
C HIS H 8 3.32 35.93 24.86
N MET H 9 4.36 35.06 24.83
CA MET H 9 4.18 33.56 24.75
C MET H 9 3.04 32.90 25.57
N VAL H 10 1.87 32.82 24.94
CA VAL H 10 0.64 32.42 25.61
C VAL H 10 0.62 30.92 25.76
N THR H 11 0.62 30.47 26.99
CA THR H 11 0.55 29.05 27.37
C THR H 11 -0.83 28.81 27.98
N VAL H 12 -1.16 27.55 28.23
CA VAL H 12 -2.43 27.21 28.86
C VAL H 12 -2.54 27.85 30.24
N PRO H 13 -1.47 27.76 31.07
CA PRO H 13 -1.59 28.49 32.36
C PRO H 13 -1.78 30.02 32.23
N LYS H 14 -1.24 30.62 31.18
CA LYS H 14 -1.45 32.06 31.06
C LYS H 14 -2.93 32.39 30.81
N LEU H 15 -3.64 31.57 30.06
CA LEU H 15 -5.08 31.83 29.86
C LEU H 15 -5.84 31.80 31.17
N GLN H 16 -5.48 30.86 32.05
CA GLN H 16 -6.15 30.70 33.33
C GLN H 16 -5.95 31.96 34.19
N ALA H 17 -4.73 32.46 34.19
CA ALA H 17 -4.37 33.71 34.84
C ALA H 17 -5.12 34.89 34.20
N MET H 18 -5.33 34.84 32.89
CA MET H 18 -6.12 35.87 32.26
C MET H 18 -7.52 35.85 32.81
N ARG H 19 -8.10 34.66 32.93
CA ARG H 19 -9.44 34.60 33.45
C ARG H 19 -9.47 35.18 34.88
N GLU H 20 -8.51 34.82 35.73
CA GLU H 20 -8.45 35.32 37.12
C GLU H 20 -8.30 36.82 37.22
N ALA H 21 -7.45 37.36 36.35
CA ALA H 21 -7.25 38.81 36.23
C ALA H 21 -8.39 39.54 35.51
N GLY H 22 -9.37 38.86 34.94
CA GLY H 22 -10.44 39.57 34.17
C GLY H 22 -9.96 40.16 32.83
N GLU H 23 -8.86 39.66 32.28
CA GLU H 23 -8.45 40.02 30.92
C GLU H 23 -9.10 39.05 29.90
N LYS H 24 -9.96 39.58 29.04
CA LYS H 24 -10.70 38.77 28.08
C LYS H 24 -9.76 38.13 27.07
N ILE H 25 -9.98 36.86 26.76
CA ILE H 25 -9.14 36.14 25.81
C ILE H 25 -9.65 36.34 24.38
N ALA H 26 -8.80 36.82 23.49
CA ALA H 26 -9.20 36.97 22.10
C ALA H 26 -8.65 35.82 21.24
N MET H 27 -9.58 35.04 20.71
CA MET H 27 -9.32 33.88 19.84
C MET H 27 -9.89 34.12 18.45
N LEU H 28 -9.15 33.70 17.44
CA LEU H 28 -9.59 33.73 16.04
C LEU H 28 -9.16 32.47 15.31
N THR H 29 -9.94 32.05 14.32
CA THR H 29 -9.51 30.92 13.49
C THR H 29 -8.37 31.45 12.59
N SER H 30 -7.56 30.52 12.10
CA SER H 30 -6.35 30.82 11.40
C SER H 30 -5.96 29.55 10.66
N TYR H 31 -5.56 29.69 9.41
CA TYR H 31 -5.38 28.53 8.56
C TYR H 31 -4.14 28.54 7.67
N ASP H 32 -3.31 29.56 7.79
CA ASP H 32 -2.14 29.72 6.92
C ASP H 32 -1.14 30.64 7.57
N ALA H 33 0.08 30.60 7.07
CA ALA H 33 1.21 31.24 7.70
C ALA H 33 1.11 32.76 7.63
N SER H 34 0.54 33.30 6.56
CA SER H 34 0.50 34.74 6.37
C SER H 34 -0.46 35.40 7.34
N PHE H 35 -1.67 34.91 7.43
CA PHE H 35 -2.58 35.39 8.45
C PHE H 35 -2.14 35.14 9.89
N ALA H 36 -1.51 33.98 10.12
CA ALA H 36 -1.08 33.62 11.45
C ALA H 36 -0.03 34.61 11.97
N ALA H 37 0.88 35.02 11.10
CA ALA H 37 1.90 36.05 11.47
C ALA H 37 1.25 37.40 11.80
N LEU H 38 0.27 37.81 10.97
CA LEU H 38 -0.47 39.02 11.16
C LEU H 38 -1.32 38.95 12.43
N LEU H 39 -2.07 37.88 12.62
CA LEU H 39 -2.76 37.70 13.92
C LEU H 39 -1.86 37.83 15.11
N ASP H 40 -0.68 37.21 15.04
CA ASP H 40 0.24 37.28 16.18
C ASP H 40 0.83 38.70 16.41
N ARG H 41 1.20 39.38 15.34
CA ARG H 41 1.63 40.75 15.45
C ARG H 41 0.50 41.58 16.07
N ALA H 42 -0.76 41.24 15.80
CA ALA H 42 -1.89 41.96 16.42
C ALA H 42 -2.19 41.53 17.86
N ASN H 43 -1.40 40.62 18.41
CA ASN H 43 -1.60 40.07 19.73
C ASN H 43 -2.87 39.23 19.96
N VAL H 44 -3.29 38.48 18.96
CA VAL H 44 -4.32 37.46 19.14
C VAL H 44 -3.80 36.44 20.16
N ASP H 45 -4.58 36.17 21.19
CA ASP H 45 -4.16 35.28 22.26
C ASP H 45 -4.07 33.76 21.84
N VAL H 46 -5.04 33.35 21.06
CA VAL H 46 -5.25 31.95 20.69
C VAL H 46 -5.68 31.93 19.22
N GLN H 47 -5.00 31.05 18.44
CA GLN H 47 -5.34 30.82 17.04
C GLN H 47 -5.87 29.41 16.86
N LEU H 48 -7.01 29.30 16.19
CA LEU H 48 -7.69 28.04 16.12
C LEU H 48 -7.75 27.54 14.71
N ILE H 49 -7.17 26.39 14.44
CA ILE H 49 -7.35 25.74 13.15
C ILE H 49 -8.61 24.89 13.27
N GLY H 50 -9.72 25.52 12.93
CA GLY H 50 -11.05 24.93 13.18
C GLY H 50 -11.56 24.21 11.97
N ASP H 51 -12.52 23.29 12.17
CA ASP H 51 -13.15 22.65 11.00
C ASP H 51 -14.08 23.58 10.15
N SER H 52 -14.26 24.81 10.62
CA SER H 52 -14.80 25.93 9.83
C SER H 52 -14.07 26.10 8.50
N LEU H 53 -12.83 25.67 8.43
CA LEU H 53 -12.12 25.67 7.16
C LEU H 53 -12.92 24.91 6.10
N GLY H 54 -13.77 23.97 6.51
CA GLY H 54 -14.59 23.26 5.57
C GLY H 54 -15.52 24.16 4.78
N ASN H 55 -16.07 25.15 5.48
CA ASN H 55 -16.89 26.16 4.86
C ASN H 55 -16.03 27.26 4.21
N VAL H 56 -15.17 27.93 4.97
CA VAL H 56 -14.54 29.12 4.47
C VAL H 56 -13.37 28.88 3.50
N LEU H 57 -12.69 27.75 3.59
CA LEU H 57 -11.62 27.48 2.67
C LEU H 57 -12.04 26.49 1.62
N GLN H 58 -12.68 25.38 1.98
CA GLN H 58 -13.00 24.38 0.97
C GLN H 58 -14.29 24.64 0.25
N GLY H 59 -15.11 25.56 0.73
CA GLY H 59 -16.35 25.90 0.06
C GLY H 59 -17.48 24.87 0.18
N GLN H 60 -17.42 24.01 1.23
CA GLN H 60 -18.45 22.98 1.44
C GLN H 60 -19.64 23.54 2.21
N ALA H 61 -20.82 22.91 2.02
CA ALA H 61 -22.00 23.34 2.72
C ALA H 61 -21.92 23.00 4.18
N THR H 62 -21.18 21.96 4.52
CA THR H 62 -20.97 21.59 5.93
C THR H 62 -19.50 21.34 6.17
N THR H 63 -19.13 21.12 7.43
CA THR H 63 -17.75 20.89 7.85
C THR H 63 -17.39 19.37 7.92
N LEU H 64 -18.40 18.53 7.66
CA LEU H 64 -18.27 17.07 7.75
C LEU H 64 -17.23 16.49 6.78
N PRO H 65 -17.03 17.07 5.58
CA PRO H 65 -15.96 16.54 4.74
C PRO H 65 -14.51 16.80 5.20
N VAL H 66 -14.28 17.69 6.18
CA VAL H 66 -12.92 18.00 6.63
C VAL H 66 -12.27 16.75 7.25
N THR H 67 -11.08 16.41 6.80
CA THR H 67 -10.34 15.26 7.32
C THR H 67 -9.25 15.67 8.27
N LEU H 68 -8.78 14.69 9.02
CA LEU H 68 -7.63 14.88 9.87
C LEU H 68 -6.41 15.41 9.08
N ASP H 69 -6.17 14.89 7.88
CA ASP H 69 -5.07 15.42 7.09
C ASP H 69 -5.29 16.89 6.74
N ASP H 70 -6.52 17.34 6.47
CA ASP H 70 -6.78 18.78 6.17
C ASP H 70 -6.39 19.65 7.41
N ILE H 71 -6.87 19.26 8.60
CA ILE H 71 -6.47 19.96 9.82
C ILE H 71 -4.96 19.93 10.05
N ALA H 72 -4.32 18.77 9.89
CA ALA H 72 -2.88 18.70 10.09
C ALA H 72 -2.12 19.66 9.13
N TYR H 73 -2.59 19.77 7.88
CA TYR H 73 -1.95 20.60 6.85
C TYR H 73 -2.01 22.09 7.28
N HIS H 74 -3.22 22.55 7.60
CA HIS H 74 -3.41 23.96 8.05
C HIS H 74 -2.73 24.24 9.37
N THR H 75 -2.68 23.22 10.24
CA THR H 75 -1.94 23.35 11.50
C THR H 75 -0.46 23.54 11.19
N ALA H 76 0.13 22.74 10.29
CA ALA H 76 1.55 22.90 9.95
C ALA H 76 1.79 24.32 9.33
N CYS H 77 0.86 24.76 8.50
CA CYS H 77 0.98 26.17 7.96
C CYS H 77 1.06 27.22 9.05
N VAL H 78 0.10 27.16 9.97
CA VAL H 78 0.05 28.14 11.03
C VAL H 78 1.32 28.10 11.95
N ALA H 79 1.74 26.89 12.28
CA ALA H 79 2.87 26.69 13.17
C ALA H 79 4.16 27.19 12.55
N ARG H 80 4.27 27.09 11.23
CA ARG H 80 5.47 27.59 10.58
C ARG H 80 5.65 29.10 10.76
N ALA H 81 4.58 29.85 11.05
CA ALA H 81 4.71 31.28 11.44
C ALA H 81 5.31 31.46 12.83
N GLN H 82 5.39 30.38 13.61
CA GLN H 82 5.88 30.46 15.01
C GLN H 82 5.21 31.55 15.83
N PRO H 83 3.88 31.50 15.92
CA PRO H 83 3.23 32.50 16.73
C PRO H 83 3.53 32.33 18.26
N ARG H 84 3.51 33.44 18.99
CA ARG H 84 3.54 33.42 20.45
C ARG H 84 2.22 33.02 21.07
N GLY H 85 1.14 33.22 20.34
CA GLY H 85 -0.17 32.79 20.84
C GLY H 85 -0.31 31.27 20.80
N LEU H 86 -1.27 30.78 21.58
CA LEU H 86 -1.57 29.37 21.68
C LEU H 86 -2.17 28.79 20.38
N VAL H 87 -1.59 27.72 19.83
CA VAL H 87 -2.17 27.03 18.64
C VAL H 87 -3.10 25.90 19.04
N VAL H 88 -4.40 26.10 18.78
CA VAL H 88 -5.42 25.12 19.00
C VAL H 88 -5.92 24.54 17.65
N ALA H 89 -6.03 23.21 17.56
CA ALA H 89 -6.51 22.50 16.33
C ALA H 89 -7.73 21.64 16.69
N ASP H 90 -8.77 21.71 15.85
CA ASP H 90 -9.92 20.83 16.04
C ASP H 90 -9.64 19.39 15.60
N LEU H 91 -10.11 18.42 16.40
CA LEU H 91 -10.29 17.07 15.89
C LEU H 91 -11.55 17.04 15.13
N PRO H 92 -11.47 16.70 13.85
CA PRO H 92 -12.66 16.75 13.02
C PRO H 92 -13.58 15.56 13.21
N PHE H 93 -14.67 15.62 12.48
CA PHE H 93 -15.79 14.70 12.66
C PHE H 93 -15.33 13.31 12.38
N GLY H 94 -15.69 12.39 13.25
CA GLY H 94 -15.33 10.99 13.06
C GLY H 94 -13.98 10.57 13.57
N THR H 95 -13.16 11.51 14.09
CA THR H 95 -11.77 11.16 14.42
C THR H 95 -11.55 10.86 15.92
N TYR H 96 -12.62 10.88 16.70
CA TYR H 96 -12.53 10.63 18.14
C TYR H 96 -13.71 9.77 18.69
N GLY H 97 -14.07 8.74 17.95
CA GLY H 97 -15.17 7.87 18.36
C GLY H 97 -14.85 6.97 19.57
N THR H 98 -13.57 6.71 19.80
CA THR H 98 -13.09 6.00 20.99
C THR H 98 -11.94 6.79 21.59
N PRO H 99 -11.58 6.53 22.86
CA PRO H 99 -10.46 7.33 23.39
C PRO H 99 -9.13 7.07 22.66
N ALA H 100 -8.85 5.81 22.35
CA ALA H 100 -7.62 5.49 21.63
C ALA H 100 -7.54 6.21 20.26
N ASP H 101 -8.64 6.24 19.52
CA ASP H 101 -8.71 6.91 18.21
C ASP H 101 -8.46 8.42 18.38
N ALA H 102 -9.06 8.97 19.42
CA ALA H 102 -8.92 10.39 19.77
C ALA H 102 -7.46 10.66 20.03
N PHE H 103 -6.81 9.78 20.79
CA PHE H 103 -5.43 10.01 21.14
C PHE H 103 -4.57 9.96 19.85
N ALA H 104 -4.84 8.98 18.98
CA ALA H 104 -4.09 8.87 17.69
C ALA H 104 -4.29 10.15 16.87
N SER H 105 -5.53 10.67 16.83
CA SER H 105 -5.74 11.91 16.10
C SER H 105 -5.03 13.09 16.72
N ALA H 106 -5.15 13.21 18.03
CA ALA H 106 -4.50 14.29 18.75
C ALA H 106 -2.98 14.31 18.55
N VAL H 107 -2.35 13.13 18.57
CA VAL H 107 -0.90 13.03 18.43
C VAL H 107 -0.45 13.60 17.06
N LYS H 108 -1.14 13.18 16.02
CA LYS H 108 -0.92 13.66 14.68
C LYS H 108 -1.03 15.19 14.63
N LEU H 109 -2.02 15.78 15.27
CA LEU H 109 -2.13 17.26 15.24
C LEU H 109 -1.04 17.96 16.06
N MET H 110 -0.63 17.36 17.18
CA MET H 110 0.41 17.94 18.00
C MET H 110 1.79 17.77 17.34
N ARG H 111 2.01 16.66 16.63
CA ARG H 111 3.21 16.53 15.81
C ARG H 111 3.32 17.66 14.80
N ALA H 112 2.18 18.07 14.22
CA ALA H 112 2.14 19.13 13.18
C ALA H 112 2.23 20.56 13.75
N GLY H 113 2.15 20.71 15.08
CA GLY H 113 2.31 22.02 15.75
C GLY H 113 1.19 22.47 16.66
N ALA H 114 0.09 21.72 16.76
CA ALA H 114 -0.96 22.08 17.71
C ALA H 114 -0.41 21.98 19.13
N GLN H 115 -0.83 22.91 19.99
CA GLN H 115 -0.44 22.89 21.42
C GLN H 115 -1.57 22.39 22.30
N MET H 116 -2.76 22.30 21.71
CA MET H 116 -3.98 21.91 22.38
C MET H 116 -4.92 21.45 21.27
N VAL H 117 -5.79 20.49 21.60
CA VAL H 117 -6.78 20.00 20.66
C VAL H 117 -8.19 20.25 21.17
N LYS H 118 -9.10 20.53 20.26
CA LYS H 118 -10.48 20.83 20.61
C LYS H 118 -11.43 19.69 20.16
N LEU H 119 -12.29 19.24 21.08
CA LEU H 119 -13.21 18.13 20.84
C LEU H 119 -14.63 18.57 21.15
N GLU H 120 -15.52 18.37 20.21
CA GLU H 120 -16.90 18.82 20.39
C GLU H 120 -17.80 17.70 20.90
N GLY H 121 -18.52 17.98 21.99
CA GLY H 121 -19.40 17.01 22.60
C GLY H 121 -19.59 17.25 24.08
N GLY H 122 -20.60 16.60 24.62
CA GLY H 122 -21.02 16.90 25.96
C GLY H 122 -20.48 15.86 26.87
N GLU H 123 -21.29 15.54 27.86
CA GLU H 123 -20.90 14.71 29.00
C GLU H 123 -20.30 13.38 28.61
N TRP H 124 -20.79 12.78 27.53
CA TRP H 124 -20.28 11.48 27.06
C TRP H 124 -18.75 11.46 26.75
N LEU H 125 -18.16 12.63 26.52
CA LEU H 125 -16.72 12.74 26.16
C LEU H 125 -15.80 12.68 27.35
N ALA H 126 -16.38 12.69 28.55
CA ALA H 126 -15.62 12.80 29.78
C ALA H 126 -14.47 11.80 29.84
N GLU H 127 -14.71 10.53 29.48
CA GLU H 127 -13.60 9.56 29.54
C GLU H 127 -12.55 9.94 28.51
N THR H 128 -12.98 10.38 27.33
CA THR H 128 -12.03 10.70 26.24
C THR H 128 -11.10 11.81 26.70
N VAL H 129 -11.69 12.84 27.29
CA VAL H 129 -10.89 13.97 27.78
C VAL H 129 -9.89 13.52 28.82
N ARG H 130 -10.32 12.65 29.71
CA ARG H 130 -9.41 12.15 30.77
C ARG H 130 -8.24 11.41 30.18
N PHE H 131 -8.56 10.50 29.26
CA PHE H 131 -7.59 9.73 28.53
C PHE H 131 -6.52 10.65 27.89
N LEU H 132 -6.95 11.65 27.11
CA LEU H 132 -5.99 12.56 26.46
C LEU H 132 -5.15 13.35 27.49
N VAL H 133 -5.83 13.92 28.47
CA VAL H 133 -5.17 14.80 29.41
C VAL H 133 -4.11 14.01 30.21
N GLU H 134 -4.45 12.81 30.65
CA GLU H 134 -3.51 11.93 31.35
C GLU H 134 -2.26 11.62 30.49
N ARG H 135 -2.41 11.58 29.16
CA ARG H 135 -1.30 11.33 28.25
C ARG H 135 -0.72 12.64 27.69
N ALA H 136 -0.98 13.73 28.40
CA ALA H 136 -0.32 15.00 28.16
C ALA H 136 -0.80 15.75 26.92
N VAL H 137 -2.00 15.45 26.44
CA VAL H 137 -2.61 16.18 25.36
C VAL H 137 -3.51 17.25 26.07
N PRO H 138 -3.19 18.55 25.94
CA PRO H 138 -4.17 19.50 26.45
C PRO H 138 -5.43 19.57 25.59
N VAL H 139 -6.56 19.70 26.28
CA VAL H 139 -7.84 19.66 25.66
C VAL H 139 -8.70 20.92 25.90
N CYS H 140 -9.31 21.37 24.81
CA CYS H 140 -10.30 22.38 24.80
C CYS H 140 -11.64 21.71 24.42
N ALA H 141 -12.61 21.90 25.30
CA ALA H 141 -13.92 21.36 25.12
C ALA H 141 -14.76 22.32 24.31
N HIS H 142 -15.92 21.85 23.92
CA HIS H 142 -16.73 22.63 23.00
C HIS H 142 -18.15 22.11 23.12
N VAL H 143 -19.01 22.94 23.71
CA VAL H 143 -20.37 22.57 24.01
C VAL H 143 -21.30 23.64 23.50
N GLY H 144 -22.56 23.26 23.41
CA GLY H 144 -23.63 24.14 22.98
C GLY H 144 -24.95 23.52 23.42
N LEU H 145 -26.06 24.07 22.98
CA LEU H 145 -27.37 23.48 23.31
C LEU H 145 -28.30 23.64 22.13
N GLY H 160 -35.78 30.04 32.59
CA GLY H 160 -35.81 29.86 34.07
C GLY H 160 -34.84 28.80 34.65
N LYS H 161 -34.80 28.72 35.99
CA LYS H 161 -33.88 27.79 36.73
C LYS H 161 -34.14 26.31 36.40
N THR H 162 -35.40 26.00 36.06
CA THR H 162 -35.82 24.63 35.76
C THR H 162 -35.47 24.13 34.34
N GLU H 163 -35.03 25.01 33.43
CA GLU H 163 -35.02 24.62 32.00
C GLU H 163 -33.99 23.51 31.72
N ALA H 164 -34.44 22.47 31.03
CA ALA H 164 -33.67 21.24 30.84
C ALA H 164 -32.41 21.45 29.94
N GLY H 165 -32.53 22.18 28.82
CA GLY H 165 -31.35 22.46 27.95
C GLY H 165 -30.19 23.11 28.72
N ALA H 166 -30.49 24.23 29.33
CA ALA H 166 -29.52 24.94 30.11
C ALA H 166 -28.90 24.00 31.12
N ALA H 167 -29.74 23.20 31.78
CA ALA H 167 -29.26 22.29 32.83
C ALA H 167 -28.28 21.21 32.29
N GLN H 168 -28.64 20.64 31.15
CA GLN H 168 -27.77 19.66 30.49
C GLN H 168 -26.43 20.30 30.01
N LEU H 169 -26.52 21.52 29.51
CA LEU H 169 -25.32 22.29 29.15
C LEU H 169 -24.38 22.44 30.30
N LEU H 170 -24.89 22.80 31.48
CA LEU H 170 -24.00 22.96 32.65
C LEU H 170 -23.36 21.63 33.10
N ARG H 171 -24.16 20.57 33.08
CA ARG H 171 -23.70 19.20 33.37
C ARG H 171 -22.57 18.76 32.39
N ASP H 172 -22.78 19.04 31.10
CA ASP H 172 -21.73 18.85 30.07
C ASP H 172 -20.45 19.61 30.45
N ALA H 173 -20.57 20.91 30.68
CA ALA H 173 -19.46 21.78 30.99
C ALA H 173 -18.69 21.30 32.21
N ARG H 174 -19.41 20.95 33.28
CA ARG H 174 -18.75 20.54 34.50
C ARG H 174 -18.04 19.23 34.31
N ALA H 175 -18.65 18.35 33.55
CA ALA H 175 -18.08 17.05 33.29
C ALA H 175 -16.71 17.13 32.56
N VAL H 176 -16.66 17.89 31.48
CA VAL H 176 -15.39 17.97 30.71
C VAL H 176 -14.38 18.75 31.50
N GLU H 177 -14.84 19.71 32.28
CA GLU H 177 -13.90 20.45 33.12
C GLU H 177 -13.26 19.48 34.11
N GLU H 178 -14.13 18.73 34.75
CA GLU H 178 -13.69 17.83 35.79
C GLU H 178 -12.75 16.74 35.21
N ALA H 179 -13.00 16.29 33.96
CA ALA H 179 -12.10 15.32 33.29
C ALA H 179 -10.74 15.94 32.87
N GLY H 180 -10.60 17.28 32.96
CA GLY H 180 -9.31 17.97 32.77
C GLY H 180 -9.20 18.98 31.62
N ALA H 181 -10.30 19.25 30.90
CA ALA H 181 -10.27 20.31 29.87
C ALA H 181 -9.78 21.56 30.51
N GLN H 182 -8.92 22.31 29.81
CA GLN H 182 -8.38 23.53 30.36
C GLN H 182 -8.91 24.77 29.64
N LEU H 183 -9.78 24.60 28.65
CA LEU H 183 -10.42 25.72 28.02
C LEU H 183 -11.71 25.15 27.50
N ILE H 184 -12.74 26.01 27.35
CA ILE H 184 -13.99 25.52 26.82
C ILE H 184 -14.66 26.55 25.95
N VAL H 185 -15.13 26.13 24.76
CA VAL H 185 -15.90 26.98 23.89
C VAL H 185 -17.37 26.74 24.10
N LEU H 186 -18.15 27.84 24.15
CA LEU H 186 -19.60 27.83 24.24
C LEU H 186 -20.16 28.47 22.99
N GLU H 187 -20.89 27.67 22.21
CA GLU H 187 -21.41 28.14 20.94
C GLU H 187 -22.92 28.16 20.96
N ALA H 188 -23.52 29.27 20.52
CA ALA H 188 -24.99 29.43 20.43
C ALA H 188 -25.70 29.14 21.76
N VAL H 189 -25.48 29.95 22.77
CA VAL H 189 -26.08 29.73 24.09
C VAL H 189 -26.68 31.05 24.55
N PRO H 190 -27.94 31.05 25.11
CA PRO H 190 -28.46 32.31 25.66
C PRO H 190 -27.47 32.97 26.59
N THR H 191 -27.40 34.29 26.51
CA THR H 191 -26.39 35.06 27.25
C THR H 191 -26.37 34.78 28.75
N LEU H 192 -27.56 34.74 29.34
CA LEU H 192 -27.71 34.50 30.79
C LEU H 192 -27.25 33.08 31.18
N VAL H 193 -27.54 32.11 30.33
CA VAL H 193 -27.06 30.73 30.54
C VAL H 193 -25.53 30.65 30.43
N ALA H 194 -24.98 31.26 29.37
CA ALA H 194 -23.52 31.31 29.22
C ALA H 194 -22.86 32.00 30.41
N ALA H 195 -23.48 33.04 30.92
CA ALA H 195 -22.95 33.73 32.14
C ALA H 195 -22.96 32.80 33.37
N GLU H 196 -24.01 31.99 33.53
CA GLU H 196 -23.98 31.05 34.65
C GLU H 196 -23.00 29.94 34.42
N VAL H 197 -22.88 29.42 33.21
CA VAL H 197 -21.81 28.39 32.96
C VAL H 197 -20.45 28.94 33.32
N THR H 198 -20.15 30.17 32.89
CA THR H 198 -18.84 30.76 33.14
C THR H 198 -18.57 30.97 34.66
N ARG H 199 -19.58 31.47 35.37
CA ARG H 199 -19.48 31.60 36.83
C ARG H 199 -19.26 30.25 37.53
N GLU H 200 -19.94 29.19 37.08
CA GLU H 200 -19.76 27.88 37.75
C GLU H 200 -18.41 27.20 37.50
N LEU H 201 -17.79 27.46 36.36
CA LEU H 201 -16.58 26.76 35.98
C LEU H 201 -15.45 27.57 36.51
N SER H 202 -14.30 26.95 36.69
CA SER H 202 -13.08 27.69 37.01
C SER H 202 -12.16 27.92 35.79
N ILE H 203 -12.30 27.09 34.76
CA ILE H 203 -11.49 27.26 33.55
C ILE H 203 -12.10 28.40 32.69
N PRO H 204 -11.32 28.98 31.79
CA PRO H 204 -11.87 30.01 30.92
C PRO H 204 -12.83 29.48 29.92
N THR H 205 -13.91 30.22 29.69
CA THR H 205 -14.89 29.95 28.63
C THR H 205 -14.71 30.91 27.49
N ILE H 206 -14.88 30.44 26.25
CA ILE H 206 -14.70 31.29 25.06
C ILE H 206 -15.97 31.23 24.30
N GLY H 207 -16.66 32.33 24.14
CA GLY H 207 -17.93 32.27 23.40
C GLY H 207 -17.92 32.63 21.93
N ILE H 208 -18.88 32.10 21.23
CA ILE H 208 -19.26 32.55 19.94
C ILE H 208 -20.76 32.38 19.92
N GLY H 209 -21.47 33.50 19.76
CA GLY H 209 -22.91 33.53 19.87
C GLY H 209 -23.36 33.12 21.28
N ALA H 210 -22.61 33.56 22.28
CA ALA H 210 -22.83 33.19 23.69
C ALA H 210 -22.85 34.42 24.62
N GLY H 211 -22.98 35.63 24.06
CA GLY H 211 -22.92 36.86 24.86
C GLY H 211 -21.55 37.22 25.37
N ALA H 212 -21.48 38.31 26.11
CA ALA H 212 -20.24 38.97 26.48
C ALA H 212 -19.73 38.53 27.84
N GLU H 213 -20.46 37.67 28.54
CA GLU H 213 -20.02 37.31 29.85
C GLU H 213 -19.18 36.01 29.89
N CYS H 214 -18.52 35.67 28.81
CA CYS H 214 -17.59 34.57 28.81
C CYS H 214 -16.22 35.12 29.12
N SER H 215 -15.24 34.24 29.40
CA SER H 215 -13.93 34.69 29.69
C SER H 215 -13.21 35.15 28.38
N GLY H 216 -13.78 34.89 27.22
CA GLY H 216 -13.14 35.26 25.95
C GLY H 216 -14.09 35.09 24.78
N GLN H 217 -13.62 35.44 23.57
CA GLN H 217 -14.40 35.29 22.37
C GLN H 217 -13.61 34.60 21.21
N VAL H 218 -14.34 33.90 20.33
CA VAL H 218 -13.80 33.39 19.07
C VAL H 218 -14.69 33.79 17.93
N LEU H 219 -14.09 34.11 16.79
CA LEU H 219 -14.76 34.23 15.53
C LEU H 219 -13.92 33.52 14.41
N VAL H 220 -14.59 33.22 13.31
CA VAL H 220 -13.98 32.80 12.07
C VAL H 220 -13.39 34.05 11.39
N LEU H 221 -12.09 34.03 11.18
CA LEU H 221 -11.33 35.05 10.46
C LEU H 221 -12.06 35.62 9.26
N HIS H 222 -12.42 34.76 8.32
CA HIS H 222 -13.03 35.23 7.08
C HIS H 222 -14.30 36.02 7.35
N ASP H 223 -15.12 35.58 8.30
CA ASP H 223 -16.35 36.31 8.67
C ASP H 223 -15.99 37.68 9.25
N MET H 224 -15.04 37.69 10.16
CA MET H 224 -14.75 38.97 10.81
C MET H 224 -14.00 39.93 9.86
N LEU H 225 -13.45 39.42 8.76
CA LEU H 225 -12.86 40.33 7.76
C LEU H 225 -13.85 40.76 6.73
N GLY H 226 -15.09 40.29 6.83
CA GLY H 226 -16.13 40.66 5.90
C GLY H 226 -15.94 40.01 4.54
N VAL H 227 -15.23 38.89 4.49
CA VAL H 227 -15.14 38.14 3.25
C VAL H 227 -16.26 37.09 3.18
N PHE H 228 -17.53 37.47 2.96
CA PHE H 228 -18.60 36.41 2.92
C PHE H 228 -19.45 36.30 1.64
N ARG H 232 -23.52 39.23 7.24
CA ARG H 232 -22.91 38.66 8.43
C ARG H 232 -23.77 37.49 8.87
N PRO H 233 -23.13 36.36 9.21
CA PRO H 233 -23.80 35.51 10.20
C PRO H 233 -24.12 36.35 11.45
N ARG H 234 -25.14 35.97 12.20
CA ARG H 234 -25.70 36.81 13.26
C ARG H 234 -24.75 37.08 14.45
N PHE H 235 -23.86 36.12 14.69
CA PHE H 235 -22.91 36.10 15.79
C PHE H 235 -21.65 36.96 15.53
N VAL H 236 -21.54 37.41 14.30
CA VAL H 236 -20.35 38.04 13.74
C VAL H 236 -20.48 39.56 13.55
N LYS H 237 -19.40 40.27 13.85
CA LYS H 237 -19.22 41.63 13.42
C LYS H 237 -18.12 41.70 12.37
N ASP H 238 -18.35 42.49 11.34
CA ASP H 238 -17.31 42.82 10.35
C ASP H 238 -16.39 43.94 10.89
N PHE H 239 -15.18 43.57 11.33
CA PHE H 239 -14.21 44.50 11.84
C PHE H 239 -13.39 45.27 10.80
N MET H 240 -13.52 44.92 9.54
CA MET H 240 -12.87 45.68 8.47
C MET H 240 -13.50 47.08 8.28
N GLN H 241 -14.77 47.19 8.59
CA GLN H 241 -15.47 48.48 8.48
C GLN H 241 -14.85 49.62 9.29
N GLY H 242 -14.58 50.74 8.62
CA GLY H 242 -13.93 51.89 9.23
C GLY H 242 -12.47 51.73 9.66
N GLN H 243 -11.77 50.69 9.16
CA GLN H 243 -10.33 50.45 9.50
C GLN H 243 -9.52 50.56 8.22
N PRO H 244 -8.30 51.07 8.30
CA PRO H 244 -7.45 51.33 7.14
C PRO H 244 -6.67 50.12 6.56
N SER H 245 -6.64 48.99 7.27
CA SER H 245 -5.88 47.81 6.81
C SER H 245 -6.46 46.55 7.48
N ILE H 246 -6.06 45.40 6.95
CA ILE H 246 -6.38 44.12 7.53
C ILE H 246 -5.80 43.98 8.93
N PHE H 247 -4.56 44.43 9.11
CA PHE H 247 -3.90 44.46 10.41
C PHE H 247 -4.67 45.28 11.50
N ALA H 248 -5.11 46.48 11.16
CA ALA H 248 -5.89 47.36 11.99
C ALA H 248 -7.25 46.69 12.27
N ALA H 249 -7.84 45.98 11.32
CA ALA H 249 -9.09 45.22 11.59
C ALA H 249 -8.94 44.13 12.63
N VAL H 250 -7.83 43.41 12.58
CA VAL H 250 -7.56 42.39 13.59
C VAL H 250 -7.22 43.03 14.95
N GLU H 251 -6.41 44.09 14.96
CA GLU H 251 -6.19 44.88 16.18
C GLU H 251 -7.48 45.38 16.84
N ALA H 252 -8.42 45.87 16.01
CA ALA H 252 -9.76 46.31 16.48
C ALA H 252 -10.54 45.18 17.15
N TYR H 253 -10.46 43.96 16.59
CA TYR H 253 -11.14 42.81 17.20
C TYR H 253 -10.59 42.51 18.58
N VAL H 254 -9.26 42.46 18.67
CA VAL H 254 -8.61 42.12 19.88
C VAL H 254 -8.94 43.12 20.97
N ARG H 255 -8.93 44.41 20.61
CA ARG H 255 -9.27 45.51 21.50
C ARG H 255 -10.72 45.50 21.96
N ALA H 256 -11.61 45.23 21.01
CA ALA H 256 -13.06 45.16 21.25
C ALA H 256 -13.40 44.01 22.20
N VAL H 257 -12.71 42.87 22.08
CA VAL H 257 -12.94 41.74 22.95
C VAL H 257 -12.53 42.12 24.35
N LYS H 258 -11.37 42.71 24.48
CA LYS H 258 -10.84 43.11 25.77
C LYS H 258 -11.59 44.31 26.44
N ASP H 259 -12.13 45.24 25.66
CA ASP H 259 -12.86 46.40 26.26
C ASP H 259 -14.36 46.14 26.47
N GLY H 260 -14.83 44.98 26.01
CA GLY H 260 -16.16 44.50 26.33
C GLY H 260 -17.17 45.03 25.32
N SER H 261 -16.72 45.59 24.22
CA SER H 261 -17.69 46.08 23.25
C SER H 261 -18.06 45.17 22.11
N PHE H 262 -17.25 44.16 21.82
CA PHE H 262 -17.73 42.86 21.38
C PHE H 262 -17.72 41.65 22.28
N PRO H 263 -18.78 40.83 22.24
CA PRO H 263 -19.99 40.93 21.35
C PRO H 263 -21.05 41.92 21.81
N GLY H 264 -21.78 42.47 20.84
CA GLY H 264 -22.92 43.32 21.10
C GLY H 264 -24.21 42.49 21.27
N PRO H 265 -25.28 43.13 21.76
CA PRO H 265 -26.60 42.50 21.94
C PRO H 265 -27.12 41.88 20.66
N GLU H 266 -26.85 42.51 19.54
CA GLU H 266 -27.25 41.97 18.23
C GLU H 266 -26.55 40.64 17.85
N HIS H 267 -25.46 40.34 18.56
CA HIS H 267 -24.61 39.22 18.22
C HIS H 267 -24.98 38.04 19.08
N SER H 268 -25.97 38.24 19.95
CA SER H 268 -26.34 37.18 20.89
C SER H 268 -27.05 36.03 20.20
N PHE H 269 -27.07 34.90 20.87
CA PHE H 269 -27.96 33.81 20.47
C PHE H 269 -29.40 34.31 20.55
N HIS I 6 31.96 -10.53 27.37
CA HIS I 6 30.67 -10.58 28.12
C HIS I 6 30.76 -9.74 29.39
N HIS I 7 31.78 -9.98 30.20
CA HIS I 7 31.96 -9.23 31.45
C HIS I 7 32.37 -7.77 31.20
N HIS I 8 32.84 -7.44 30.01
CA HIS I 8 33.08 -6.03 29.62
C HIS I 8 31.76 -5.17 29.42
N MET I 9 30.61 -5.82 29.24
CA MET I 9 29.34 -5.16 28.88
C MET I 9 28.60 -4.57 30.06
N VAL I 10 28.08 -3.34 29.95
CA VAL I 10 27.20 -2.77 30.99
C VAL I 10 25.80 -3.37 30.81
N THR I 11 25.30 -3.96 31.86
CA THR I 11 24.01 -4.60 31.79
C THR I 11 23.19 -3.92 32.87
N VAL I 12 21.88 -4.17 32.87
CA VAL I 12 21.03 -3.54 33.88
C VAL I 12 21.41 -4.01 35.29
N PRO I 13 21.73 -5.31 35.47
CA PRO I 13 22.17 -5.74 36.77
C PRO I 13 23.46 -5.07 37.17
N LYS I 14 24.35 -4.75 36.24
CA LYS I 14 25.59 -4.06 36.65
C LYS I 14 25.30 -2.62 37.09
N LEU I 15 24.23 -2.04 36.57
CA LEU I 15 23.90 -0.68 37.00
C LEU I 15 23.35 -0.73 38.43
N GLN I 16 22.53 -1.72 38.73
CA GLN I 16 22.05 -1.92 40.09
C GLN I 16 23.21 -2.16 41.06
N ALA I 17 24.20 -2.92 40.65
CA ALA I 17 25.41 -3.14 41.49
C ALA I 17 26.20 -1.85 41.69
N MET I 18 26.21 -0.98 40.68
CA MET I 18 26.90 0.30 40.80
C MET I 18 26.22 1.16 41.83
N ARG I 19 24.90 1.16 41.87
CA ARG I 19 24.19 1.88 42.90
C ARG I 19 24.69 1.32 44.26
N GLU I 20 24.69 0.00 44.43
CA GLU I 20 25.09 -0.62 45.72
C GLU I 20 26.51 -0.26 46.10
N ALA I 21 27.45 -0.40 45.16
CA ALA I 21 28.85 -0.07 45.41
C ALA I 21 29.11 1.43 45.54
N GLY I 22 28.11 2.28 45.34
CA GLY I 22 28.36 3.72 45.40
C GLY I 22 29.12 4.30 44.21
N GLU I 23 29.24 3.55 43.11
CA GLU I 23 29.86 4.05 41.89
C GLU I 23 28.81 4.83 41.04
N LYS I 24 29.02 6.13 40.84
CA LYS I 24 28.00 6.99 40.15
C LYS I 24 27.94 6.58 38.67
N ILE I 25 26.73 6.59 38.11
CA ILE I 25 26.51 6.17 36.74
C ILE I 25 26.60 7.37 35.78
N ALA I 26 27.37 7.25 34.72
CA ALA I 26 27.56 8.36 33.80
C ALA I 26 26.86 8.06 32.49
N MET I 27 25.86 8.86 32.21
CA MET I 27 25.03 8.70 31.03
C MET I 27 25.08 9.96 30.18
N LEU I 28 25.04 9.77 28.86
CA LEU I 28 25.02 10.84 27.89
C LEU I 28 24.10 10.44 26.77
N THR I 29 23.42 11.43 26.17
CA THR I 29 22.75 11.17 24.93
C THR I 29 23.78 10.96 23.81
N SER I 30 23.36 10.19 22.84
CA SER I 30 24.23 9.74 21.77
C SER I 30 23.35 9.43 20.58
N TYR I 31 23.75 9.79 19.38
CA TYR I 31 22.83 9.66 18.23
C TYR I 31 23.45 9.13 16.93
N ASP I 32 24.75 8.87 16.96
CA ASP I 32 25.40 8.31 15.82
C ASP I 32 26.65 7.50 16.21
N ALA I 33 27.18 6.79 15.23
CA ALA I 33 28.19 5.78 15.43
C ALA I 33 29.53 6.38 15.81
N SER I 34 29.87 7.56 15.28
CA SER I 34 31.15 8.16 15.62
C SER I 34 31.19 8.62 17.08
N PHE I 35 30.16 9.34 17.50
CA PHE I 35 30.11 9.78 18.88
C PHE I 35 29.89 8.58 19.76
N ALA I 36 29.05 7.61 19.37
CA ALA I 36 28.84 6.45 20.21
C ALA I 36 30.16 5.66 20.49
N ALA I 37 31.05 5.55 19.48
CA ALA I 37 32.36 4.90 19.69
C ALA I 37 33.21 5.75 20.62
N LEU I 38 33.20 7.05 20.45
CA LEU I 38 34.02 7.90 21.30
C LEU I 38 33.52 7.90 22.72
N LEU I 39 32.21 7.94 22.90
CA LEU I 39 31.66 7.86 24.26
C LEU I 39 32.10 6.56 24.94
N ASP I 40 32.12 5.47 24.19
CA ASP I 40 32.37 4.19 24.82
C ASP I 40 33.84 4.11 25.18
N ARG I 41 34.66 4.64 24.29
CA ARG I 41 36.08 4.69 24.60
C ARG I 41 36.37 5.54 25.87
N ALA I 42 35.56 6.58 26.13
CA ALA I 42 35.65 7.37 27.37
C ALA I 42 34.98 6.67 28.59
N ASN I 43 34.54 5.43 28.41
CA ASN I 43 33.85 4.68 29.48
C ASN I 43 32.53 5.29 30.00
N VAL I 44 31.76 5.87 29.11
CA VAL I 44 30.39 6.27 29.46
C VAL I 44 29.56 5.00 29.74
N ASP I 45 28.80 5.00 30.83
CA ASP I 45 28.09 3.81 31.22
C ASP I 45 26.86 3.54 30.36
N VAL I 46 26.10 4.58 30.04
CA VAL I 46 24.81 4.43 29.37
C VAL I 46 24.73 5.52 28.31
N GLN I 47 24.35 5.15 27.09
CA GLN I 47 24.11 6.09 26.00
C GLN I 47 22.63 6.10 25.68
N LEU I 48 22.01 7.28 25.72
CA LEU I 48 20.60 7.42 25.52
C LEU I 48 20.26 8.08 24.14
N ILE I 49 19.49 7.36 23.32
CA ILE I 49 18.97 7.93 22.08
C ILE I 49 17.64 8.60 22.50
N GLY I 50 17.73 9.85 22.90
CA GLY I 50 16.57 10.55 23.45
C GLY I 50 15.89 11.42 22.43
N ASP I 51 14.67 11.85 22.74
CA ASP I 51 13.95 12.72 21.85
C ASP I 51 14.43 14.15 21.82
N SER I 52 15.43 14.46 22.65
CA SER I 52 16.23 15.66 22.54
C SER I 52 16.82 15.86 21.13
N LEU I 53 16.88 14.77 20.36
CA LEU I 53 17.34 14.86 18.98
C LEU I 53 16.46 15.75 18.11
N GLY I 54 15.18 15.85 18.47
CA GLY I 54 14.27 16.78 17.85
C GLY I 54 14.78 18.23 17.85
N ASN I 55 15.37 18.69 18.97
CA ASN I 55 16.03 20.00 19.06
C ASN I 55 17.45 19.95 18.49
N VAL I 56 18.31 19.07 19.00
CA VAL I 56 19.74 19.18 18.71
C VAL I 56 20.15 18.73 17.31
N LEU I 57 19.46 17.73 16.80
CA LEU I 57 19.66 17.25 15.46
C LEU I 57 18.71 17.83 14.42
N GLN I 58 17.40 17.73 14.67
CA GLN I 58 16.39 18.11 13.66
C GLN I 58 16.13 19.64 13.61
N GLY I 59 16.51 20.34 14.66
CA GLY I 59 16.38 21.78 14.72
C GLY I 59 14.97 22.24 14.99
N GLN I 60 14.16 21.39 15.63
CA GLN I 60 12.76 21.75 15.87
C GLN I 60 12.65 22.47 17.20
N ALA I 61 11.55 23.21 17.38
CA ALA I 61 11.31 24.00 18.59
C ALA I 61 10.94 23.12 19.78
N THR I 62 10.27 22.02 19.50
CA THR I 62 9.96 21.08 20.57
C THR I 62 10.34 19.69 20.12
N THR I 63 10.18 18.72 20.99
CA THR I 63 10.44 17.36 20.58
C THR I 63 9.21 16.60 20.06
N LEU I 64 8.05 17.23 19.92
CA LEU I 64 6.85 16.46 19.51
C LEU I 64 6.96 15.93 18.10
N PRO I 65 7.68 16.61 17.18
CA PRO I 65 7.72 16.01 15.85
C PRO I 65 8.51 14.68 15.76
N VAL I 66 9.35 14.35 16.76
CA VAL I 66 10.20 13.13 16.68
C VAL I 66 9.33 11.83 16.64
N THR I 67 9.58 11.03 15.63
CA THR I 67 8.85 9.82 15.34
C THR I 67 9.63 8.61 15.87
N LEU I 68 8.93 7.50 15.96
CA LEU I 68 9.52 6.23 16.31
C LEU I 68 10.56 5.81 15.30
N ASP I 69 10.25 6.03 14.03
CA ASP I 69 11.23 5.77 13.00
C ASP I 69 12.53 6.56 13.20
N ASP I 70 12.40 7.80 13.62
CA ASP I 70 13.60 8.64 13.86
C ASP I 70 14.39 8.04 15.02
N ILE I 71 13.73 7.70 16.13
CA ILE I 71 14.46 7.06 17.25
C ILE I 71 15.07 5.72 16.81
N ALA I 72 14.32 4.92 16.05
CA ALA I 72 14.82 3.64 15.57
C ALA I 72 16.09 3.82 14.66
N TYR I 73 16.14 4.90 13.89
CA TYR I 73 17.23 5.13 12.94
C TYR I 73 18.46 5.48 13.75
N HIS I 74 18.32 6.38 14.75
CA HIS I 74 19.48 6.77 15.51
C HIS I 74 19.96 5.66 16.44
N THR I 75 19.02 4.86 16.91
CA THR I 75 19.37 3.65 17.73
C THR I 75 20.21 2.70 16.92
N ALA I 76 19.84 2.48 15.67
CA ALA I 76 20.62 1.57 14.81
C ALA I 76 22.02 2.13 14.61
N CYS I 77 22.14 3.48 14.53
CA CYS I 77 23.46 4.11 14.30
C CYS I 77 24.40 3.87 15.48
N VAL I 78 23.87 4.10 16.68
CA VAL I 78 24.57 3.94 17.91
C VAL I 78 24.92 2.48 18.10
N ALA I 79 23.95 1.60 17.90
CA ALA I 79 24.18 0.14 18.04
C ALA I 79 25.25 -0.43 17.09
N ARG I 80 25.41 0.13 15.92
CA ARG I 80 26.39 -0.37 15.00
C ARG I 80 27.83 -0.02 15.44
N ALA I 81 27.98 0.89 16.40
CA ALA I 81 29.29 1.12 17.04
C ALA I 81 29.62 0.04 18.08
N GLN I 82 28.65 -0.80 18.42
CA GLN I 82 28.83 -1.90 19.33
C GLN I 82 29.48 -1.44 20.60
N PRO I 83 28.86 -0.48 21.27
CA PRO I 83 29.48 -0.04 22.48
C PRO I 83 29.30 -1.07 23.58
N ARG I 84 30.15 -0.97 24.57
CA ARG I 84 30.02 -1.76 25.77
C ARG I 84 28.92 -1.21 26.66
N GLY I 85 28.78 0.10 26.71
CA GLY I 85 27.74 0.74 27.50
C GLY I 85 26.31 0.35 27.13
N LEU I 86 25.40 0.50 28.07
CA LEU I 86 24.00 0.14 27.84
C LEU I 86 23.31 1.17 26.91
N VAL I 87 22.56 0.64 25.94
CA VAL I 87 21.87 1.47 24.94
C VAL I 87 20.41 1.58 25.33
N VAL I 88 20.03 2.80 25.70
CA VAL I 88 18.65 3.09 26.07
C VAL I 88 18.04 3.97 25.03
N ALA I 89 16.85 3.65 24.55
CA ALA I 89 16.10 4.54 23.60
C ALA I 89 14.78 5.06 24.18
N ASP I 90 14.49 6.34 23.98
CA ASP I 90 13.20 6.95 24.37
C ASP I 90 12.06 6.48 23.52
N LEU I 91 10.93 6.08 24.09
CA LEU I 91 9.72 5.99 23.28
C LEU I 91 9.21 7.45 23.13
N PRO I 92 9.09 7.92 21.90
CA PRO I 92 8.60 9.26 21.67
C PRO I 92 7.15 9.45 22.03
N PHE I 93 6.80 10.73 22.10
CA PHE I 93 5.42 11.18 22.43
C PHE I 93 4.48 10.48 21.51
N GLY I 94 3.41 9.91 22.03
CA GLY I 94 2.34 9.33 21.23
C GLY I 94 2.48 7.87 20.92
N THR I 95 3.56 7.25 21.38
CA THR I 95 3.85 5.87 20.94
C THR I 95 3.58 4.83 22.04
N TYR I 96 3.03 5.29 23.16
CA TYR I 96 2.72 4.43 24.28
C TYR I 96 1.37 4.73 24.95
N GLY I 97 0.34 5.00 24.15
CA GLY I 97 -0.99 5.40 24.69
C GLY I 97 -1.83 4.23 25.24
N THR I 98 -1.53 3.03 24.76
CA THR I 98 -1.95 1.80 25.42
C THR I 98 -0.77 0.87 25.63
N PRO I 99 -0.96 -0.14 26.49
CA PRO I 99 0.15 -1.06 26.70
C PRO I 99 0.55 -1.90 25.49
N ALA I 100 -0.39 -2.44 24.74
CA ALA I 100 -0.10 -3.08 23.47
C ALA I 100 0.66 -2.16 22.48
N ASP I 101 0.29 -0.88 22.41
CA ASP I 101 0.98 0.06 21.51
C ASP I 101 2.38 0.26 22.03
N ALA I 102 2.49 0.40 23.34
CA ALA I 102 3.84 0.60 23.97
C ALA I 102 4.79 -0.59 23.67
N PHE I 103 4.26 -1.80 23.76
CA PHE I 103 5.02 -2.99 23.44
C PHE I 103 5.46 -3.02 21.95
N ALA I 104 4.54 -2.76 21.00
CA ALA I 104 4.90 -2.68 19.60
C ALA I 104 6.04 -1.66 19.33
N SER I 105 5.98 -0.47 19.95
CA SER I 105 7.03 0.51 19.81
C SER I 105 8.32 0.04 20.41
N ALA I 106 8.26 -0.52 21.63
CA ALA I 106 9.47 -0.99 22.26
C ALA I 106 10.13 -2.08 21.42
N VAL I 107 9.32 -2.98 20.92
CA VAL I 107 9.82 -4.08 20.12
C VAL I 107 10.63 -3.53 18.97
N LYS I 108 10.09 -2.53 18.32
CA LYS I 108 10.73 -1.88 17.17
C LYS I 108 12.09 -1.34 17.54
N LEU I 109 12.19 -0.72 18.70
CA LEU I 109 13.46 -0.15 19.14
C LEU I 109 14.51 -1.20 19.57
N MET I 110 14.03 -2.25 20.23
CA MET I 110 14.90 -3.32 20.65
C MET I 110 15.37 -4.12 19.42
N ARG I 111 14.50 -4.32 18.43
CA ARG I 111 14.98 -4.88 17.19
C ARG I 111 16.07 -4.01 16.59
N ALA I 112 16.02 -2.70 16.80
CA ALA I 112 17.03 -1.80 16.25
C ALA I 112 18.36 -1.72 17.04
N GLY I 113 18.44 -2.33 18.24
CA GLY I 113 19.65 -2.26 19.08
C GLY I 113 19.42 -1.71 20.50
N ALA I 114 18.26 -1.12 20.82
CA ALA I 114 18.02 -0.72 22.18
C ALA I 114 17.99 -1.96 23.11
N GLN I 115 18.58 -1.81 24.28
CA GLN I 115 18.62 -2.82 25.32
C GLN I 115 17.63 -2.46 26.41
N MET I 116 17.11 -1.23 26.35
CA MET I 116 16.21 -0.77 27.37
C MET I 116 15.47 0.42 26.76
N VAL I 117 14.21 0.66 27.15
CA VAL I 117 13.45 1.76 26.61
C VAL I 117 13.03 2.64 27.74
N LYS I 118 12.87 3.93 27.45
CA LYS I 118 12.54 4.92 28.43
C LYS I 118 11.17 5.45 28.10
N LEU I 119 10.28 5.47 29.10
CA LEU I 119 8.94 6.04 28.95
C LEU I 119 8.73 7.19 29.92
N GLU I 120 8.36 8.37 29.45
CA GLU I 120 8.20 9.46 30.34
C GLU I 120 6.75 9.54 30.77
N GLY I 121 6.53 9.69 32.09
CA GLY I 121 5.22 9.92 32.66
C GLY I 121 5.16 9.42 34.09
N GLY I 122 4.04 9.63 34.76
CA GLY I 122 3.96 9.33 36.18
C GLY I 122 3.30 8.03 36.53
N GLU I 123 2.67 8.04 37.70
CA GLU I 123 1.91 6.93 38.27
C GLU I 123 1.05 6.15 37.26
N TRP I 124 0.43 6.88 36.35
CA TRP I 124 -0.52 6.31 35.41
C TRP I 124 0.13 5.25 34.49
N LEU I 125 1.45 5.33 34.37
CA LEU I 125 2.23 4.43 33.50
C LEU I 125 2.40 3.07 34.11
N ALA I 126 2.09 2.90 35.40
CA ALA I 126 2.31 1.62 36.11
C ALA I 126 1.90 0.38 35.33
N GLU I 127 0.67 0.35 34.82
CA GLU I 127 0.15 -0.82 34.07
C GLU I 127 0.99 -1.04 32.82
N THR I 128 1.35 0.04 32.13
CA THR I 128 2.15 -0.10 30.93
C THR I 128 3.52 -0.65 31.30
N VAL I 129 4.12 -0.17 32.39
CA VAL I 129 5.49 -0.65 32.74
C VAL I 129 5.40 -2.16 33.05
N ARG I 130 4.39 -2.52 33.82
CA ARG I 130 4.17 -3.92 34.20
C ARG I 130 4.00 -4.80 32.94
N PHE I 131 3.25 -4.34 31.95
CA PHE I 131 3.01 -5.08 30.68
C PHE I 131 4.33 -5.32 29.91
N LEU I 132 5.16 -4.29 29.83
CA LEU I 132 6.42 -4.40 29.09
C LEU I 132 7.46 -5.32 29.79
N VAL I 133 7.63 -5.14 31.09
CA VAL I 133 8.64 -5.88 31.84
C VAL I 133 8.27 -7.34 31.84
N GLU I 134 6.98 -7.63 31.96
CA GLU I 134 6.48 -9.02 31.90
C GLU I 134 6.89 -9.67 30.60
N ARG I 135 6.81 -8.91 29.52
CA ARG I 135 7.20 -9.37 28.21
C ARG I 135 8.69 -9.22 27.87
N ALA I 136 9.58 -9.08 28.86
CA ALA I 136 11.06 -9.03 28.63
C ALA I 136 11.56 -7.72 28.02
N VAL I 137 10.80 -6.65 28.13
CA VAL I 137 11.30 -5.34 27.73
C VAL I 137 11.78 -4.57 28.98
N PRO I 138 13.09 -4.31 29.14
CA PRO I 138 13.49 -3.51 30.32
C PRO I 138 13.11 -2.03 30.14
N VAL I 139 12.71 -1.43 31.24
CA VAL I 139 12.14 -0.12 31.24
C VAL I 139 12.91 0.83 32.16
N CYS I 140 13.20 2.00 31.56
CA CYS I 140 13.75 3.15 32.28
C CYS I 140 12.59 4.11 32.43
N ALA I 141 12.28 4.53 33.65
CA ALA I 141 11.21 5.53 33.88
C ALA I 141 11.79 6.94 33.82
N HIS I 142 10.93 7.93 33.88
CA HIS I 142 11.36 9.30 33.68
C HIS I 142 10.30 10.17 34.26
N VAL I 143 10.63 10.82 35.38
CA VAL I 143 9.69 11.66 36.13
C VAL I 143 10.29 13.06 36.43
N GLY I 144 9.41 13.95 36.89
CA GLY I 144 9.81 15.22 37.50
C GLY I 144 8.59 15.87 38.12
N LEU I 145 8.67 17.17 38.40
CA LEU I 145 7.53 17.91 39.00
C LEU I 145 6.38 18.21 38.04
N ALA I 164 3.24 18.93 48.20
CA ALA I 164 2.24 18.43 47.26
C ALA I 164 2.93 17.89 46.00
N GLY I 165 3.72 18.76 45.33
CA GLY I 165 4.50 18.36 44.14
C GLY I 165 5.51 17.27 44.48
N ALA I 166 6.27 17.46 45.54
CA ALA I 166 7.27 16.47 45.99
C ALA I 166 6.60 15.15 46.42
N ALA I 167 5.46 15.27 47.09
CA ALA I 167 4.64 14.12 47.47
C ALA I 167 4.25 13.24 46.25
N GLN I 168 3.80 13.87 45.18
CA GLN I 168 3.35 13.18 43.98
C GLN I 168 4.53 12.61 43.20
N LEU I 169 5.61 13.37 43.10
CA LEU I 169 6.83 12.81 42.50
C LEU I 169 7.21 11.52 43.20
N LEU I 170 7.14 11.50 44.52
CA LEU I 170 7.58 10.29 45.21
C LEU I 170 6.63 9.10 44.92
N ARG I 171 5.33 9.36 44.88
CA ARG I 171 4.33 8.37 44.40
C ARG I 171 4.57 7.89 42.97
N ASP I 172 4.92 8.81 42.07
CA ASP I 172 5.26 8.45 40.69
C ASP I 172 6.42 7.47 40.67
N ALA I 173 7.48 7.85 41.37
CA ALA I 173 8.70 7.07 41.47
C ALA I 173 8.47 5.68 42.03
N ARG I 174 7.78 5.58 43.18
CA ARG I 174 7.52 4.28 43.78
C ARG I 174 6.63 3.40 42.88
N ALA I 175 5.60 3.99 42.27
CA ALA I 175 4.70 3.21 41.40
C ALA I 175 5.42 2.61 40.17
N VAL I 176 6.29 3.37 39.50
CA VAL I 176 6.97 2.81 38.33
C VAL I 176 8.03 1.78 38.74
N GLU I 177 8.71 2.02 39.87
CA GLU I 177 9.61 0.97 40.45
C GLU I 177 8.84 -0.28 40.79
N GLU I 178 7.75 -0.18 41.57
CA GLU I 178 6.89 -1.32 41.89
C GLU I 178 6.50 -2.07 40.65
N ALA I 179 6.21 -1.33 39.57
CA ALA I 179 5.75 -1.91 38.34
C ALA I 179 6.84 -2.65 37.59
N GLY I 180 8.10 -2.36 37.87
CA GLY I 180 9.17 -3.07 37.22
C GLY I 180 10.30 -2.24 36.65
N ALA I 181 10.19 -0.92 36.59
CA ALA I 181 11.31 -0.11 36.02
C ALA I 181 12.61 -0.43 36.77
N GLN I 182 13.72 -0.54 36.05
CA GLN I 182 14.99 -0.84 36.64
C GLN I 182 15.97 0.30 36.62
N LEU I 183 15.54 1.44 36.06
CA LEU I 183 16.29 2.70 36.04
C LEU I 183 15.25 3.84 36.00
N ILE I 184 15.57 4.98 36.62
CA ILE I 184 14.70 6.12 36.56
C ILE I 184 15.52 7.42 36.39
N VAL I 185 15.08 8.29 35.46
CA VAL I 185 15.59 9.62 35.29
C VAL I 185 14.72 10.57 36.11
N LEU I 186 15.35 11.40 36.93
CA LEU I 186 14.70 12.50 37.60
C LEU I 186 15.14 13.81 36.90
N GLU I 187 14.18 14.55 36.34
CA GLU I 187 14.45 15.79 35.58
C GLU I 187 13.85 16.98 36.29
N ALA I 188 14.70 18.01 36.49
CA ALA I 188 14.32 19.32 37.00
C ALA I 188 13.65 19.20 38.36
N VAL I 189 14.38 18.72 39.36
CA VAL I 189 13.83 18.46 40.68
C VAL I 189 14.69 19.07 41.76
N PRO I 190 14.05 19.69 42.77
CA PRO I 190 14.86 20.21 43.86
C PRO I 190 15.77 19.12 44.44
N THR I 191 16.99 19.52 44.77
CA THR I 191 18.08 18.65 45.18
C THR I 191 17.76 17.82 46.39
N LEU I 192 17.16 18.45 47.40
CA LEU I 192 16.72 17.71 48.60
C LEU I 192 15.57 16.75 48.27
N VAL I 193 14.65 17.14 47.39
CA VAL I 193 13.64 16.19 46.90
C VAL I 193 14.26 14.99 46.18
N ALA I 194 15.14 15.25 45.22
CA ALA I 194 15.85 14.17 44.53
C ALA I 194 16.58 13.26 45.51
N ALA I 195 17.27 13.86 46.48
CA ALA I 195 17.92 13.11 47.53
C ALA I 195 16.92 12.15 48.22
N GLU I 196 15.77 12.65 48.65
CA GLU I 196 14.75 11.77 49.29
C GLU I 196 14.22 10.65 48.39
N VAL I 197 13.91 10.96 47.12
CA VAL I 197 13.49 9.91 46.15
C VAL I 197 14.54 8.80 46.00
N THR I 198 15.77 9.21 45.76
CA THR I 198 16.90 8.26 45.62
C THR I 198 17.02 7.38 46.86
N ARG I 199 16.87 7.97 48.04
CA ARG I 199 17.00 7.20 49.29
C ARG I 199 15.83 6.19 49.41
N GLU I 200 14.62 6.62 49.08
CA GLU I 200 13.44 5.72 49.14
C GLU I 200 13.41 4.61 48.08
N LEU I 201 13.89 4.89 46.88
CA LEU I 201 13.91 3.84 45.83
C LEU I 201 15.11 2.96 46.04
N SER I 202 15.05 1.74 45.54
CA SER I 202 16.23 0.90 45.48
C SER I 202 16.82 0.72 44.04
N ILE I 203 16.08 1.11 43.01
CA ILE I 203 16.69 1.20 41.66
C ILE I 203 17.60 2.46 41.52
N PRO I 204 18.54 2.43 40.58
CA PRO I 204 19.32 3.67 40.44
C PRO I 204 18.52 4.84 39.82
N THR I 205 18.72 6.04 40.36
CA THR I 205 18.17 7.28 39.84
C THR I 205 19.26 8.03 39.06
N ILE I 206 18.89 8.67 37.94
CA ILE I 206 19.81 9.38 37.03
C ILE I 206 19.25 10.79 36.92
N GLY I 207 19.98 11.78 37.43
CA GLY I 207 19.50 13.15 37.42
C GLY I 207 19.93 13.98 36.21
N ILE I 208 19.05 14.86 35.79
CA ILE I 208 19.43 16.05 35.02
C ILE I 208 18.68 17.23 35.63
N GLY I 209 19.45 18.17 36.18
CA GLY I 209 18.91 19.25 36.95
C GLY I 209 18.25 18.77 38.25
N ALA I 210 18.81 17.75 38.87
CA ALA I 210 18.23 17.23 40.12
C ALA I 210 19.27 17.13 41.24
N GLY I 211 20.39 17.84 41.07
CA GLY I 211 21.44 17.89 42.07
C GLY I 211 22.27 16.62 42.06
N ALA I 212 23.16 16.50 43.03
CA ALA I 212 24.19 15.48 43.02
C ALA I 212 23.85 14.26 43.80
N GLU I 213 22.71 14.24 44.47
CA GLU I 213 22.35 13.11 45.31
C GLU I 213 21.53 12.02 44.56
N CYS I 214 21.94 11.71 43.32
CA CYS I 214 21.34 10.68 42.52
C CYS I 214 22.36 9.64 42.31
N SER I 215 21.93 8.47 41.91
CA SER I 215 22.86 7.40 41.59
C SER I 215 23.70 7.68 40.33
N GLY I 216 23.38 8.74 39.59
CA GLY I 216 24.12 9.08 38.42
C GLY I 216 23.56 10.33 37.75
N GLN I 217 24.14 10.68 36.62
CA GLN I 217 23.79 11.88 35.90
C GLN I 217 23.62 11.68 34.43
N VAL I 218 22.80 12.52 33.82
CA VAL I 218 22.67 12.54 32.38
C VAL I 218 22.70 13.99 31.88
N LEU I 219 23.30 14.18 30.72
CA LEU I 219 23.24 15.42 29.99
C LEU I 219 23.12 15.14 28.53
N VAL I 220 22.61 16.14 27.78
CA VAL I 220 22.59 16.10 26.34
C VAL I 220 24.01 16.34 25.79
N LEU I 221 24.46 15.47 24.89
CA LEU I 221 25.84 15.48 24.38
C LEU I 221 26.26 16.87 23.89
N HIS I 222 25.42 17.47 23.05
CA HIS I 222 25.77 18.71 22.38
C HIS I 222 25.88 19.89 23.33
N ASP I 223 25.01 19.91 24.36
CA ASP I 223 25.09 20.81 25.51
C ASP I 223 26.44 20.76 26.24
N MET I 224 26.85 19.58 26.68
CA MET I 224 28.11 19.47 27.41
C MET I 224 29.37 19.62 26.53
N LEU I 225 29.24 19.60 25.21
CA LEU I 225 30.31 19.91 24.30
C LEU I 225 30.31 21.39 23.92
N GLY I 226 29.35 22.12 24.45
CA GLY I 226 29.33 23.56 24.32
C GLY I 226 28.87 23.97 22.94
N VAL I 227 28.14 23.09 22.25
CA VAL I 227 27.56 23.39 20.97
C VAL I 227 26.10 23.75 21.26
N PHE I 228 25.87 25.02 21.61
CA PHE I 228 24.50 25.52 21.83
C PHE I 228 24.46 26.94 21.33
N PRO I 229 23.30 27.38 20.80
CA PRO I 229 23.24 28.79 20.39
C PRO I 229 23.30 29.74 21.63
N GLY I 230 24.51 30.21 22.00
CA GLY I 230 24.66 31.22 23.04
C GLY I 230 24.44 30.74 24.48
N LYS I 231 23.21 30.87 24.97
CA LYS I 231 22.93 30.78 26.43
C LYS I 231 22.94 29.34 26.99
N ARG I 232 23.92 29.02 27.83
CA ARG I 232 24.06 27.67 28.41
C ARG I 232 22.93 27.42 29.43
N PRO I 233 22.15 26.35 29.25
CA PRO I 233 21.08 26.11 30.24
C PRO I 233 21.62 25.84 31.63
N ARG I 234 20.81 26.16 32.63
CA ARG I 234 21.20 26.13 34.07
C ARG I 234 21.88 24.82 34.49
N PHE I 235 21.29 23.69 34.05
CA PHE I 235 21.64 22.31 34.40
C PHE I 235 22.95 21.79 33.80
N VAL I 236 23.44 22.46 32.76
CA VAL I 236 24.58 22.00 31.99
C VAL I 236 25.90 22.66 32.41
N LYS I 237 26.98 21.89 32.38
CA LYS I 237 28.33 22.44 32.34
C LYS I 237 28.93 22.14 30.95
N ASP I 238 29.69 23.11 30.42
CA ASP I 238 30.45 22.95 29.18
C ASP I 238 31.77 22.27 29.52
N PHE I 239 31.89 20.96 29.29
CA PHE I 239 33.12 20.25 29.58
C PHE I 239 34.21 20.39 28.56
N MET I 240 33.92 21.00 27.41
CA MET I 240 34.96 21.26 26.40
C MET I 240 35.95 22.26 26.90
N GLN I 241 35.50 23.23 27.68
CA GLN I 241 36.41 24.32 28.04
C GLN I 241 37.54 23.93 28.99
N GLY I 242 38.78 24.25 28.58
CA GLY I 242 39.99 23.78 29.27
C GLY I 242 40.49 22.43 28.79
N GLN I 243 39.92 21.88 27.71
CA GLN I 243 40.28 20.54 27.27
C GLN I 243 40.84 20.53 25.86
N PRO I 244 41.86 19.72 25.61
CA PRO I 244 42.53 19.56 24.29
C PRO I 244 41.72 18.91 23.15
N SER I 245 40.75 18.06 23.51
CA SER I 245 39.94 17.35 22.53
C SER I 245 38.52 17.08 23.03
N ILE I 246 37.65 16.65 22.11
CA ILE I 246 36.30 16.19 22.44
C ILE I 246 36.38 14.91 23.30
N PHE I 247 37.34 14.03 23.02
CA PHE I 247 37.56 12.82 23.83
C PHE I 247 37.84 13.20 25.28
N ALA I 248 38.73 14.19 25.48
CA ALA I 248 39.05 14.66 26.84
C ALA I 248 37.89 15.39 27.52
N ALA I 249 37.07 16.13 26.76
CA ALA I 249 35.80 16.64 27.31
C ALA I 249 34.90 15.51 27.88
N VAL I 250 34.70 14.44 27.11
CA VAL I 250 33.78 13.38 27.57
C VAL I 250 34.39 12.62 28.77
N GLU I 251 35.69 12.32 28.69
CA GLU I 251 36.46 11.76 29.84
C GLU I 251 36.32 12.64 31.10
N ALA I 252 36.39 13.95 30.93
CA ALA I 252 36.22 14.88 32.06
C ALA I 252 34.81 14.79 32.71
N TYR I 253 33.80 14.67 31.83
CA TYR I 253 32.44 14.46 32.30
C TYR I 253 32.33 13.21 33.16
N VAL I 254 32.75 12.09 32.61
CA VAL I 254 32.60 10.84 33.30
C VAL I 254 33.31 10.92 34.64
N ARG I 255 34.50 11.57 34.68
CA ARG I 255 35.25 11.68 35.92
C ARG I 255 34.58 12.58 36.94
N ALA I 256 34.08 13.73 36.49
CA ALA I 256 33.37 14.64 37.36
C ALA I 256 32.06 14.03 37.95
N VAL I 257 31.35 13.24 37.16
CA VAL I 257 30.20 12.51 37.66
C VAL I 257 30.63 11.50 38.75
N LYS I 258 31.71 10.78 38.49
CA LYS I 258 32.13 9.74 39.40
C LYS I 258 32.77 10.26 40.69
N ASP I 259 33.43 11.42 40.64
CA ASP I 259 34.00 12.00 41.86
C ASP I 259 33.08 12.95 42.56
N GLY I 260 31.86 13.10 42.08
CA GLY I 260 30.82 13.81 42.79
C GLY I 260 30.85 15.32 42.64
N SER I 261 31.67 15.85 41.75
CA SER I 261 31.75 17.33 41.59
C SER I 261 31.11 17.94 40.37
N PHE I 262 30.67 17.17 39.38
CA PHE I 262 29.34 17.38 38.77
C PHE I 262 28.17 16.55 39.13
N PRO I 263 27.00 17.21 39.31
CA PRO I 263 26.73 18.63 39.23
C PRO I 263 27.10 19.33 40.52
N GLY I 264 27.42 20.63 40.40
CA GLY I 264 27.70 21.53 41.51
C GLY I 264 26.48 22.38 41.78
N PRO I 265 26.52 23.21 42.83
CA PRO I 265 25.35 23.92 43.29
C PRO I 265 24.72 24.80 42.24
N GLU I 266 25.53 25.40 41.38
CA GLU I 266 24.99 26.27 40.36
C GLU I 266 24.21 25.51 39.29
N HIS I 267 24.32 24.18 39.24
CA HIS I 267 23.66 23.38 38.21
C HIS I 267 22.38 22.79 38.74
N SER I 268 22.04 23.14 39.98
CA SER I 268 21.01 22.44 40.70
C SER I 268 19.90 23.42 40.95
N PHE I 269 18.88 23.34 40.06
CA PHE I 269 17.43 23.70 40.26
C PHE I 269 17.04 24.21 41.67
N HIS J 8 3.90 -42.92 8.39
CA HIS J 8 5.25 -42.83 8.99
C HIS J 8 5.54 -41.48 9.71
N MET J 9 4.54 -40.61 9.90
CA MET J 9 4.77 -39.23 10.37
C MET J 9 4.94 -39.17 11.89
N VAL J 10 5.88 -38.34 12.38
CA VAL J 10 5.96 -38.11 13.81
C VAL J 10 4.95 -37.06 14.15
N THR J 11 4.10 -37.36 15.12
CA THR J 11 2.98 -36.51 15.52
C THR J 11 3.10 -36.17 16.99
N VAL J 12 2.41 -35.11 17.39
CA VAL J 12 2.41 -34.72 18.78
C VAL J 12 2.12 -35.89 19.74
N PRO J 13 1.03 -36.65 19.47
CA PRO J 13 0.75 -37.80 20.35
C PRO J 13 1.82 -38.93 20.32
N LYS J 14 2.60 -39.04 19.22
CA LYS J 14 3.69 -40.01 19.19
C LYS J 14 4.76 -39.61 20.21
N LEU J 15 5.06 -38.30 20.32
CA LEU J 15 6.01 -37.79 21.28
C LEU J 15 5.60 -38.14 22.70
N GLN J 16 4.33 -37.94 22.99
CA GLN J 16 3.75 -38.32 24.28
C GLN J 16 3.91 -39.84 24.54
N ALA J 17 3.70 -40.64 23.49
CA ALA J 17 3.95 -42.10 23.54
C ALA J 17 5.44 -42.40 23.75
N MET J 18 6.33 -41.64 23.10
CA MET J 18 7.76 -41.77 23.40
C MET J 18 8.11 -41.49 24.86
N ARG J 19 7.50 -40.46 25.45
CA ARG J 19 7.72 -40.20 26.88
C ARG J 19 7.34 -41.45 27.67
N GLU J 20 6.13 -41.92 27.46
CA GLU J 20 5.57 -43.02 28.24
C GLU J 20 6.40 -44.30 28.11
N ALA J 21 7.02 -44.53 26.96
CA ALA J 21 7.79 -45.73 26.68
C ALA J 21 9.28 -45.56 26.97
N GLY J 22 9.69 -44.38 27.44
CA GLY J 22 11.09 -44.13 27.74
C GLY J 22 12.00 -44.00 26.54
N GLU J 23 11.45 -43.79 25.35
CA GLU J 23 12.31 -43.44 24.23
C GLU J 23 12.59 -41.91 24.20
N LYS J 24 13.87 -41.55 24.19
CA LYS J 24 14.25 -40.15 24.22
C LYS J 24 14.00 -39.48 22.84
N ILE J 25 13.45 -38.25 22.88
CA ILE J 25 13.16 -37.44 21.69
C ILE J 25 14.39 -36.69 21.25
N ALA J 26 14.86 -36.91 20.03
CA ALA J 26 16.01 -36.16 19.51
C ALA J 26 15.46 -35.00 18.69
N MET J 27 15.79 -33.78 19.11
CA MET J 27 15.40 -32.57 18.42
C MET J 27 16.62 -31.76 18.01
N LEU J 28 16.54 -31.09 16.86
CA LEU J 28 17.62 -30.29 16.34
C LEU J 28 17.02 -29.15 15.55
N THR J 29 17.68 -28.00 15.58
CA THR J 29 17.25 -26.85 14.79
C THR J 29 17.62 -27.13 13.33
N SER J 30 16.91 -26.43 12.47
CA SER J 30 16.92 -26.76 11.05
C SER J 30 16.31 -25.57 10.34
N TYR J 31 16.93 -25.11 9.25
CA TYR J 31 16.55 -23.85 8.62
C TYR J 31 16.49 -23.91 7.11
N ASP J 32 16.68 -25.09 6.52
CA ASP J 32 16.63 -25.20 5.05
C ASP J 32 16.36 -26.65 4.58
N ALA J 33 16.11 -26.81 3.27
CA ALA J 33 15.57 -28.08 2.77
C ALA J 33 16.62 -29.20 2.71
N SER J 34 17.88 -28.85 2.49
CA SER J 34 18.94 -29.86 2.34
C SER J 34 19.22 -30.48 3.64
N PHE J 35 19.43 -29.64 4.64
CA PHE J 35 19.62 -30.18 5.96
C PHE J 35 18.41 -30.81 6.56
N ALA J 36 17.21 -30.29 6.28
CA ALA J 36 16.00 -30.93 6.79
C ALA J 36 15.84 -32.35 6.24
N ALA J 37 16.09 -32.55 4.95
CA ALA J 37 16.15 -33.92 4.38
C ALA J 37 17.20 -34.82 5.11
N LEU J 38 18.38 -34.28 5.38
CA LEU J 38 19.47 -35.07 5.99
C LEU J 38 19.10 -35.48 7.39
N LEU J 39 18.61 -34.52 8.18
CA LEU J 39 18.12 -34.76 9.53
C LEU J 39 17.01 -35.81 9.56
N ASP J 40 16.06 -35.71 8.64
CA ASP J 40 15.05 -36.76 8.52
C ASP J 40 15.57 -38.17 8.13
N ARG J 41 16.55 -38.27 7.23
CA ARG J 41 17.23 -39.56 7.00
C ARG J 41 17.87 -40.12 8.28
N ALA J 42 18.34 -39.22 9.13
CA ALA J 42 18.93 -39.58 10.42
C ALA J 42 17.90 -39.86 11.51
N ASN J 43 16.61 -39.89 11.18
CA ASN J 43 15.53 -40.09 12.16
C ASN J 43 15.50 -39.08 13.30
N VAL J 44 15.82 -37.81 13.02
CA VAL J 44 15.57 -36.72 13.99
C VAL J 44 14.08 -36.67 14.20
N ASP J 45 13.64 -36.74 15.45
CA ASP J 45 12.22 -36.69 15.78
C ASP J 45 11.46 -35.33 15.53
N VAL J 46 12.14 -34.23 15.82
CA VAL J 46 11.53 -32.91 15.85
C VAL J 46 12.52 -31.94 15.22
N GLN J 47 12.09 -31.17 14.24
CA GLN J 47 12.94 -30.16 13.65
C GLN J 47 12.43 -28.81 14.04
N LEU J 48 13.36 -27.99 14.53
CA LEU J 48 13.03 -26.67 15.15
C LEU J 48 13.55 -25.52 14.31
N ILE J 49 12.64 -24.66 13.85
CA ILE J 49 13.02 -23.49 13.14
C ILE J 49 13.05 -22.44 14.22
N GLY J 50 14.21 -22.22 14.77
CA GLY J 50 14.32 -21.43 15.96
C GLY J 50 14.89 -20.06 15.71
N ASP J 51 14.74 -19.16 16.66
CA ASP J 51 15.25 -17.80 16.44
C ASP J 51 16.77 -17.68 16.65
N SER J 52 17.39 -18.80 17.01
CA SER J 52 18.85 -19.06 16.81
C SER J 52 19.36 -18.72 15.41
N LEU J 53 18.48 -18.77 14.42
CA LEU J 53 18.87 -18.41 13.07
C LEU J 53 19.39 -16.97 12.97
N GLY J 54 18.97 -16.08 13.88
CA GLY J 54 19.50 -14.71 13.98
C GLY J 54 21.00 -14.66 14.22
N ASN J 55 21.52 -15.61 14.99
CA ASN J 55 22.97 -15.72 15.21
C ASN J 55 23.56 -16.58 14.11
N VAL J 56 23.06 -17.79 13.94
CA VAL J 56 23.79 -18.74 13.11
C VAL J 56 23.71 -18.44 11.61
N LEU J 57 22.55 -18.01 11.13
CA LEU J 57 22.41 -17.63 9.70
C LEU J 57 22.59 -16.15 9.42
N GLN J 58 21.94 -15.31 10.24
CA GLN J 58 21.97 -13.90 9.92
C GLN J 58 23.26 -13.22 10.41
N GLY J 59 24.00 -13.90 11.29
CA GLY J 59 25.23 -13.35 11.83
C GLY J 59 25.00 -12.12 12.73
N GLN J 60 23.88 -12.03 13.44
CA GLN J 60 23.62 -10.93 14.40
C GLN J 60 24.11 -11.27 15.82
N ALA J 61 24.40 -10.26 16.63
CA ALA J 61 24.78 -10.52 18.05
C ALA J 61 23.64 -11.04 18.87
N THR J 62 22.42 -10.68 18.54
CA THR J 62 21.30 -11.19 19.32
C THR J 62 20.25 -11.74 18.41
N THR J 63 19.25 -12.35 18.98
CA THR J 63 18.15 -12.86 18.20
C THR J 63 16.98 -11.86 18.07
N LEU J 64 17.06 -10.71 18.71
CA LEU J 64 15.98 -9.74 18.63
C LEU J 64 15.62 -9.33 17.20
N PRO J 65 16.62 -9.18 16.28
CA PRO J 65 16.24 -8.74 14.92
C PRO J 65 15.42 -9.73 14.06
N VAL J 66 15.30 -11.00 14.47
CA VAL J 66 14.61 -12.02 13.67
C VAL J 66 13.12 -11.73 13.55
N THR J 67 12.62 -11.63 12.34
CA THR J 67 11.25 -11.30 12.19
C THR J 67 10.39 -12.55 11.97
N LEU J 68 9.08 -12.34 12.07
CA LEU J 68 8.09 -13.34 11.75
C LEU J 68 8.27 -13.81 10.31
N ASP J 69 8.39 -12.87 9.38
CA ASP J 69 8.71 -13.20 7.98
C ASP J 69 9.96 -14.14 7.80
N ASP J 70 11.04 -13.88 8.54
CA ASP J 70 12.26 -14.74 8.56
C ASP J 70 11.95 -16.17 9.04
N ILE J 71 11.20 -16.28 10.12
CA ILE J 71 10.87 -17.57 10.66
C ILE J 71 9.95 -18.30 9.65
N ALA J 72 9.04 -17.58 9.04
CA ALA J 72 8.10 -18.14 8.03
C ALA J 72 8.85 -18.67 6.78
N TYR J 73 9.90 -17.96 6.38
CA TYR J 73 10.67 -18.33 5.22
C TYR J 73 11.41 -19.64 5.48
N HIS J 74 12.12 -19.71 6.59
CA HIS J 74 12.91 -20.91 6.90
C HIS J 74 11.99 -22.08 7.15
N THR J 75 10.81 -21.78 7.70
CA THR J 75 9.81 -22.80 7.91
C THR J 75 9.36 -23.39 6.55
N ALA J 76 8.99 -22.56 5.57
CA ALA J 76 8.64 -23.02 4.25
C ALA J 76 9.82 -23.85 3.68
N CYS J 77 11.07 -23.41 3.83
CA CYS J 77 12.18 -24.21 3.31
C CYS J 77 12.25 -25.65 3.90
N VAL J 78 12.23 -25.76 5.23
CA VAL J 78 12.22 -27.04 5.93
C VAL J 78 11.03 -27.93 5.46
N ALA J 79 9.88 -27.29 5.36
CA ALA J 79 8.64 -27.99 5.11
C ALA J 79 8.66 -28.56 3.72
N ARG J 80 9.37 -27.93 2.80
CA ARG J 80 9.36 -28.40 1.42
C ARG J 80 10.21 -29.65 1.28
N ALA J 81 11.00 -30.00 2.29
CA ALA J 81 11.72 -31.26 2.25
C ALA J 81 10.74 -32.38 2.67
N GLN J 82 9.59 -32.00 3.23
CA GLN J 82 8.55 -32.99 3.60
C GLN J 82 8.98 -34.03 4.65
N PRO J 83 9.66 -33.56 5.72
CA PRO J 83 10.17 -34.50 6.72
C PRO J 83 9.10 -35.35 7.35
N ARG J 84 9.44 -36.58 7.76
CA ARG J 84 8.53 -37.37 8.61
C ARG J 84 8.44 -36.72 9.98
N GLY J 85 9.54 -36.13 10.42
CA GLY J 85 9.64 -35.52 11.78
C GLY J 85 8.71 -34.33 11.97
N LEU J 86 8.43 -34.00 13.21
CA LEU J 86 7.57 -32.87 13.50
C LEU J 86 8.30 -31.53 13.30
N VAL J 87 7.62 -30.57 12.66
CA VAL J 87 8.18 -29.25 12.38
C VAL J 87 7.65 -28.25 13.42
N VAL J 88 8.54 -27.65 14.15
CA VAL J 88 8.18 -26.70 15.22
C VAL J 88 8.82 -25.37 14.82
N ALA J 89 8.04 -24.28 14.85
CA ALA J 89 8.57 -22.95 14.53
C ALA J 89 8.45 -22.04 15.76
N ASP J 90 9.51 -21.29 16.10
CA ASP J 90 9.51 -20.27 17.18
C ASP J 90 8.71 -19.06 16.81
N LEU J 91 7.80 -18.57 17.66
CA LEU J 91 7.24 -17.23 17.50
C LEU J 91 8.37 -16.28 17.95
N PRO J 92 8.85 -15.42 17.06
CA PRO J 92 9.93 -14.55 17.52
C PRO J 92 9.50 -13.46 18.50
N PHE J 93 10.50 -12.87 19.09
CA PHE J 93 10.36 -11.75 19.97
C PHE J 93 9.42 -10.73 19.46
N GLY J 94 8.40 -10.42 20.26
CA GLY J 94 7.45 -9.36 19.94
C GLY J 94 6.21 -9.73 19.13
N THR J 95 6.08 -11.00 18.72
CA THR J 95 4.96 -11.45 17.93
C THR J 95 3.82 -12.15 18.76
N TYR J 96 3.96 -12.19 20.06
CA TYR J 96 2.91 -12.79 20.89
C TYR J 96 2.60 -11.98 22.14
N GLY J 97 2.53 -10.65 21.99
CA GLY J 97 2.29 -9.73 23.09
C GLY J 97 0.86 -9.73 23.65
N THR J 98 -0.11 -10.17 22.85
CA THR J 98 -1.51 -10.41 23.27
C THR J 98 -1.93 -11.74 22.64
N PRO J 99 -2.96 -12.39 23.21
CA PRO J 99 -3.39 -13.73 22.62
C PRO J 99 -3.82 -13.68 21.16
N ALA J 100 -4.61 -12.69 20.76
CA ALA J 100 -4.95 -12.49 19.35
C ALA J 100 -3.72 -12.36 18.44
N ASP J 101 -2.73 -11.54 18.84
CA ASP J 101 -1.55 -11.36 18.00
C ASP J 101 -0.77 -12.67 17.94
N ALA J 102 -0.75 -13.40 19.05
CA ALA J 102 -0.05 -14.71 19.07
C ALA J 102 -0.68 -15.66 18.05
N PHE J 103 -2.02 -15.65 18.01
CA PHE J 103 -2.75 -16.48 17.08
C PHE J 103 -2.51 -16.07 15.65
N ALA J 104 -2.55 -14.77 15.33
CA ALA J 104 -2.22 -14.32 13.97
C ALA J 104 -0.80 -14.77 13.58
N SER J 105 0.15 -14.63 14.50
CA SER J 105 1.53 -15.04 14.21
C SER J 105 1.62 -16.56 14.02
N ALA J 106 0.99 -17.33 14.91
CA ALA J 106 1.00 -18.77 14.82
C ALA J 106 0.37 -19.25 13.53
N VAL J 107 -0.72 -18.63 13.12
CA VAL J 107 -1.45 -19.08 11.94
C VAL J 107 -0.52 -18.88 10.73
N LYS J 108 0.26 -17.80 10.70
CA LYS J 108 1.17 -17.55 9.57
C LYS J 108 2.25 -18.61 9.51
N LEU J 109 2.73 -19.01 10.68
CA LEU J 109 3.73 -20.05 10.72
C LEU J 109 3.15 -21.40 10.30
N MET J 110 1.90 -21.67 10.69
CA MET J 110 1.27 -22.98 10.35
C MET J 110 0.93 -23.08 8.83
N ARG J 111 0.56 -21.97 8.22
CA ARG J 111 0.33 -21.95 6.79
C ARG J 111 1.64 -22.23 6.02
N ALA J 112 2.78 -21.85 6.58
CA ALA J 112 4.08 -22.02 5.91
C ALA J 112 4.65 -23.42 6.11
N GLY J 113 4.07 -24.17 7.03
CA GLY J 113 4.41 -25.57 7.19
C GLY J 113 4.68 -25.97 8.63
N ALA J 114 4.58 -25.07 9.59
CA ALA J 114 4.80 -25.48 10.99
C ALA J 114 3.65 -26.35 11.49
N GLN J 115 3.95 -27.40 12.27
CA GLN J 115 2.93 -28.28 12.91
C GLN J 115 2.71 -27.92 14.35
N MET J 116 3.61 -27.11 14.90
CA MET J 116 3.53 -26.65 16.27
C MET J 116 4.40 -25.40 16.41
N VAL J 117 4.05 -24.52 17.33
CA VAL J 117 4.80 -23.32 17.57
C VAL J 117 5.30 -23.24 19.01
N LYS J 118 6.47 -22.65 19.15
CA LYS J 118 7.11 -22.57 20.41
C LYS J 118 7.09 -21.12 20.91
N LEU J 119 6.57 -20.90 22.11
CA LEU J 119 6.49 -19.59 22.76
C LEU J 119 7.30 -19.58 24.01
N GLU J 120 8.21 -18.63 24.13
CA GLU J 120 9.07 -18.59 25.28
C GLU J 120 8.53 -17.66 26.33
N GLY J 121 8.63 -18.06 27.60
CA GLY J 121 8.11 -17.28 28.72
C GLY J 121 7.43 -18.15 29.77
N GLY J 122 7.23 -17.57 30.94
CA GLY J 122 6.70 -18.33 32.04
C GLY J 122 5.21 -18.19 32.25
N GLU J 123 4.87 -18.13 33.52
CA GLU J 123 3.52 -18.23 34.00
C GLU J 123 2.58 -17.29 33.31
N TRP J 124 3.05 -16.09 32.94
CA TRP J 124 2.17 -15.07 32.35
C TRP J 124 1.56 -15.55 31.04
N LEU J 125 2.25 -16.45 30.36
CA LEU J 125 1.79 -16.94 29.06
C LEU J 125 0.56 -17.82 29.11
N ALA J 126 0.18 -18.29 30.29
CA ALA J 126 -0.88 -19.31 30.41
C ALA J 126 -2.09 -19.05 29.53
N GLU J 127 -2.69 -17.87 29.71
CA GLU J 127 -3.84 -17.40 28.93
C GLU J 127 -3.60 -17.46 27.42
N THR J 128 -2.40 -17.08 26.97
CA THR J 128 -2.04 -17.13 25.55
C THR J 128 -2.02 -18.58 25.02
N VAL J 129 -1.41 -19.48 25.81
CA VAL J 129 -1.30 -20.89 25.46
C VAL J 129 -2.72 -21.53 25.34
N ARG J 130 -3.60 -21.20 26.26
CA ARG J 130 -4.97 -21.68 26.25
C ARG J 130 -5.67 -21.21 25.01
N PHE J 131 -5.50 -19.94 24.69
CA PHE J 131 -6.16 -19.35 23.52
C PHE J 131 -5.77 -20.07 22.25
N LEU J 132 -4.47 -20.25 22.08
CA LEU J 132 -3.92 -20.93 20.92
C LEU J 132 -4.44 -22.40 20.83
N VAL J 133 -4.29 -23.13 21.93
CA VAL J 133 -4.54 -24.54 21.92
C VAL J 133 -6.06 -24.81 21.62
N GLU J 134 -6.93 -23.98 22.19
CA GLU J 134 -8.38 -24.02 21.95
C GLU J 134 -8.73 -23.85 20.46
N ARG J 135 -7.90 -23.07 19.78
CA ARG J 135 -8.06 -22.84 18.38
C ARG J 135 -7.23 -23.69 17.48
N ALA J 136 -6.79 -24.84 18.01
CA ALA J 136 -6.10 -25.91 17.22
C ALA J 136 -4.64 -25.60 16.85
N VAL J 137 -3.97 -24.75 17.62
CA VAL J 137 -2.55 -24.51 17.43
C VAL J 137 -1.80 -25.31 18.50
N PRO J 138 -1.11 -26.40 18.10
CA PRO J 138 -0.25 -27.06 19.09
C PRO J 138 0.92 -26.14 19.51
N VAL J 139 1.18 -26.13 20.82
CA VAL J 139 2.10 -25.23 21.48
C VAL J 139 3.19 -26.02 22.25
N CYS J 140 4.43 -25.61 22.03
CA CYS J 140 5.56 -26.00 22.79
C CYS J 140 5.99 -24.81 23.66
N ALA J 141 5.99 -25.01 24.98
CA ALA J 141 6.51 -24.02 25.87
C ALA J 141 8.04 -24.06 25.86
N HIS J 142 8.62 -23.05 26.48
CA HIS J 142 10.06 -22.86 26.58
C HIS J 142 10.33 -22.05 27.86
N VAL J 143 11.02 -22.66 28.82
CA VAL J 143 11.31 -21.98 30.10
C VAL J 143 12.74 -22.22 30.51
N GLY J 144 13.20 -21.52 31.56
CA GLY J 144 14.59 -21.63 32.01
C GLY J 144 15.03 -20.53 32.98
N ALA J 164 15.51 -20.91 44.81
CA ALA J 164 14.11 -21.13 44.47
C ALA J 164 13.38 -19.84 43.99
N GLY J 165 13.40 -19.51 42.70
CA GLY J 165 14.32 -20.09 41.69
C GLY J 165 13.74 -21.30 40.99
N ALA J 166 14.16 -22.48 41.45
CA ALA J 166 13.48 -23.73 41.16
C ALA J 166 11.96 -23.64 41.35
N ALA J 167 11.51 -22.95 42.40
CA ALA J 167 10.10 -22.86 42.71
C ALA J 167 9.32 -22.19 41.59
N GLN J 168 9.88 -21.12 41.02
CA GLN J 168 9.25 -20.38 39.92
C GLN J 168 9.33 -21.21 38.62
N LEU J 169 10.47 -21.85 38.36
CA LEU J 169 10.62 -22.70 37.18
C LEU J 169 9.50 -23.71 37.13
N LEU J 170 9.31 -24.42 38.25
CA LEU J 170 8.26 -25.41 38.35
C LEU J 170 6.88 -24.78 38.25
N ARG J 171 6.66 -23.61 38.82
CA ARG J 171 5.35 -22.97 38.63
C ARG J 171 5.07 -22.65 37.12
N ASP J 172 6.03 -22.00 36.46
CA ASP J 172 5.93 -21.66 35.04
C ASP J 172 5.53 -22.90 34.21
N ALA J 173 6.32 -23.97 34.40
CA ALA J 173 6.15 -25.30 33.74
C ALA J 173 4.77 -25.91 33.95
N ARG J 174 4.37 -26.06 35.20
CA ARG J 174 2.99 -26.53 35.47
C ARG J 174 1.90 -25.62 34.89
N ALA J 175 2.09 -24.29 34.92
CA ALA J 175 1.03 -23.38 34.42
C ALA J 175 0.86 -23.46 32.89
N VAL J 176 1.95 -23.58 32.15
CA VAL J 176 1.87 -23.71 30.70
C VAL J 176 1.39 -25.12 30.31
N GLU J 177 1.72 -26.15 31.09
CA GLU J 177 1.21 -27.49 30.78
C GLU J 177 -0.27 -27.57 30.97
N GLU J 178 -0.69 -27.05 32.12
CA GLU J 178 -2.08 -26.94 32.42
C GLU J 178 -2.88 -26.12 31.40
N ALA J 179 -2.28 -25.07 30.83
CA ALA J 179 -2.96 -24.27 29.78
C ALA J 179 -3.06 -25.01 28.45
N GLY J 180 -2.31 -26.11 28.31
CA GLY J 180 -2.43 -26.95 27.12
C GLY J 180 -1.18 -27.21 26.30
N ALA J 181 -0.02 -26.70 26.74
CA ALA J 181 1.22 -26.98 26.03
C ALA J 181 1.44 -28.51 26.00
N GLN J 182 1.99 -29.05 24.90
CA GLN J 182 2.14 -30.49 24.77
C GLN J 182 3.61 -30.91 24.70
N LEU J 183 4.51 -29.94 24.77
CA LEU J 183 5.95 -30.16 24.73
C LEU J 183 6.55 -28.99 25.49
N ILE J 184 7.70 -29.18 26.12
CA ILE J 184 8.32 -28.05 26.80
C ILE J 184 9.84 -28.17 26.70
N VAL J 185 10.48 -27.07 26.35
CA VAL J 185 11.92 -26.94 26.27
C VAL J 185 12.39 -26.36 27.63
N LEU J 186 13.39 -26.99 28.22
CA LEU J 186 14.02 -26.53 29.47
C LEU J 186 15.44 -26.11 29.11
N GLU J 187 15.72 -24.82 29.29
CA GLU J 187 17.02 -24.25 28.89
C GLU J 187 17.82 -23.74 30.10
N ALA J 188 19.13 -23.99 30.09
CA ALA J 188 20.06 -23.61 31.16
C ALA J 188 19.46 -23.79 32.57
N VAL J 189 19.21 -25.04 32.93
CA VAL J 189 18.65 -25.43 34.21
C VAL J 189 19.53 -26.51 34.84
N PRO J 190 19.82 -26.41 36.13
CA PRO J 190 20.67 -27.46 36.69
C PRO J 190 20.02 -28.84 36.62
N THR J 191 20.81 -29.86 36.28
CA THR J 191 20.31 -31.25 36.17
C THR J 191 19.24 -31.70 37.19
N LEU J 192 19.41 -31.33 38.46
CA LEU J 192 18.47 -31.81 39.52
C LEU J 192 17.07 -31.26 39.41
N VAL J 193 17.02 -29.94 39.29
CA VAL J 193 15.81 -29.17 39.00
C VAL J 193 15.08 -29.70 37.72
N ALA J 194 15.84 -29.83 36.63
CA ALA J 194 15.29 -30.31 35.35
C ALA J 194 14.73 -31.73 35.54
N ALA J 195 15.39 -32.53 36.40
CA ALA J 195 14.93 -33.86 36.75
C ALA J 195 13.59 -33.79 37.48
N GLU J 196 13.46 -32.88 38.45
CA GLU J 196 12.21 -32.69 39.17
C GLU J 196 11.11 -32.16 38.27
N VAL J 197 11.45 -31.18 37.43
CA VAL J 197 10.44 -30.67 36.48
C VAL J 197 9.91 -31.83 35.64
N THR J 198 10.83 -32.58 35.03
CA THR J 198 10.46 -33.70 34.15
C THR J 198 9.53 -34.68 34.87
N ARG J 199 9.84 -34.99 36.13
CA ARG J 199 9.10 -35.99 36.88
C ARG J 199 7.70 -35.50 37.21
N GLU J 200 7.54 -34.22 37.56
CA GLU J 200 6.22 -33.65 37.91
C GLU J 200 5.28 -33.33 36.74
N LEU J 201 5.83 -33.15 35.54
CA LEU J 201 5.01 -32.87 34.37
C LEU J 201 4.58 -34.20 33.76
N SER J 202 3.44 -34.17 33.13
CA SER J 202 2.97 -35.26 32.30
C SER J 202 3.57 -35.21 30.86
N ILE J 203 3.82 -34.01 30.33
CA ILE J 203 4.28 -33.85 28.94
C ILE J 203 5.77 -34.04 28.80
N PRO J 204 6.25 -34.33 27.57
CA PRO J 204 7.69 -34.51 27.44
C PRO J 204 8.46 -33.21 27.55
N THR J 205 9.64 -33.30 28.17
CA THR J 205 10.52 -32.17 28.35
C THR J 205 11.68 -32.35 27.44
N ILE J 206 12.16 -31.25 26.85
CA ILE J 206 13.30 -31.25 25.93
C ILE J 206 14.43 -30.34 26.49
N GLY J 207 15.57 -30.95 26.83
CA GLY J 207 16.65 -30.19 27.43
C GLY J 207 17.66 -29.63 26.49
N ILE J 208 18.10 -28.40 26.80
CA ILE J 208 19.34 -27.82 26.26
C ILE J 208 20.06 -27.15 27.44
N GLY J 209 21.23 -27.67 27.75
CA GLY J 209 21.96 -27.32 28.97
C GLY J 209 21.14 -27.55 30.21
N ALA J 210 20.28 -28.55 30.17
CA ALA J 210 19.45 -28.88 31.32
C ALA J 210 19.72 -30.28 31.80
N GLY J 211 20.74 -30.95 31.24
CA GLY J 211 21.10 -32.30 31.70
C GLY J 211 20.25 -33.43 31.11
N ALA J 212 20.44 -34.63 31.66
CA ALA J 212 20.11 -35.89 31.02
C ALA J 212 18.75 -36.40 31.39
N GLU J 213 18.23 -35.97 32.53
CA GLU J 213 16.88 -36.40 32.96
C GLU J 213 15.75 -35.62 32.31
N CYS J 214 15.78 -35.50 31.00
CA CYS J 214 14.68 -34.90 30.24
C CYS J 214 14.18 -35.95 29.25
N SER J 215 12.93 -35.82 28.81
CA SER J 215 12.37 -36.72 27.84
C SER J 215 13.08 -36.65 26.50
N GLY J 216 13.91 -35.63 26.30
CA GLY J 216 14.66 -35.50 25.06
C GLY J 216 15.61 -34.32 25.11
N GLN J 217 16.25 -34.02 23.98
CA GLN J 217 17.29 -33.03 23.91
C GLN J 217 17.14 -32.18 22.63
N VAL J 218 17.54 -30.91 22.72
CA VAL J 218 17.76 -30.09 21.56
C VAL J 218 19.16 -29.46 21.57
N LEU J 219 19.75 -29.36 20.40
CA LEU J 219 20.89 -28.48 20.13
C LEU J 219 20.68 -27.70 18.83
N VAL J 220 21.47 -26.65 18.69
CA VAL J 220 21.51 -25.89 17.50
C VAL J 220 22.43 -26.59 16.50
N LEU J 221 21.92 -26.78 15.27
CA LEU J 221 22.54 -27.62 14.27
C LEU J 221 24.00 -27.21 14.07
N HIS J 222 24.22 -25.92 13.84
CA HIS J 222 25.53 -25.42 13.50
C HIS J 222 26.55 -25.64 14.61
N ASP J 223 26.14 -25.52 15.86
CA ASP J 223 26.99 -25.84 16.99
C ASP J 223 27.37 -27.29 17.01
N MET J 224 26.41 -28.21 16.85
CA MET J 224 26.76 -29.63 16.98
C MET J 224 27.48 -30.14 15.74
N LEU J 225 27.48 -29.36 14.66
CA LEU J 225 28.33 -29.66 13.50
C LEU J 225 29.70 -29.00 13.62
N GLY J 226 29.92 -28.26 14.69
CA GLY J 226 31.23 -27.67 14.96
C GLY J 226 31.59 -26.57 14.00
N VAL J 227 30.60 -25.89 13.43
CA VAL J 227 30.87 -24.86 12.46
C VAL J 227 31.52 -23.62 13.10
N PHE J 228 31.51 -23.51 14.44
CA PHE J 228 32.07 -22.30 15.09
C PHE J 228 33.43 -22.52 15.77
N PRO J 229 34.36 -21.57 15.56
CA PRO J 229 35.77 -21.73 15.93
C PRO J 229 36.01 -21.42 17.42
N GLY J 230 37.16 -21.88 17.94
CA GLY J 230 37.56 -21.65 19.33
C GLY J 230 36.53 -22.25 20.27
N LYS J 231 36.54 -21.86 21.55
CA LYS J 231 35.67 -22.45 22.58
C LYS J 231 34.17 -22.48 22.21
N ARG J 232 33.56 -23.63 22.45
CA ARG J 232 32.17 -23.88 22.14
C ARG J 232 31.34 -23.68 23.41
N PRO J 233 30.01 -23.62 23.28
CA PRO J 233 29.21 -23.51 24.50
C PRO J 233 29.27 -24.80 25.32
N ARG J 234 29.36 -24.64 26.62
CA ARG J 234 29.56 -25.74 27.54
C ARG J 234 28.59 -26.89 27.30
N PHE J 235 27.34 -26.49 27.04
CA PHE J 235 26.17 -27.35 26.84
C PHE J 235 26.22 -28.21 25.55
N VAL J 236 27.16 -27.87 24.66
CA VAL J 236 27.20 -28.40 23.31
C VAL J 236 28.31 -29.44 23.16
N LYS J 237 28.04 -30.49 22.41
CA LYS J 237 29.10 -31.38 21.91
C LYS J 237 29.25 -31.19 20.41
N ASP J 238 30.49 -31.24 19.92
CA ASP J 238 30.76 -31.28 18.50
C ASP J 238 30.68 -32.75 18.09
N PHE J 239 29.58 -33.13 17.44
CA PHE J 239 29.33 -34.49 16.93
C PHE J 239 29.96 -34.76 15.56
N MET J 240 30.50 -33.74 14.93
CA MET J 240 31.23 -33.92 13.69
C MET J 240 32.62 -34.48 13.92
N GLN J 241 33.18 -34.30 15.14
CA GLN J 241 34.55 -34.81 15.44
C GLN J 241 34.57 -36.33 15.42
N GLY J 242 35.43 -36.91 14.58
CA GLY J 242 35.56 -38.36 14.48
C GLY J 242 34.71 -39.09 13.44
N GLN J 243 33.92 -38.33 12.67
CA GLN J 243 32.94 -38.91 11.78
C GLN J 243 33.33 -38.68 10.34
N PRO J 244 32.99 -39.61 9.44
CA PRO J 244 33.38 -39.51 8.03
C PRO J 244 32.47 -38.63 7.17
N SER J 245 31.34 -38.18 7.72
CA SER J 245 30.39 -37.41 6.93
C SER J 245 29.50 -36.57 7.82
N ILE J 246 28.80 -35.60 7.23
CA ILE J 246 27.84 -34.82 8.04
C ILE J 246 26.65 -35.71 8.48
N PHE J 247 26.21 -36.59 7.58
CA PHE J 247 25.16 -37.53 7.95
C PHE J 247 25.54 -38.32 9.19
N ALA J 248 26.81 -38.79 9.24
CA ALA J 248 27.27 -39.62 10.39
C ALA J 248 27.26 -38.80 11.66
N ALA J 249 27.56 -37.51 11.55
CA ALA J 249 27.45 -36.65 12.75
C ALA J 249 26.06 -36.61 13.32
N VAL J 250 25.06 -36.38 12.47
CA VAL J 250 23.68 -36.23 12.97
C VAL J 250 23.15 -37.58 13.45
N GLU J 251 23.50 -38.61 12.70
CA GLU J 251 23.13 -39.99 13.08
C GLU J 251 23.73 -40.25 14.46
N ALA J 252 25.00 -39.82 14.66
CA ALA J 252 25.64 -40.04 15.99
C ALA J 252 24.89 -39.26 17.11
N TYR J 253 24.44 -38.05 16.79
CA TYR J 253 23.73 -37.27 17.81
C TYR J 253 22.43 -37.95 18.20
N VAL J 254 21.67 -38.36 17.18
CA VAL J 254 20.41 -39.01 17.43
C VAL J 254 20.66 -40.28 18.26
N ARG J 255 21.65 -41.05 17.89
CA ARG J 255 21.97 -42.25 18.68
C ARG J 255 22.39 -41.90 20.12
N ALA J 256 23.14 -40.82 20.31
CA ALA J 256 23.69 -40.54 21.65
C ALA J 256 22.61 -40.04 22.63
N VAL J 257 21.62 -39.29 22.13
CA VAL J 257 20.43 -38.92 22.90
C VAL J 257 19.57 -40.13 23.32
N LYS J 258 19.33 -41.04 22.39
CA LYS J 258 18.42 -42.17 22.63
C LYS J 258 19.08 -43.22 23.48
N ASP J 259 20.41 -43.37 23.43
CA ASP J 259 21.08 -44.30 24.40
C ASP J 259 21.46 -43.66 25.73
N GLY J 260 21.12 -42.38 25.92
CA GLY J 260 21.32 -41.72 27.18
C GLY J 260 22.74 -41.28 27.42
N SER J 261 23.52 -41.10 26.41
CA SER J 261 24.88 -40.70 26.67
C SER J 261 25.38 -39.41 26.03
N PHE J 262 24.58 -38.67 25.26
CA PHE J 262 24.32 -37.27 25.48
C PHE J 262 23.00 -36.73 26.09
N PRO J 263 23.12 -35.68 26.94
CA PRO J 263 24.28 -34.90 27.31
C PRO J 263 25.12 -35.62 28.37
N GLY J 264 26.42 -35.44 28.39
CA GLY J 264 27.27 -36.02 29.44
C GLY J 264 27.35 -35.08 30.62
N PRO J 265 27.99 -35.52 31.73
CA PRO J 265 28.14 -34.59 32.86
C PRO J 265 28.91 -33.31 32.47
N GLU J 266 29.88 -33.41 31.56
CA GLU J 266 30.62 -32.22 31.09
C GLU J 266 29.75 -31.17 30.40
N HIS J 267 28.57 -31.57 29.91
CA HIS J 267 27.66 -30.66 29.19
C HIS J 267 26.52 -30.16 30.09
N SER J 268 26.60 -30.47 31.39
CA SER J 268 25.53 -30.19 32.37
C SER J 268 26.08 -29.54 33.66
N PHE J 269 25.22 -29.11 34.57
CA PHE J 269 25.67 -28.34 35.75
C PHE J 269 24.61 -28.33 36.87
C TRS K . 12.56 -12.82 3.16
C1 TRS K . 11.03 -12.89 2.99
C2 TRS K . 13.32 -13.70 2.15
C3 TRS K . 12.97 -13.34 4.53
N TRS K . 12.98 -11.42 3.10
O1 TRS K . 10.53 -14.14 2.50
O2 TRS K . 13.01 -13.39 0.80
O3 TRS K . 12.23 -12.68 5.52
C TRS L . -6.34 -15.62 -6.26
C1 TRS L . -6.64 -15.97 -7.74
C2 TRS L . -4.90 -15.12 -6.06
C3 TRS L . -6.72 -16.88 -5.48
N TRS L . -7.20 -14.49 -5.80
O1 TRS L . -6.38 -14.92 -8.67
O2 TRS L . -3.86 -16.09 -5.85
O3 TRS L . -6.87 -16.58 -4.09
C TRS M . -16.62 3.22 -7.29
C1 TRS M . -16.90 3.95 -8.58
C2 TRS M . -15.64 2.09 -7.52
C3 TRS M . -17.96 2.70 -6.76
N TRS M . -16.02 4.24 -6.44
O1 TRS M . -15.69 4.42 -9.09
O2 TRS M . -16.13 1.16 -8.46
O3 TRS M . -17.93 1.85 -5.62
C TRS N . -3.58 17.64 1.55
C1 TRS N . -2.77 18.80 0.94
C2 TRS N . -4.60 18.28 2.47
C3 TRS N . -2.66 16.68 2.28
N TRS N . -4.31 16.85 0.53
O1 TRS N . -1.75 18.35 0.06
O2 TRS N . -5.31 17.31 3.21
O3 TRS N . -1.84 17.38 3.21
C TRS O . 14.38 8.01 8.40
C1 TRS O . 14.29 8.69 9.76
C2 TRS O . 15.77 8.29 7.84
C3 TRS O . 13.28 8.52 7.46
N TRS O . 14.18 6.55 8.53
O1 TRS O . 13.03 8.51 10.40
O2 TRS O . 15.86 7.75 6.53
O3 TRS O . 13.10 9.94 7.53
#